data_5VTX
#
_entry.id   5VTX
#
_cell.length_a   208.587
_cell.length_b   131.060
_cell.length_c   72.252
_cell.angle_alpha   90.00
_cell.angle_beta   97.98
_cell.angle_gamma   90.00
#
_symmetry.space_group_name_H-M   'C 1 2 1'
#
loop_
_entity.id
_entity.type
_entity.pdbx_description
1 polymer 'Hemagglutinin HA1 chain'
2 polymer 'Hemagglutinin HA2 chain'
3 branched beta-D-mannopyranose-(1-4)-2-acetamido-2-deoxy-beta-D-glucopyranose-(1-4)-2-acetamido-2-deoxy-beta-D-glucopyranose
4 branched 2-acetamido-2-deoxy-beta-D-glucopyranose-(1-4)-2-acetamido-2-deoxy-beta-D-glucopyranose
5 branched alpha-D-mannopyranose-(1-3)-beta-D-mannopyranose-(1-4)-2-acetamido-2-deoxy-beta-D-glucopyranose-(1-4)-2-acetamido-2-deoxy-beta-D-glucopyranose
6 non-polymer 2-acetamido-2-deoxy-beta-D-glucopyranose
7 water water
#
loop_
_entity_poly.entity_id
_entity_poly.type
_entity_poly.pdbx_seq_one_letter_code
_entity_poly.pdbx_strand_id
1 'polypeptide(L)'
;ADPGATLCLGHHAVPNGTLVKTITDDQIEVTNATELVQSSSTGKICNNPHRILDGIDCTLIDALLGDPHCDVFQNETWDL
FVERSKAFSNCYPYDVPDYASLRSLVASSGTLEFITEGFTWTGVTQNGGSNACKRGPGSGFFSRLNWLTKSGSTYPVLNV
TMPNNDNFDKLYIWGVHHPSTNQEQTSLYVQASGRVTVSTRRSQQTIIPNIGSRPWVRMTSARISIYWTIVKPGDVLVIN
SNGNLIAPRGYFKMRTGKSSIMRSDAPIDTCISECITPNGSIPNDKPFQNVNKITYGACPKYVKQNTLKLATGMRNVPEK
QTR
;
A,C,E
2 'polypeptide(L)'
;GLFGAIAGFIENGWEGMIDGWYGFRHQNSEGTGQAADLKSTQAAIDQINGKLNRVIEKTNEKFHQIEKEFSEVEGRIQDL
EKYVEDTKIDLWSYNAELLVALENQHTIDLTDSEMNKLFEKTGRQLRENAEDMGNGCFKIYHKCDNACIESIRNGTYDHD
VYRDEALNNRFQIK
;
B,D,F
#
# COMPACT_ATOMS: atom_id res chain seq x y z
N PRO A 3 64.30 24.34 9.53
CA PRO A 3 63.92 24.32 8.11
C PRO A 3 63.20 23.02 7.72
N GLY A 4 61.94 22.91 8.14
CA GLY A 4 61.13 21.70 7.94
C GLY A 4 60.30 21.67 6.67
N ALA A 5 59.10 21.05 6.76
CA ALA A 5 58.19 20.91 5.63
C ALA A 5 56.75 20.67 6.12
N THR A 6 55.79 21.26 5.42
CA THR A 6 54.37 21.06 5.71
C THR A 6 53.77 20.10 4.69
N LEU A 7 52.98 19.15 5.16
CA LEU A 7 52.22 18.22 4.28
C LEU A 7 50.76 18.30 4.66
N CYS A 8 49.95 18.82 3.73
CA CYS A 8 48.53 19.08 3.97
C CYS A 8 47.63 18.10 3.23
N LEU A 9 46.73 17.47 3.99
CA LEU A 9 45.68 16.64 3.43
C LEU A 9 44.47 17.48 3.08
N GLY A 10 43.77 17.04 2.03
CA GLY A 10 42.60 17.75 1.57
C GLY A 10 41.77 16.99 0.56
N HIS A 11 40.70 17.67 0.15
CA HIS A 11 39.73 17.13 -0.78
C HIS A 11 39.40 18.18 -1.82
N HIS A 12 38.80 17.74 -2.92
CA HIS A 12 38.43 18.64 -3.99
C HIS A 12 37.16 19.43 -3.69
N ALA A 13 36.97 20.47 -4.49
CA ALA A 13 35.73 21.21 -4.51
C ALA A 13 35.50 21.62 -5.94
N VAL A 14 34.29 22.10 -6.21
CA VAL A 14 33.93 22.54 -7.55
C VAL A 14 33.36 23.94 -7.44
N PRO A 15 33.40 24.71 -8.55
CA PRO A 15 32.79 26.03 -8.56
C PRO A 15 31.27 25.97 -8.44
N ASN A 16 30.65 25.01 -9.14
CA ASN A 16 29.19 24.91 -9.25
C ASN A 16 28.65 23.60 -8.65
N GLY A 17 28.42 23.57 -7.34
CA GLY A 17 27.84 22.39 -6.69
C GLY A 17 26.33 22.28 -6.91
N THR A 18 25.72 21.23 -6.35
CA THR A 18 24.29 20.97 -6.43
C THR A 18 23.68 20.81 -5.05
N LEU A 19 22.44 21.23 -4.86
CA LEU A 19 21.72 21.04 -3.59
C LEU A 19 21.04 19.68 -3.54
N VAL A 20 21.14 19.04 -2.37
CA VAL A 20 20.46 17.78 -2.11
C VAL A 20 19.86 17.80 -0.70
N LYS A 21 18.95 16.87 -0.48
CA LYS A 21 18.28 16.69 0.80
C LYS A 21 18.94 15.53 1.53
N THR A 22 19.01 15.65 2.85
CA THR A 22 19.58 14.62 3.71
C THR A 22 18.62 14.40 4.88
N ILE A 23 19.02 13.57 5.85
CA ILE A 23 18.23 13.39 7.07
C ILE A 23 18.13 14.70 7.87
N THR A 24 19.24 15.42 7.98
CA THR A 24 19.32 16.62 8.80
C THR A 24 19.07 17.93 8.07
N ASP A 25 19.30 18.00 6.76
CA ASP A 25 19.18 19.26 6.03
C ASP A 25 18.27 19.11 4.84
N ASP A 26 17.30 20.02 4.68
CA ASP A 26 16.49 20.01 3.44
C ASP A 26 17.26 20.50 2.19
N GLN A 27 18.32 21.29 2.38
CA GLN A 27 19.19 21.71 1.28
C GLN A 27 20.62 21.75 1.77
N ILE A 28 21.50 20.95 1.17
CA ILE A 28 22.92 21.04 1.43
C ILE A 28 23.71 20.80 0.15
N GLU A 29 24.84 21.47 -0.01
CA GLU A 29 25.53 21.49 -1.29
C GLU A 29 26.55 20.36 -1.38
N VAL A 30 26.52 19.64 -2.49
CA VAL A 30 27.48 18.56 -2.79
C VAL A 30 28.09 18.77 -4.18
N THR A 31 29.20 18.09 -4.45
CA THR A 31 29.96 18.31 -5.69
C THR A 31 29.22 17.89 -6.94
N ASN A 32 28.36 16.88 -6.82
CA ASN A 32 27.54 16.46 -7.95
C ASN A 32 26.35 15.66 -7.44
N ALA A 33 25.32 15.54 -8.26
CA ALA A 33 24.18 14.67 -7.97
C ALA A 33 23.53 14.21 -9.27
N THR A 34 22.59 13.29 -9.14
CA THR A 34 21.97 12.67 -10.30
C THR A 34 20.45 12.56 -10.04
N GLU A 35 19.67 12.86 -11.07
CA GLU A 35 18.23 12.91 -11.00
C GLU A 35 17.63 11.53 -10.98
N LEU A 36 16.76 11.26 -10.00
CA LEU A 36 16.09 9.97 -9.90
C LEU A 36 14.63 9.96 -10.39
N VAL A 37 14.10 11.13 -10.78
CA VAL A 37 12.72 11.22 -11.28
C VAL A 37 12.70 11.58 -12.75
N GLN A 38 12.13 10.70 -13.57
CA GLN A 38 11.90 10.98 -14.98
C GLN A 38 10.69 11.93 -15.09
N SER A 39 10.91 13.17 -15.53
CA SER A 39 9.82 14.16 -15.55
C SER A 39 9.35 14.56 -16.95
N SER A 40 9.98 14.04 -17.99
CA SER A 40 9.66 14.41 -19.36
C SER A 40 9.43 13.18 -20.22
N SER A 41 8.78 13.41 -21.35
CA SER A 41 8.46 12.38 -22.34
C SER A 41 8.74 12.92 -23.72
N THR A 42 8.91 12.02 -24.68
CA THR A 42 9.02 12.44 -26.10
C THR A 42 7.75 13.07 -26.66
N GLY A 43 6.60 12.73 -26.09
CA GLY A 43 5.31 13.08 -26.67
C GLY A 43 4.78 12.02 -27.63
N LYS A 44 5.54 10.94 -27.80
CA LYS A 44 5.28 9.93 -28.81
C LYS A 44 5.34 8.54 -28.21
N ILE A 45 4.39 7.68 -28.61
CA ILE A 45 4.39 6.29 -28.22
C ILE A 45 5.27 5.52 -29.20
N CYS A 46 6.30 4.90 -28.68
CA CYS A 46 7.19 4.10 -29.48
C CYS A 46 6.53 2.80 -29.91
N ASN A 47 6.70 2.44 -31.19
CA ASN A 47 6.07 1.26 -31.78
C ASN A 47 6.79 -0.07 -31.55
N ASN A 48 8.01 -0.02 -30.95
CA ASN A 48 8.73 -1.21 -30.50
C ASN A 48 9.14 -1.03 -29.01
N PRO A 49 9.34 -2.13 -28.26
CA PRO A 49 9.18 -3.52 -28.68
C PRO A 49 7.77 -4.11 -28.49
N HIS A 50 6.83 -3.35 -27.92
CA HIS A 50 5.47 -3.83 -27.72
C HIS A 50 4.65 -3.63 -28.97
N ARG A 51 3.78 -4.59 -29.26
CA ARG A 51 2.81 -4.46 -30.36
C ARG A 51 1.70 -3.44 -30.00
N ILE A 52 1.81 -2.24 -30.55
CA ILE A 52 0.86 -1.16 -30.35
C ILE A 52 -0.15 -1.19 -31.47
N LEU A 53 -1.42 -1.15 -31.11
CA LEU A 53 -2.48 -1.14 -32.08
C LEU A 53 -3.25 0.12 -31.84
N ASP A 54 -3.21 1.01 -32.82
CA ASP A 54 -3.85 2.30 -32.79
C ASP A 54 -5.31 2.05 -33.15
N GLY A 55 -6.22 2.44 -32.26
CA GLY A 55 -7.65 2.32 -32.51
C GLY A 55 -8.19 3.26 -33.56
N ILE A 56 -7.49 4.36 -33.83
CA ILE A 56 -7.94 5.38 -34.78
C ILE A 56 -9.34 5.86 -34.37
N ASP A 57 -10.37 5.57 -35.14
CA ASP A 57 -11.73 6.04 -34.86
C ASP A 57 -12.53 5.03 -34.04
N CYS A 58 -11.89 3.99 -33.52
CA CYS A 58 -12.60 2.86 -32.93
C CYS A 58 -12.26 2.65 -31.46
N THR A 59 -13.31 2.36 -30.67
CA THR A 59 -13.12 1.83 -29.33
C THR A 59 -12.91 0.36 -29.51
N LEU A 60 -12.27 -0.25 -28.52
CA LEU A 60 -12.13 -1.69 -28.48
C LEU A 60 -13.47 -2.40 -28.62
N ILE A 61 -14.51 -1.90 -27.95
CA ILE A 61 -15.83 -2.56 -27.97
C ILE A 61 -16.48 -2.50 -29.37
N ASP A 62 -16.38 -1.37 -30.05
CA ASP A 62 -16.88 -1.29 -31.43
C ASP A 62 -16.12 -2.22 -32.38
N ALA A 63 -14.81 -2.37 -32.17
CA ALA A 63 -14.03 -3.33 -32.94
C ALA A 63 -14.43 -4.76 -32.63
N LEU A 64 -14.69 -5.04 -31.35
CA LEU A 64 -15.20 -6.34 -30.90
C LEU A 64 -16.52 -6.69 -31.61
N LEU A 65 -17.50 -5.82 -31.46
CA LEU A 65 -18.83 -6.04 -32.02
C LEU A 65 -18.82 -6.07 -33.55
N GLY A 66 -17.95 -5.26 -34.14
CA GLY A 66 -17.81 -5.20 -35.59
C GLY A 66 -18.66 -4.11 -36.21
N ASP A 67 -18.58 -2.92 -35.65
CA ASP A 67 -19.06 -1.68 -36.28
C ASP A 67 -18.34 -1.58 -37.64
N PRO A 68 -19.06 -1.32 -38.75
CA PRO A 68 -18.46 -1.28 -40.09
C PRO A 68 -17.17 -0.48 -40.26
N HIS A 69 -17.08 0.73 -39.69
CA HIS A 69 -15.83 1.50 -39.80
C HIS A 69 -14.68 0.90 -38.98
N CYS A 70 -14.99 -0.10 -38.13
CA CYS A 70 -13.99 -0.89 -37.39
C CYS A 70 -13.65 -2.27 -37.98
N ASP A 71 -14.13 -2.58 -39.17
CA ASP A 71 -13.86 -3.92 -39.76
C ASP A 71 -12.40 -4.22 -40.07
N VAL A 72 -11.60 -3.17 -40.25
CA VAL A 72 -10.15 -3.36 -40.39
C VAL A 72 -9.49 -3.98 -39.14
N PHE A 73 -10.14 -3.93 -37.99
CA PHE A 73 -9.62 -4.55 -36.75
C PHE A 73 -9.97 -6.03 -36.58
N GLN A 74 -10.76 -6.60 -37.48
CA GLN A 74 -11.07 -8.02 -37.43
C GLN A 74 -9.84 -8.89 -37.24
N ASN A 75 -9.91 -9.79 -36.27
CA ASN A 75 -8.83 -10.73 -35.94
C ASN A 75 -7.52 -10.08 -35.50
N GLU A 76 -7.54 -8.81 -35.09
CA GLU A 76 -6.30 -8.13 -34.70
C GLU A 76 -5.82 -8.60 -33.35
N THR A 77 -4.55 -8.36 -33.09
CA THR A 77 -3.97 -8.62 -31.78
C THR A 77 -3.13 -7.43 -31.36
N TRP A 78 -2.83 -7.37 -30.07
CA TRP A 78 -2.11 -6.26 -29.50
C TRP A 78 -1.46 -6.65 -28.21
N ASP A 79 -0.40 -5.94 -27.86
CA ASP A 79 0.05 -5.87 -26.48
C ASP A 79 -0.62 -4.68 -25.82
N LEU A 80 -0.70 -3.55 -26.51
CA LEU A 80 -1.39 -2.38 -26.02
C LEU A 80 -2.30 -1.80 -27.08
N PHE A 81 -3.59 -1.81 -26.81
CA PHE A 81 -4.59 -1.16 -27.66
C PHE A 81 -4.71 0.29 -27.21
N VAL A 82 -4.59 1.23 -28.15
CA VAL A 82 -4.62 2.64 -27.82
C VAL A 82 -5.94 3.25 -28.29
N GLU A 83 -6.82 3.60 -27.37
CA GLU A 83 -8.08 4.27 -27.71
C GLU A 83 -7.86 5.76 -27.79
N ARG A 84 -8.37 6.38 -28.85
CA ARG A 84 -8.24 7.83 -29.08
C ARG A 84 -9.52 8.57 -28.70
N SER A 85 -9.38 9.83 -28.31
CA SER A 85 -10.53 10.63 -27.89
C SER A 85 -11.48 10.99 -29.05
N LYS A 86 -10.96 10.98 -30.27
CA LYS A 86 -11.80 11.16 -31.46
C LYS A 86 -12.65 9.94 -31.84
N ALA A 87 -12.53 8.81 -31.14
CA ALA A 87 -13.27 7.59 -31.50
C ALA A 87 -14.77 7.84 -31.39
N PHE A 88 -15.52 7.27 -32.34
CA PHE A 88 -16.96 7.40 -32.39
C PHE A 88 -17.59 6.07 -32.81
N SER A 89 -18.85 5.90 -32.42
CA SER A 89 -19.66 4.77 -32.85
C SER A 89 -20.49 5.16 -34.05
N ASN A 90 -20.77 4.19 -34.93
CA ASN A 90 -21.56 4.47 -36.12
C ASN A 90 -22.39 3.28 -36.60
N CYS A 91 -22.90 2.50 -35.65
CA CYS A 91 -23.75 1.37 -35.95
C CYS A 91 -25.03 1.53 -35.13
N TYR A 92 -25.73 0.44 -34.87
CA TYR A 92 -26.95 0.47 -34.07
C TYR A 92 -26.59 0.94 -32.68
N PRO A 93 -27.41 1.82 -32.09
CA PRO A 93 -27.08 2.27 -30.74
C PRO A 93 -27.28 1.14 -29.73
N TYR A 94 -26.33 1.05 -28.82
CA TYR A 94 -26.27 -0.04 -27.87
C TYR A 94 -25.76 0.46 -26.53
N ASP A 95 -25.98 -0.30 -25.48
CA ASP A 95 -25.27 -0.14 -24.22
C ASP A 95 -24.75 -1.48 -23.79
N VAL A 96 -23.73 -1.46 -22.95
CA VAL A 96 -23.19 -2.66 -22.34
C VAL A 96 -23.28 -2.50 -20.84
N PRO A 97 -24.23 -3.20 -20.20
CA PRO A 97 -24.16 -3.29 -18.73
C PRO A 97 -22.80 -3.91 -18.34
N ASP A 98 -22.09 -3.23 -17.47
CA ASP A 98 -20.72 -3.60 -17.16
C ASP A 98 -19.80 -3.49 -18.39
N TYR A 99 -19.92 -2.37 -19.11
CA TYR A 99 -19.02 -1.96 -20.18
C TYR A 99 -17.57 -2.10 -19.74
N ALA A 100 -17.26 -1.52 -18.58
CA ALA A 100 -15.89 -1.51 -18.08
C ALA A 100 -15.27 -2.90 -17.98
N SER A 101 -16.05 -3.89 -17.53
CA SER A 101 -15.56 -5.26 -17.37
C SER A 101 -15.31 -5.95 -18.71
N LEU A 102 -16.23 -5.78 -19.67
CA LEU A 102 -16.04 -6.39 -20.99
C LEU A 102 -14.80 -5.80 -21.68
N ARG A 103 -14.71 -4.47 -21.65
CA ARG A 103 -13.54 -3.79 -22.19
C ARG A 103 -12.25 -4.31 -21.56
N SER A 104 -12.28 -4.48 -20.24
CA SER A 104 -11.14 -4.94 -19.51
C SER A 104 -10.75 -6.38 -19.86
N LEU A 105 -11.71 -7.29 -19.94
CA LEU A 105 -11.34 -8.66 -20.20
C LEU A 105 -10.93 -8.89 -21.67
N VAL A 106 -11.53 -8.16 -22.61
CA VAL A 106 -11.07 -8.25 -23.98
C VAL A 106 -9.67 -7.65 -24.11
N ALA A 107 -9.46 -6.48 -23.55
CA ALA A 107 -8.15 -5.79 -23.61
C ALA A 107 -7.04 -6.68 -23.11
N SER A 108 -7.34 -7.38 -22.03
CA SER A 108 -6.42 -8.27 -21.34
C SER A 108 -6.13 -9.57 -22.13
N SER A 109 -7.16 -10.07 -22.80
CA SER A 109 -7.04 -11.23 -23.69
C SER A 109 -6.13 -10.94 -24.89
N GLY A 110 -6.12 -9.70 -25.38
CA GLY A 110 -5.11 -9.26 -26.35
C GLY A 110 -5.38 -9.64 -27.79
N THR A 111 -6.59 -10.11 -28.08
CA THR A 111 -6.96 -10.61 -29.40
C THR A 111 -8.46 -10.47 -29.67
N LEU A 112 -8.81 -10.26 -30.94
CA LEU A 112 -10.18 -10.28 -31.43
C LEU A 112 -10.40 -11.46 -32.38
N GLU A 113 -9.56 -12.49 -32.30
CA GLU A 113 -9.71 -13.70 -33.13
C GLU A 113 -11.11 -14.27 -32.97
N PHE A 114 -11.86 -14.32 -34.06
CA PHE A 114 -13.23 -14.78 -34.06
C PHE A 114 -13.33 -16.08 -34.87
N ILE A 115 -14.05 -17.05 -34.34
CA ILE A 115 -14.23 -18.33 -34.99
C ILE A 115 -15.73 -18.46 -35.16
N THR A 116 -16.19 -18.49 -36.41
CA THR A 116 -17.60 -18.62 -36.75
C THR A 116 -18.06 -20.03 -36.43
N GLU A 117 -19.28 -20.16 -35.93
CA GLU A 117 -19.88 -21.45 -35.57
C GLU A 117 -21.22 -21.58 -36.23
N GLY A 118 -21.57 -22.80 -36.62
CA GLY A 118 -22.81 -23.06 -37.34
C GLY A 118 -24.01 -23.18 -36.41
N PHE A 119 -24.50 -22.05 -35.93
CA PHE A 119 -25.75 -22.01 -35.18
C PHE A 119 -26.89 -22.22 -36.16
N THR A 120 -27.88 -23.02 -35.74
CA THR A 120 -29.05 -23.30 -36.55
C THR A 120 -30.25 -22.59 -35.94
N TRP A 121 -30.69 -21.53 -36.60
CA TRP A 121 -31.83 -20.74 -36.12
C TRP A 121 -33.06 -21.10 -36.95
N THR A 122 -33.72 -22.18 -36.55
CA THR A 122 -34.84 -22.72 -37.33
C THR A 122 -36.09 -21.85 -37.18
N GLY A 123 -36.61 -21.38 -38.31
CA GLY A 123 -37.87 -20.66 -38.37
C GLY A 123 -37.80 -19.15 -38.16
N VAL A 124 -36.60 -18.56 -38.29
CA VAL A 124 -36.46 -17.10 -38.24
C VAL A 124 -35.64 -16.61 -39.41
N THR A 125 -35.73 -15.32 -39.68
CA THR A 125 -34.92 -14.66 -40.69
C THR A 125 -33.63 -14.22 -40.01
N GLN A 126 -32.50 -14.48 -40.66
CA GLN A 126 -31.20 -14.05 -40.15
C GLN A 126 -30.74 -12.78 -40.85
N ASN A 127 -29.60 -12.26 -40.39
CA ASN A 127 -28.89 -11.16 -41.05
C ASN A 127 -29.70 -9.89 -41.19
N GLY A 128 -30.51 -9.59 -40.18
CA GLY A 128 -31.24 -8.33 -40.15
C GLY A 128 -30.29 -7.16 -40.07
N GLY A 129 -30.74 -6.02 -40.60
CA GLY A 129 -29.94 -4.80 -40.63
C GLY A 129 -30.78 -3.54 -40.46
N SER A 130 -30.10 -2.40 -40.52
CA SER A 130 -30.73 -1.14 -40.20
C SER A 130 -29.97 -0.01 -40.84
N ASN A 131 -30.67 1.07 -41.14
CA ASN A 131 -30.04 2.27 -41.69
C ASN A 131 -29.19 3.00 -40.66
N ALA A 132 -29.34 2.65 -39.38
CA ALA A 132 -28.44 3.11 -38.32
C ALA A 132 -27.00 2.63 -38.50
N CYS A 133 -26.83 1.52 -39.23
CA CYS A 133 -25.55 0.86 -39.36
C CYS A 133 -25.25 0.52 -40.83
N LYS A 134 -25.00 1.57 -41.63
CA LYS A 134 -24.71 1.43 -43.05
C LYS A 134 -23.43 0.65 -43.30
N ARG A 135 -23.52 -0.26 -44.26
CA ARG A 135 -22.41 -1.08 -44.72
C ARG A 135 -22.45 -1.04 -46.25
N GLY A 136 -21.50 -0.31 -46.84
CA GLY A 136 -21.59 0.10 -48.22
C GLY A 136 -22.82 1.01 -48.40
N PRO A 137 -23.51 0.86 -49.54
CA PRO A 137 -24.64 1.77 -49.82
C PRO A 137 -25.91 1.49 -48.99
N GLY A 138 -26.11 0.23 -48.52
CA GLY A 138 -27.37 -0.17 -47.90
C GLY A 138 -27.26 -0.53 -46.43
N SER A 139 -28.39 -0.93 -45.84
CA SER A 139 -28.44 -1.20 -44.42
C SER A 139 -27.57 -2.39 -44.02
N GLY A 140 -27.14 -2.39 -42.75
CA GLY A 140 -26.28 -3.42 -42.21
C GLY A 140 -26.37 -3.51 -40.69
N PHE A 141 -25.37 -4.14 -40.10
CA PHE A 141 -25.37 -4.47 -38.70
C PHE A 141 -23.96 -4.85 -38.27
N PHE A 142 -23.75 -5.01 -36.97
CA PHE A 142 -22.48 -5.49 -36.41
C PHE A 142 -22.06 -6.79 -37.07
N SER A 143 -20.82 -6.90 -37.53
CA SER A 143 -20.39 -8.12 -38.26
C SER A 143 -20.42 -9.40 -37.43
N ARG A 144 -20.21 -9.29 -36.12
CA ARG A 144 -20.17 -10.46 -35.21
C ARG A 144 -21.49 -10.81 -34.55
N LEU A 145 -22.55 -10.09 -34.88
CA LEU A 145 -23.87 -10.33 -34.33
C LEU A 145 -24.87 -10.56 -35.46
N ASN A 146 -25.94 -11.30 -35.14
CA ASN A 146 -26.89 -11.80 -36.13
C ASN A 146 -28.28 -11.44 -35.66
N TRP A 147 -28.89 -10.44 -36.31
CA TRP A 147 -30.18 -9.95 -35.88
C TRP A 147 -31.27 -10.87 -36.42
N LEU A 148 -31.89 -11.64 -35.53
CA LEU A 148 -32.93 -12.59 -35.92
C LEU A 148 -34.29 -11.92 -35.80
N THR A 149 -35.13 -12.09 -36.83
CA THR A 149 -36.49 -11.55 -36.84
C THR A 149 -37.41 -12.64 -37.38
N LYS A 150 -38.71 -12.38 -37.37
CA LYS A 150 -39.70 -13.37 -37.78
C LYS A 150 -39.50 -13.84 -39.21
N SER A 151 -39.99 -15.05 -39.48
CA SER A 151 -40.04 -15.63 -40.80
C SER A 151 -41.50 -15.92 -41.10
N GLY A 152 -41.97 -15.46 -42.25
CA GLY A 152 -43.39 -15.39 -42.53
C GLY A 152 -44.04 -14.51 -41.47
N SER A 153 -44.84 -15.13 -40.61
CA SER A 153 -45.50 -14.43 -39.51
C SER A 153 -45.39 -15.21 -38.20
N THR A 154 -44.23 -15.83 -37.97
CA THR A 154 -43.96 -16.61 -36.76
C THR A 154 -42.52 -16.40 -36.32
N TYR A 155 -42.32 -16.39 -35.00
CA TYR A 155 -41.00 -16.45 -34.39
C TYR A 155 -41.13 -17.58 -33.38
N PRO A 156 -40.64 -18.78 -33.75
CA PRO A 156 -40.78 -19.92 -32.84
C PRO A 156 -39.81 -19.81 -31.69
N VAL A 157 -40.00 -20.64 -30.66
CA VAL A 157 -39.07 -20.68 -29.55
C VAL A 157 -37.74 -21.20 -30.08
N LEU A 158 -36.70 -20.38 -30.01
CA LEU A 158 -35.38 -20.79 -30.46
C LEU A 158 -34.71 -21.49 -29.29
N ASN A 159 -34.19 -22.67 -29.57
CA ASN A 159 -33.48 -23.46 -28.57
C ASN A 159 -32.30 -24.11 -29.28
N VAL A 160 -31.10 -23.57 -29.03
CA VAL A 160 -29.90 -24.12 -29.67
C VAL A 160 -28.78 -24.34 -28.69
N THR A 161 -27.86 -25.22 -29.10
CA THR A 161 -26.76 -25.65 -28.27
C THR A 161 -25.44 -25.57 -29.02
N MET A 162 -24.40 -25.17 -28.29
CA MET A 162 -23.04 -25.17 -28.82
C MET A 162 -22.06 -25.65 -27.76
N PRO A 163 -21.63 -26.93 -27.86
CA PRO A 163 -20.69 -27.42 -26.90
C PRO A 163 -19.27 -26.93 -27.19
N ASN A 164 -18.48 -26.77 -26.13
CA ASN A 164 -17.08 -26.48 -26.23
C ASN A 164 -16.32 -27.80 -26.07
N ASN A 165 -15.94 -28.40 -27.19
CA ASN A 165 -15.10 -29.58 -27.20
C ASN A 165 -13.64 -29.22 -27.40
N ASP A 166 -13.33 -27.92 -27.41
CA ASP A 166 -11.96 -27.47 -27.50
C ASP A 166 -11.34 -27.43 -26.09
N ASN A 167 -10.06 -27.10 -26.01
CA ASN A 167 -9.34 -27.02 -24.74
C ASN A 167 -8.99 -25.57 -24.33
N PHE A 168 -9.74 -24.60 -24.84
CA PHE A 168 -9.59 -23.18 -24.49
C PHE A 168 -10.96 -22.58 -24.16
N ASP A 169 -10.96 -21.44 -23.47
CA ASP A 169 -12.20 -20.73 -23.16
C ASP A 169 -12.71 -20.00 -24.39
N LYS A 170 -14.03 -20.06 -24.56
CA LYS A 170 -14.70 -19.37 -25.63
C LYS A 170 -15.44 -18.19 -25.04
N LEU A 171 -15.32 -17.02 -25.65
CA LEU A 171 -16.11 -15.84 -25.27
C LEU A 171 -17.20 -15.59 -26.29
N TYR A 172 -18.45 -15.67 -25.87
CA TYR A 172 -19.58 -15.37 -26.75
C TYR A 172 -20.15 -14.01 -26.39
N ILE A 173 -20.34 -13.19 -27.41
CA ILE A 173 -20.96 -11.90 -27.30
C ILE A 173 -22.32 -12.00 -27.93
N TRP A 174 -23.33 -11.55 -27.22
CA TRP A 174 -24.70 -11.61 -27.70
C TRP A 174 -25.46 -10.42 -27.16
N GLY A 175 -26.71 -10.28 -27.58
CA GLY A 175 -27.46 -9.10 -27.24
C GLY A 175 -28.94 -9.33 -27.15
N VAL A 176 -29.62 -8.26 -26.73
CA VAL A 176 -31.05 -8.23 -26.62
C VAL A 176 -31.54 -6.90 -27.19
N HIS A 177 -32.53 -6.97 -28.07
CA HIS A 177 -33.08 -5.78 -28.69
C HIS A 177 -34.23 -5.21 -27.85
N HIS A 178 -34.18 -3.91 -27.61
CA HIS A 178 -35.21 -3.20 -26.88
C HIS A 178 -35.90 -2.27 -27.87
N PRO A 179 -37.04 -2.70 -28.46
CA PRO A 179 -37.73 -1.81 -29.39
C PRO A 179 -38.29 -0.58 -28.72
N SER A 180 -38.59 0.44 -29.52
CA SER A 180 -39.15 1.69 -29.00
C SER A 180 -40.66 1.66 -28.79
N THR A 181 -41.38 0.83 -29.55
CA THR A 181 -42.84 0.73 -29.44
C THR A 181 -43.29 -0.72 -29.54
N ASN A 182 -44.54 -0.97 -29.11
CA ASN A 182 -45.14 -2.30 -29.23
C ASN A 182 -45.33 -2.71 -30.68
N GLN A 183 -45.59 -1.71 -31.52
CA GLN A 183 -45.74 -1.94 -32.96
C GLN A 183 -44.43 -2.49 -33.56
N GLU A 184 -43.30 -1.98 -33.09
CA GLU A 184 -41.98 -2.47 -33.53
C GLU A 184 -41.72 -3.89 -33.00
N GLN A 185 -42.01 -4.11 -31.72
CA GLN A 185 -41.85 -5.42 -31.08
C GLN A 185 -42.58 -6.53 -31.82
N THR A 186 -43.89 -6.35 -32.02
CA THR A 186 -44.73 -7.40 -32.60
C THR A 186 -44.47 -7.52 -34.10
N SER A 187 -44.15 -6.41 -34.74
CA SER A 187 -43.74 -6.42 -36.13
C SER A 187 -42.48 -7.27 -36.34
N LEU A 188 -41.49 -7.10 -35.46
CA LEU A 188 -40.21 -7.81 -35.58
C LEU A 188 -40.23 -9.23 -35.05
N TYR A 189 -40.90 -9.46 -33.92
CA TYR A 189 -40.82 -10.74 -33.19
C TYR A 189 -42.14 -11.47 -32.93
N VAL A 190 -43.26 -10.96 -33.45
CA VAL A 190 -44.61 -11.49 -33.22
C VAL A 190 -45.05 -11.37 -31.76
N GLN A 191 -44.41 -12.11 -30.85
CA GLN A 191 -44.76 -12.09 -29.43
C GLN A 191 -44.67 -10.69 -28.85
N ALA A 192 -45.59 -10.36 -27.96
CA ALA A 192 -45.70 -9.02 -27.37
C ALA A 192 -44.56 -8.71 -26.40
N SER A 193 -43.96 -9.77 -25.85
CA SER A 193 -42.84 -9.63 -24.94
C SER A 193 -41.85 -10.76 -25.21
N GLY A 194 -40.66 -10.41 -25.68
CA GLY A 194 -39.62 -11.40 -25.90
C GLY A 194 -38.93 -11.80 -24.62
N ARG A 195 -37.93 -12.65 -24.77
CA ARG A 195 -37.13 -13.13 -23.63
C ARG A 195 -35.89 -13.84 -24.20
N VAL A 196 -34.75 -13.63 -23.58
CA VAL A 196 -33.51 -14.28 -23.96
C VAL A 196 -32.89 -14.90 -22.71
N THR A 197 -32.61 -16.21 -22.80
CA THR A 197 -31.95 -16.96 -21.71
C THR A 197 -30.69 -17.60 -22.30
N VAL A 198 -29.52 -17.25 -21.75
CA VAL A 198 -28.25 -17.81 -22.20
C VAL A 198 -27.58 -18.47 -21.00
N SER A 199 -27.29 -19.77 -21.12
CA SER A 199 -26.83 -20.53 -19.97
C SER A 199 -25.74 -21.50 -20.31
N THR A 200 -24.91 -21.77 -19.31
CA THR A 200 -23.96 -22.88 -19.29
C THR A 200 -24.41 -23.83 -18.19
N ARG A 201 -23.65 -24.89 -17.93
CA ARG A 201 -23.96 -25.80 -16.82
C ARG A 201 -24.02 -25.12 -15.46
N ARG A 202 -23.14 -24.15 -15.24
CA ARG A 202 -22.94 -23.53 -13.93
C ARG A 202 -23.62 -22.18 -13.73
N SER A 203 -23.89 -21.47 -14.82
CA SER A 203 -24.43 -20.12 -14.73
C SER A 203 -25.53 -19.88 -15.76
N GLN A 204 -26.26 -18.79 -15.56
CA GLN A 204 -27.31 -18.37 -16.51
C GLN A 204 -27.59 -16.89 -16.39
N GLN A 205 -27.97 -16.30 -17.53
CA GLN A 205 -28.39 -14.91 -17.60
C GLN A 205 -29.74 -14.95 -18.29
N THR A 206 -30.75 -14.30 -17.71
CA THR A 206 -32.01 -14.07 -18.44
C THR A 206 -32.36 -12.60 -18.45
N ILE A 207 -32.62 -12.09 -19.65
CA ILE A 207 -32.91 -10.70 -19.88
C ILE A 207 -34.30 -10.62 -20.48
N ILE A 208 -35.18 -9.84 -19.85
CA ILE A 208 -36.49 -9.49 -20.43
C ILE A 208 -36.27 -8.14 -21.12
N PRO A 209 -36.61 -8.04 -22.42
CA PRO A 209 -36.55 -6.75 -23.10
C PRO A 209 -37.58 -5.78 -22.58
N ASN A 210 -37.29 -4.49 -22.80
CA ASN A 210 -38.05 -3.39 -22.23
C ASN A 210 -38.40 -2.43 -23.36
N ILE A 211 -39.68 -2.34 -23.68
CA ILE A 211 -40.14 -1.54 -24.79
C ILE A 211 -40.26 -0.10 -24.30
N GLY A 212 -39.84 0.85 -25.12
CA GLY A 212 -39.95 2.28 -24.78
C GLY A 212 -38.94 3.12 -25.52
N SER A 213 -39.19 4.41 -25.62
CA SER A 213 -38.28 5.32 -26.32
C SER A 213 -37.08 5.66 -25.46
N ARG A 214 -35.94 5.63 -26.12
CA ARG A 214 -34.69 6.22 -25.66
C ARG A 214 -34.43 7.43 -26.56
N PRO A 215 -33.34 8.19 -26.31
CA PRO A 215 -33.06 9.28 -27.21
C PRO A 215 -32.68 8.79 -28.57
N TRP A 216 -33.05 9.55 -29.58
CA TRP A 216 -32.81 9.22 -30.97
C TRP A 216 -31.30 9.28 -31.20
N VAL A 217 -30.74 8.18 -31.69
CA VAL A 217 -29.35 8.12 -32.12
C VAL A 217 -29.36 7.42 -33.47
N ARG A 218 -28.80 8.08 -34.48
CA ARG A 218 -28.65 7.52 -35.82
C ARG A 218 -29.91 6.78 -36.28
N MET A 219 -31.02 7.52 -36.33
CA MET A 219 -32.30 7.04 -36.92
C MET A 219 -33.20 6.19 -36.01
N THR A 220 -32.79 5.92 -34.76
CA THR A 220 -33.60 5.03 -33.92
C THR A 220 -33.60 5.40 -32.43
N SER A 221 -34.79 5.26 -31.84
CA SER A 221 -35.00 5.32 -30.40
C SER A 221 -34.86 3.96 -29.74
N ALA A 222 -34.66 2.89 -30.50
CA ALA A 222 -34.46 1.57 -29.92
C ALA A 222 -33.00 1.40 -29.52
N ARG A 223 -32.74 0.35 -28.74
CA ARG A 223 -31.41 0.01 -28.29
C ARG A 223 -31.15 -1.50 -28.34
N ILE A 224 -29.89 -1.85 -28.38
CA ILE A 224 -29.43 -3.19 -28.11
C ILE A 224 -28.65 -3.18 -26.82
N SER A 225 -28.84 -4.18 -25.97
CA SER A 225 -27.99 -4.36 -24.79
C SER A 225 -27.07 -5.54 -25.04
N ILE A 226 -25.77 -5.35 -24.80
CA ILE A 226 -24.76 -6.35 -25.07
C ILE A 226 -24.40 -7.10 -23.79
N TYR A 227 -24.44 -8.44 -23.87
CA TYR A 227 -24.02 -9.33 -22.80
C TYR A 227 -22.96 -10.29 -23.30
N TRP A 228 -22.24 -10.92 -22.36
CA TRP A 228 -21.24 -11.90 -22.70
C TRP A 228 -21.30 -13.12 -21.80
N THR A 229 -20.81 -14.24 -22.33
CA THR A 229 -20.78 -15.51 -21.62
C THR A 229 -19.51 -16.21 -22.01
N ILE A 230 -18.74 -16.68 -21.01
CA ILE A 230 -17.57 -17.48 -21.25
C ILE A 230 -17.95 -18.93 -21.05
N VAL A 231 -17.55 -19.78 -21.99
CA VAL A 231 -17.81 -21.20 -21.95
C VAL A 231 -16.48 -21.93 -21.80
N LYS A 232 -16.35 -22.70 -20.73
CA LYS A 232 -15.11 -23.38 -20.44
C LYS A 232 -15.01 -24.71 -21.19
N PRO A 233 -13.78 -25.26 -21.32
CA PRO A 233 -13.63 -26.58 -21.91
C PRO A 233 -14.48 -27.59 -21.16
N GLY A 234 -15.27 -28.36 -21.90
CA GLY A 234 -16.18 -29.34 -21.32
C GLY A 234 -17.59 -28.85 -21.10
N ASP A 235 -17.78 -27.53 -21.09
CA ASP A 235 -19.08 -26.93 -20.80
C ASP A 235 -19.88 -26.82 -22.10
N VAL A 236 -21.09 -26.28 -22.01
CA VAL A 236 -21.96 -26.16 -23.16
C VAL A 236 -22.75 -24.86 -23.06
N LEU A 237 -22.94 -24.18 -24.19
CA LEU A 237 -23.75 -22.97 -24.26
C LEU A 237 -25.12 -23.38 -24.71
N VAL A 238 -26.15 -22.82 -24.08
CA VAL A 238 -27.52 -22.99 -24.55
C VAL A 238 -28.13 -21.61 -24.65
N ILE A 239 -28.75 -21.35 -25.79
CA ILE A 239 -29.43 -20.09 -26.02
C ILE A 239 -30.88 -20.43 -26.27
N ASN A 240 -31.77 -19.77 -25.53
CA ASN A 240 -33.21 -20.00 -25.58
C ASN A 240 -33.90 -18.66 -25.65
N SER A 241 -34.82 -18.51 -26.59
CA SER A 241 -35.46 -17.20 -26.81
C SER A 241 -36.74 -17.30 -27.61
N ASN A 242 -37.75 -16.55 -27.20
CA ASN A 242 -39.00 -16.40 -27.97
C ASN A 242 -39.11 -14.99 -28.59
N GLY A 243 -37.97 -14.30 -28.75
CA GLY A 243 -37.96 -12.97 -29.34
C GLY A 243 -36.85 -12.12 -28.79
N ASN A 244 -36.41 -11.16 -29.62
CA ASN A 244 -35.50 -10.09 -29.24
C ASN A 244 -34.03 -10.51 -29.12
N LEU A 245 -33.69 -11.71 -29.57
CA LEU A 245 -32.32 -12.18 -29.50
C LEU A 245 -31.50 -11.55 -30.62
N ILE A 246 -30.36 -11.00 -30.25
CA ILE A 246 -29.30 -10.61 -31.17
C ILE A 246 -28.24 -11.70 -30.99
N ALA A 247 -28.22 -12.66 -31.90
CA ALA A 247 -27.47 -13.90 -31.70
C ALA A 247 -25.99 -13.74 -31.97
N PRO A 248 -25.15 -14.54 -31.30
CA PRO A 248 -23.75 -14.57 -31.68
C PRO A 248 -23.60 -15.34 -32.99
N ARG A 249 -22.56 -15.01 -33.77
CA ARG A 249 -22.21 -15.77 -34.96
C ARG A 249 -21.11 -16.78 -34.69
N GLY A 250 -20.57 -16.75 -33.48
CA GLY A 250 -19.42 -17.56 -33.11
C GLY A 250 -18.80 -17.03 -31.84
N TYR A 251 -17.52 -17.31 -31.64
CA TYR A 251 -16.88 -17.00 -30.38
C TYR A 251 -15.55 -16.36 -30.59
N PHE A 252 -15.12 -15.62 -29.57
CA PHE A 252 -13.78 -15.07 -29.52
C PHE A 252 -12.88 -16.01 -28.74
N LYS A 253 -11.70 -16.25 -29.27
CA LYS A 253 -10.70 -17.05 -28.61
C LYS A 253 -10.09 -16.24 -27.49
N MET A 254 -10.19 -16.72 -26.27
CA MET A 254 -9.60 -16.05 -25.11
C MET A 254 -8.16 -16.49 -24.86
N ARG A 255 -7.33 -15.55 -24.45
CA ARG A 255 -5.95 -15.84 -24.05
C ARG A 255 -5.66 -15.11 -22.77
N THR A 256 -4.56 -15.44 -22.12
CA THR A 256 -4.00 -14.61 -21.06
C THR A 256 -2.63 -14.21 -21.53
N GLY A 257 -2.17 -13.06 -21.06
CA GLY A 257 -0.84 -12.58 -21.39
C GLY A 257 -0.60 -11.20 -20.84
N LYS A 258 0.28 -10.47 -21.51
CA LYS A 258 0.69 -9.15 -21.12
C LYS A 258 -0.18 -8.02 -21.72
N SER A 259 -1.33 -8.33 -22.31
CA SER A 259 -2.04 -7.32 -23.09
C SER A 259 -2.84 -6.38 -22.22
N SER A 260 -3.04 -5.16 -22.72
CA SER A 260 -3.84 -4.16 -22.03
C SER A 260 -4.36 -3.11 -23.01
N ILE A 261 -4.84 -2.00 -22.47
CA ILE A 261 -5.45 -0.94 -23.23
C ILE A 261 -5.15 0.38 -22.55
N MET A 262 -5.05 1.45 -23.33
CA MET A 262 -4.71 2.77 -22.80
C MET A 262 -5.41 3.86 -23.59
N ARG A 263 -5.84 4.89 -22.88
CA ARG A 263 -6.42 6.08 -23.50
C ARG A 263 -5.31 7.10 -23.71
N SER A 264 -5.15 7.58 -24.94
CA SER A 264 -4.05 8.46 -25.31
C SER A 264 -4.27 9.08 -26.66
N ASP A 265 -3.80 10.31 -26.81
CA ASP A 265 -3.74 10.95 -28.12
C ASP A 265 -2.30 11.16 -28.61
N ALA A 266 -1.32 10.53 -27.96
CA ALA A 266 0.06 10.66 -28.42
C ALA A 266 0.21 9.94 -29.78
N PRO A 267 0.92 10.56 -30.74
CA PRO A 267 1.17 9.81 -31.98
C PRO A 267 2.15 8.64 -31.80
N ILE A 268 1.97 7.60 -32.61
CA ILE A 268 2.83 6.43 -32.59
C ILE A 268 3.99 6.69 -33.55
N ASP A 269 5.22 6.43 -33.09
CA ASP A 269 6.45 6.75 -33.84
C ASP A 269 7.37 5.54 -33.90
N THR A 270 8.33 5.54 -34.84
CA THR A 270 9.36 4.50 -34.96
C THR A 270 10.52 4.80 -34.01
N CYS A 271 10.50 4.15 -32.85
CA CYS A 271 11.57 4.20 -31.84
C CYS A 271 11.38 2.97 -30.92
N ILE A 272 12.28 2.80 -29.95
CA ILE A 272 12.26 1.67 -29.03
C ILE A 272 12.13 2.19 -27.61
N SER A 273 11.10 1.76 -26.90
CA SER A 273 10.92 2.13 -25.50
C SER A 273 10.07 1.12 -24.77
N GLU A 274 10.59 0.64 -23.65
CA GLU A 274 9.93 -0.35 -22.82
C GLU A 274 8.70 0.20 -22.09
N CYS A 275 8.73 1.48 -21.72
CA CYS A 275 7.69 2.11 -20.91
C CYS A 275 6.83 3.06 -21.72
N ILE A 276 5.53 2.88 -21.63
CA ILE A 276 4.58 3.71 -22.35
C ILE A 276 3.65 4.39 -21.34
N THR A 277 3.42 5.69 -21.54
CA THR A 277 2.42 6.42 -20.81
C THR A 277 1.50 7.08 -21.82
N PRO A 278 0.35 7.58 -21.36
CA PRO A 278 -0.51 8.35 -22.25
C PRO A 278 0.14 9.60 -22.85
N ASN A 279 1.12 10.17 -22.15
CA ASN A 279 1.87 11.33 -22.63
C ASN A 279 2.87 10.96 -23.69
N GLY A 280 3.13 9.66 -23.84
CA GLY A 280 4.10 9.13 -24.77
C GLY A 280 5.02 8.21 -24.00
N SER A 281 6.05 7.71 -24.68
CA SER A 281 7.01 6.83 -24.07
C SER A 281 7.93 7.62 -23.19
N ILE A 282 8.44 6.97 -22.15
CA ILE A 282 9.49 7.55 -21.32
C ILE A 282 10.63 6.56 -21.14
N PRO A 283 11.86 7.06 -20.94
CA PRO A 283 12.94 6.15 -20.59
C PRO A 283 12.76 5.60 -19.17
N ASN A 284 13.36 4.44 -18.93
CA ASN A 284 13.25 3.79 -17.63
C ASN A 284 14.60 3.57 -16.94
N ASP A 285 15.59 4.39 -17.24
CA ASP A 285 16.87 4.30 -16.52
C ASP A 285 16.75 4.81 -15.08
N LYS A 286 15.81 5.70 -14.81
CA LYS A 286 15.59 6.21 -13.45
C LYS A 286 14.53 5.39 -12.70
N PRO A 287 14.64 5.28 -11.36
CA PRO A 287 13.71 4.43 -10.63
C PRO A 287 12.32 5.01 -10.42
N PHE A 288 12.18 6.33 -10.50
CA PHE A 288 10.92 7.01 -10.28
C PHE A 288 10.51 7.87 -11.47
N GLN A 289 9.24 8.23 -11.55
CA GLN A 289 8.77 9.12 -12.61
C GLN A 289 7.58 9.91 -12.17
N ASN A 290 7.40 11.05 -12.80
CA ASN A 290 6.39 12.04 -12.44
C ASN A 290 5.53 12.40 -13.65
N VAL A 291 5.57 11.56 -14.69
CA VAL A 291 4.92 11.88 -15.94
C VAL A 291 3.45 11.52 -15.84
N ASN A 292 3.16 10.26 -15.55
CA ASN A 292 1.78 9.82 -15.45
C ASN A 292 1.66 8.56 -14.63
N LYS A 293 0.63 8.53 -13.80
CA LYS A 293 0.38 7.36 -12.97
C LYS A 293 -0.12 6.17 -13.79
N ILE A 294 -0.64 6.44 -14.98
CA ILE A 294 -0.98 5.41 -15.94
C ILE A 294 0.27 5.05 -16.74
N THR A 295 0.62 3.78 -16.73
CA THR A 295 1.80 3.28 -17.43
C THR A 295 1.59 1.85 -17.92
N TYR A 296 2.39 1.46 -18.90
CA TYR A 296 2.43 0.09 -19.40
C TYR A 296 3.87 -0.26 -19.75
N GLY A 297 4.32 -1.43 -19.31
CA GLY A 297 5.67 -1.95 -19.58
C GLY A 297 6.59 -1.86 -18.38
N ALA A 298 7.89 -1.89 -18.62
CA ALA A 298 8.89 -1.76 -17.56
C ALA A 298 9.08 -0.28 -17.27
N CYS A 299 8.41 0.19 -16.23
CA CYS A 299 8.33 1.60 -15.96
C CYS A 299 8.91 1.96 -14.63
N PRO A 300 9.41 3.20 -14.50
CA PRO A 300 9.70 3.72 -13.16
C PRO A 300 8.40 3.85 -12.40
N LYS A 301 8.50 3.81 -11.08
CA LYS A 301 7.34 3.99 -10.23
C LYS A 301 6.91 5.46 -10.15
N TYR A 302 5.61 5.69 -10.22
CA TYR A 302 5.08 7.03 -10.21
C TYR A 302 5.20 7.63 -8.81
N VAL A 303 5.69 8.85 -8.74
CA VAL A 303 5.80 9.57 -7.48
C VAL A 303 5.33 10.99 -7.66
N LYS A 304 5.06 11.65 -6.53
CA LYS A 304 4.55 13.02 -6.58
C LYS A 304 5.62 14.06 -6.81
N GLN A 305 6.86 13.75 -6.48
CA GLN A 305 7.94 14.72 -6.61
C GLN A 305 8.28 14.90 -8.07
N ASN A 306 8.57 16.12 -8.49
CA ASN A 306 9.05 16.34 -9.87
C ASN A 306 10.58 16.20 -9.96
N THR A 307 11.27 16.32 -8.83
CA THR A 307 12.72 16.11 -8.77
C THR A 307 13.15 15.45 -7.45
N LEU A 308 14.12 14.54 -7.54
CA LEU A 308 14.79 13.99 -6.38
C LEU A 308 16.23 13.72 -6.73
N LYS A 309 17.13 14.35 -6.00
CA LYS A 309 18.54 14.35 -6.34
C LYS A 309 19.32 13.44 -5.41
N LEU A 310 19.98 12.45 -6.01
CA LEU A 310 20.87 11.55 -5.29
C LEU A 310 22.29 12.09 -5.40
N ALA A 311 22.89 12.37 -4.26
CA ALA A 311 24.25 12.87 -4.19
C ALA A 311 25.19 11.81 -4.74
N THR A 312 26.05 12.22 -5.67
CA THR A 312 27.06 11.35 -6.27
C THR A 312 28.46 11.92 -6.02
N GLY A 313 28.58 12.66 -4.92
CA GLY A 313 29.82 13.30 -4.58
C GLY A 313 29.83 13.78 -3.16
N MET A 314 31.00 14.19 -2.69
CA MET A 314 31.13 14.72 -1.36
C MET A 314 30.47 16.08 -1.19
N ARG A 315 30.40 16.48 0.06
CA ARG A 315 30.05 17.83 0.47
C ARG A 315 30.95 18.87 -0.23
N ASN A 316 30.37 19.91 -0.80
CA ASN A 316 31.13 20.93 -1.53
C ASN A 316 31.36 22.14 -0.67
N VAL A 317 32.61 22.38 -0.30
CA VAL A 317 33.04 23.45 0.58
C VAL A 317 34.04 24.27 -0.21
N PRO A 318 33.61 25.42 -0.77
CA PRO A 318 34.56 26.28 -1.49
C PRO A 318 35.42 27.19 -0.59
N GLU A 319 36.49 27.72 -1.16
CA GLU A 319 37.32 28.75 -0.53
C GLU A 319 36.45 29.91 0.01
N LYS A 320 36.75 30.41 1.20
CA LYS A 320 35.99 31.52 1.79
C LYS A 320 36.12 32.76 0.90
N GLN A 321 35.03 33.45 0.64
CA GLN A 321 35.04 34.56 -0.32
C GLN A 321 35.52 35.82 0.36
N THR A 322 36.36 36.58 -0.35
CA THR A 322 36.86 37.88 0.10
C THR A 322 35.91 39.04 -0.33
N ARG A 323 34.88 38.72 -1.13
CA ARG A 323 33.95 39.70 -1.70
C ARG A 323 32.56 39.09 -1.82
N GLY B 1 29.90 16.21 8.39
CA GLY B 1 29.67 14.75 8.61
C GLY B 1 30.12 14.22 9.96
N LEU B 2 29.96 12.92 10.12
CA LEU B 2 30.26 12.25 11.38
C LEU B 2 31.72 12.24 11.81
N PHE B 3 32.66 12.40 10.88
CA PHE B 3 34.09 12.33 11.21
C PHE B 3 34.77 13.68 11.40
N GLY B 4 34.06 14.75 11.05
CA GLY B 4 34.51 16.10 11.35
C GLY B 4 35.72 16.55 10.55
N ALA B 5 35.95 15.94 9.39
CA ALA B 5 37.09 16.32 8.55
C ALA B 5 36.60 17.27 7.47
N ILE B 6 35.73 16.79 6.59
CA ILE B 6 35.19 17.63 5.52
C ILE B 6 34.20 18.59 6.13
N ALA B 7 34.37 19.89 5.85
CA ALA B 7 33.59 20.96 6.49
C ALA B 7 33.73 20.95 8.02
N GLY B 8 34.90 20.53 8.50
CA GLY B 8 35.19 20.39 9.92
C GLY B 8 36.57 20.97 10.15
N PHE B 9 37.54 20.13 10.57
CA PHE B 9 38.90 20.62 10.81
C PHE B 9 39.66 21.02 9.53
N ILE B 10 39.25 20.45 8.39
CA ILE B 10 39.72 20.91 7.08
C ILE B 10 38.80 22.04 6.63
N GLU B 11 39.34 23.26 6.60
CA GLU B 11 38.57 24.51 6.41
C GLU B 11 37.72 24.47 5.15
N ASN B 12 38.31 24.01 4.06
CA ASN B 12 37.61 23.94 2.80
C ASN B 12 38.32 23.05 1.78
N GLY B 13 37.63 22.81 0.66
CA GLY B 13 38.17 22.02 -0.43
C GLY B 13 39.08 22.80 -1.35
N TRP B 14 39.65 22.08 -2.31
CA TRP B 14 40.56 22.63 -3.31
C TRP B 14 39.92 22.53 -4.69
N GLU B 15 39.49 23.68 -5.23
CA GLU B 15 39.00 23.73 -6.61
C GLU B 15 40.07 23.37 -7.63
N GLY B 16 41.33 23.68 -7.29
CA GLY B 16 42.48 23.36 -8.13
C GLY B 16 42.74 21.88 -8.36
N MET B 17 42.31 21.02 -7.43
CA MET B 17 42.49 19.58 -7.57
C MET B 17 41.47 18.98 -8.54
N ILE B 18 41.90 18.76 -9.78
CA ILE B 18 41.02 18.30 -10.86
C ILE B 18 41.20 16.83 -11.24
N ASP B 19 42.19 16.15 -10.66
CA ASP B 19 42.58 14.80 -11.08
C ASP B 19 42.33 13.76 -9.98
N GLY B 20 41.42 14.08 -9.06
CA GLY B 20 41.23 13.28 -7.86
C GLY B 20 40.27 13.95 -6.87
N TRP B 21 39.77 13.17 -5.93
CA TRP B 21 38.85 13.65 -4.90
C TRP B 21 39.55 14.04 -3.63
N TYR B 22 40.60 13.30 -3.28
CA TYR B 22 41.39 13.54 -2.08
C TYR B 22 42.82 13.63 -2.52
N GLY B 23 43.63 14.35 -1.76
CA GLY B 23 45.04 14.45 -2.08
C GLY B 23 45.90 15.27 -1.15
N PHE B 24 47.11 15.56 -1.64
CA PHE B 24 48.17 16.14 -0.84
C PHE B 24 48.63 17.46 -1.44
N ARG B 25 48.88 18.43 -0.55
CA ARG B 25 49.66 19.63 -0.88
C ARG B 25 50.82 19.73 0.08
N HIS B 26 51.98 20.12 -0.44
CA HIS B 26 53.17 20.27 0.40
C HIS B 26 53.89 21.58 0.15
N GLN B 27 54.63 21.99 1.16
CA GLN B 27 55.66 23.00 1.02
C GLN B 27 56.94 22.40 1.61
N ASN B 28 58.02 22.45 0.84
CA ASN B 28 59.35 22.06 1.34
C ASN B 28 60.36 23.08 0.80
N SER B 29 61.65 22.83 1.04
CA SER B 29 62.73 23.70 0.54
C SER B 29 62.75 23.88 -0.99
N GLU B 30 62.26 22.89 -1.74
CA GLU B 30 62.20 22.95 -3.22
C GLU B 30 60.97 23.65 -3.82
N GLY B 31 59.95 23.96 -3.01
CA GLY B 31 58.75 24.69 -3.47
C GLY B 31 57.45 24.05 -3.04
N THR B 32 56.37 24.37 -3.75
CA THR B 32 55.05 23.79 -3.48
C THR B 32 54.63 22.83 -4.59
N GLY B 33 53.61 22.04 -4.30
CA GLY B 33 53.08 21.05 -5.23
C GLY B 33 51.79 20.42 -4.76
N GLN B 34 51.20 19.60 -5.62
CA GLN B 34 49.91 18.97 -5.35
C GLN B 34 49.82 17.65 -6.08
N ALA B 35 49.22 16.65 -5.43
CA ALA B 35 48.98 15.35 -6.07
C ALA B 35 47.74 14.69 -5.48
N ALA B 36 46.90 14.13 -6.35
CA ALA B 36 45.77 13.31 -5.95
C ALA B 36 46.23 12.00 -5.33
N ASP B 37 45.43 11.48 -4.38
CA ASP B 37 45.58 10.10 -3.88
C ASP B 37 44.57 9.23 -4.60
N LEU B 38 45.06 8.34 -5.45
CA LEU B 38 44.19 7.53 -6.29
C LEU B 38 43.36 6.53 -5.49
N LYS B 39 43.92 5.99 -4.40
CA LYS B 39 43.25 4.93 -3.63
C LYS B 39 42.03 5.37 -2.82
N SER B 40 42.16 6.46 -2.08
CA SER B 40 41.04 7.04 -1.32
C SER B 40 39.95 7.53 -2.28
N THR B 41 40.38 8.21 -3.34
CA THR B 41 39.49 8.63 -4.42
C THR B 41 38.67 7.46 -4.96
N GLN B 42 39.34 6.34 -5.23
CA GLN B 42 38.69 5.20 -5.84
C GLN B 42 37.75 4.48 -4.86
N ALA B 43 38.17 4.33 -3.61
CA ALA B 43 37.30 3.77 -2.57
C ALA B 43 35.96 4.54 -2.42
N ALA B 44 36.01 5.87 -2.52
CA ALA B 44 34.80 6.70 -2.48
C ALA B 44 33.95 6.50 -3.72
N ILE B 45 34.59 6.55 -4.89
CA ILE B 45 33.89 6.40 -6.16
C ILE B 45 33.27 5.00 -6.30
N ASP B 46 33.98 3.94 -5.90
CA ASP B 46 33.43 2.57 -5.97
C ASP B 46 32.19 2.40 -5.10
N GLN B 47 32.21 2.97 -3.91
CA GLN B 47 31.04 2.97 -3.02
C GLN B 47 29.87 3.77 -3.56
N ILE B 48 30.14 4.93 -4.14
CA ILE B 48 29.09 5.72 -4.75
C ILE B 48 28.53 5.03 -5.99
N ASN B 49 29.39 4.47 -6.83
CA ASN B 49 28.88 3.72 -7.99
C ASN B 49 28.03 2.53 -7.54
N GLY B 50 28.48 1.88 -6.49
CA GLY B 50 27.79 0.77 -5.90
C GLY B 50 26.37 1.11 -5.51
N LYS B 51 26.18 2.23 -4.81
CA LYS B 51 24.85 2.59 -4.35
C LYS B 51 23.98 3.16 -5.48
N LEU B 52 24.62 3.82 -6.43
CA LEU B 52 23.93 4.29 -7.62
C LEU B 52 23.35 3.12 -8.42
N ASN B 53 24.17 2.10 -8.68
CA ASN B 53 23.72 0.93 -9.45
C ASN B 53 22.63 0.10 -8.75
N ARG B 54 22.66 0.08 -7.41
CA ARG B 54 21.58 -0.56 -6.64
C ARG B 54 20.27 0.19 -6.76
N VAL B 55 20.33 1.51 -6.70
CA VAL B 55 19.14 2.36 -6.79
C VAL B 55 18.51 2.32 -8.18
N ILE B 56 19.32 2.30 -9.23
CA ILE B 56 18.77 2.37 -10.59
C ILE B 56 18.52 1.00 -11.20
N GLU B 57 18.50 -0.05 -10.38
CA GLU B 57 18.30 -1.41 -10.90
C GLU B 57 16.82 -1.69 -11.10
N LYS B 58 16.42 -1.85 -12.36
CA LYS B 58 15.04 -2.08 -12.76
C LYS B 58 14.38 -3.22 -11.99
N THR B 59 13.16 -3.02 -11.49
CA THR B 59 12.48 -4.07 -10.74
C THR B 59 11.02 -4.34 -11.03
N ASN B 60 10.31 -3.42 -11.67
CA ASN B 60 8.92 -3.70 -11.98
C ASN B 60 8.59 -3.50 -13.44
N GLU B 61 7.81 -4.43 -13.91
CA GLU B 61 7.27 -4.45 -15.24
C GLU B 61 5.79 -4.76 -15.06
N LYS B 62 4.93 -3.82 -15.40
CA LYS B 62 3.50 -4.01 -15.17
C LYS B 62 2.74 -3.89 -16.46
N PHE B 63 1.67 -4.68 -16.59
CA PHE B 63 0.91 -4.71 -17.82
C PHE B 63 -0.51 -4.23 -17.58
N HIS B 64 -1.51 -5.12 -17.60
CA HIS B 64 -2.87 -4.70 -17.32
C HIS B 64 -3.02 -4.42 -15.82
N GLN B 65 -3.57 -3.25 -15.50
CA GLN B 65 -3.79 -2.80 -14.13
C GLN B 65 -5.22 -2.30 -14.06
N ILE B 66 -5.55 -1.55 -13.02
CA ILE B 66 -6.83 -0.85 -12.94
C ILE B 66 -6.85 0.45 -13.76
N GLU B 67 -8.04 0.88 -14.12
CA GLU B 67 -8.25 2.22 -14.65
C GLU B 67 -7.98 3.25 -13.55
N LYS B 68 -7.42 4.38 -13.96
CA LYS B 68 -7.01 5.43 -13.06
C LYS B 68 -7.55 6.81 -13.39
N GLU B 69 -8.25 6.94 -14.52
CA GLU B 69 -9.00 8.13 -14.87
C GLU B 69 -10.38 7.70 -15.29
N PHE B 70 -11.36 8.55 -15.02
CA PHE B 70 -12.76 8.19 -15.16
C PHE B 70 -13.52 9.34 -15.75
N SER B 71 -14.38 9.05 -16.70
CA SER B 71 -15.15 10.07 -17.37
C SER B 71 -16.57 10.20 -16.81
N GLU B 72 -17.00 9.23 -16.01
CA GLU B 72 -18.33 9.19 -15.39
C GLU B 72 -18.18 9.19 -13.89
N VAL B 73 -19.15 9.76 -13.20
CA VAL B 73 -19.30 9.57 -11.75
C VAL B 73 -19.98 8.21 -11.55
N GLU B 74 -19.40 7.34 -10.75
CA GLU B 74 -19.98 6.00 -10.49
C GLU B 74 -20.22 5.68 -9.01
N GLY B 75 -19.46 6.30 -8.13
CA GLY B 75 -19.62 6.16 -6.70
C GLY B 75 -18.62 5.21 -6.07
N ARG B 76 -19.13 4.20 -5.37
CA ARG B 76 -18.35 3.39 -4.44
C ARG B 76 -17.13 2.65 -5.04
N ILE B 77 -17.33 1.98 -6.16
CA ILE B 77 -16.25 1.20 -6.80
C ILE B 77 -15.15 2.12 -7.33
N GLN B 78 -15.53 3.25 -7.89
CA GLN B 78 -14.57 4.24 -8.36
C GLN B 78 -13.84 4.93 -7.21
N ASP B 79 -14.54 5.18 -6.10
CA ASP B 79 -13.90 5.73 -4.89
C ASP B 79 -12.81 4.81 -4.40
N LEU B 80 -13.07 3.51 -4.43
CA LEU B 80 -12.10 2.51 -4.03
C LEU B 80 -10.90 2.43 -4.98
N GLU B 81 -11.16 2.41 -6.29
CA GLU B 81 -10.09 2.50 -7.29
C GLU B 81 -9.19 3.71 -7.10
N LYS B 82 -9.77 4.88 -6.91
CA LYS B 82 -8.98 6.10 -6.70
C LYS B 82 -8.18 6.07 -5.42
N TYR B 83 -8.80 5.63 -4.34
CA TYR B 83 -8.16 5.46 -3.03
C TYR B 83 -6.98 4.51 -3.08
N VAL B 84 -7.16 3.39 -3.75
CA VAL B 84 -6.07 2.44 -3.92
C VAL B 84 -4.89 3.12 -4.63
N GLU B 85 -5.14 3.80 -5.74
CA GLU B 85 -4.04 4.42 -6.49
C GLU B 85 -3.36 5.55 -5.70
N ASP B 86 -4.17 6.34 -5.01
CA ASP B 86 -3.64 7.42 -4.20
C ASP B 86 -2.83 6.92 -2.99
N THR B 87 -3.28 5.83 -2.36
CA THR B 87 -2.53 5.18 -1.29
C THR B 87 -1.16 4.72 -1.75
N LYS B 88 -1.16 4.07 -2.91
CA LYS B 88 0.05 3.55 -3.51
C LYS B 88 1.03 4.67 -3.79
N ILE B 89 0.55 5.68 -4.47
CA ILE B 89 1.39 6.81 -4.88
C ILE B 89 2.01 7.51 -3.69
N ASP B 90 1.24 7.68 -2.61
CA ASP B 90 1.80 8.29 -1.40
C ASP B 90 2.85 7.43 -0.74
N LEU B 91 2.62 6.13 -0.68
CA LEU B 91 3.61 5.22 -0.10
C LEU B 91 4.89 5.18 -0.91
N TRP B 92 4.77 5.12 -2.23
CA TRP B 92 5.97 5.19 -3.07
C TRP B 92 6.68 6.53 -3.03
N SER B 93 5.93 7.62 -2.99
CA SER B 93 6.51 8.97 -2.84
C SER B 93 7.30 9.06 -1.54
N TYR B 94 6.72 8.53 -0.46
CA TYR B 94 7.43 8.47 0.82
C TYR B 94 8.71 7.64 0.70
N ASN B 95 8.62 6.47 0.09
CA ASN B 95 9.80 5.64 -0.07
C ASN B 95 10.89 6.35 -0.80
N ALA B 96 10.52 7.06 -1.86
CA ALA B 96 11.47 7.80 -2.67
C ALA B 96 12.17 8.88 -1.84
N GLU B 97 11.37 9.66 -1.12
CA GLU B 97 11.86 10.73 -0.27
C GLU B 97 12.82 10.21 0.80
N LEU B 98 12.43 9.18 1.51
CA LEU B 98 13.29 8.55 2.52
C LEU B 98 14.59 8.02 1.90
N LEU B 99 14.48 7.34 0.76
CA LEU B 99 15.63 6.70 0.13
C LEU B 99 16.74 7.71 -0.11
N VAL B 100 16.41 8.84 -0.75
CA VAL B 100 17.42 9.83 -1.07
C VAL B 100 18.00 10.49 0.17
N ALA B 101 17.16 10.76 1.15
CA ALA B 101 17.64 11.34 2.39
C ALA B 101 18.70 10.44 3.06
N LEU B 102 18.37 9.15 3.19
CA LEU B 102 19.28 8.19 3.79
C LEU B 102 20.55 8.00 2.97
N GLU B 103 20.36 7.82 1.67
CA GLU B 103 21.47 7.69 0.74
C GLU B 103 22.39 8.88 0.81
N ASN B 104 21.84 10.09 0.83
CA ASN B 104 22.66 11.31 0.78
C ASN B 104 23.39 11.58 2.08
N GLN B 105 22.72 11.32 3.20
CA GLN B 105 23.35 11.41 4.51
C GLN B 105 24.55 10.47 4.58
N HIS B 106 24.35 9.25 4.10
CA HIS B 106 25.38 8.26 4.08
C HIS B 106 26.52 8.62 3.11
N THR B 107 26.19 9.17 1.95
CA THR B 107 27.21 9.59 0.98
C THR B 107 28.09 10.68 1.54
N ILE B 108 27.48 11.66 2.20
CA ILE B 108 28.23 12.70 2.86
C ILE B 108 29.15 12.12 3.94
N ASP B 109 28.63 11.17 4.72
CA ASP B 109 29.44 10.53 5.78
C ASP B 109 30.57 9.63 5.28
N LEU B 110 30.35 8.86 4.22
CA LEU B 110 31.40 7.97 3.71
C LEU B 110 32.51 8.75 3.02
N THR B 111 32.19 9.89 2.40
CA THR B 111 33.22 10.72 1.80
C THR B 111 34.01 11.45 2.87
N ASP B 112 33.34 11.87 3.94
CA ASP B 112 33.98 12.43 5.12
C ASP B 112 34.89 11.38 5.76
N SER B 113 34.38 10.15 5.85
CA SER B 113 35.13 9.02 6.37
C SER B 113 36.41 8.76 5.61
N GLU B 114 36.36 8.77 4.29
CA GLU B 114 37.56 8.54 3.48
C GLU B 114 38.61 9.62 3.63
N MET B 115 38.18 10.88 3.81
CA MET B 115 39.11 11.99 4.11
C MET B 115 39.86 11.68 5.39
N ASN B 116 39.10 11.29 6.41
CA ASN B 116 39.64 10.97 7.72
C ASN B 116 40.56 9.74 7.70
N LYS B 117 40.16 8.68 6.98
CA LYS B 117 41.01 7.50 6.79
C LYS B 117 42.39 7.83 6.24
N LEU B 118 42.42 8.73 5.25
CA LEU B 118 43.68 9.12 4.60
C LEU B 118 44.55 9.94 5.53
N PHE B 119 43.90 10.83 6.28
CA PHE B 119 44.57 11.62 7.30
C PHE B 119 45.20 10.76 8.41
N GLU B 120 44.50 9.74 8.88
CA GLU B 120 45.03 8.87 9.94
C GLU B 120 46.11 7.93 9.40
N LYS B 121 45.94 7.46 8.16
CA LYS B 121 46.93 6.62 7.49
C LYS B 121 48.25 7.37 7.33
N THR B 122 48.15 8.63 6.89
CA THR B 122 49.32 9.49 6.71
C THR B 122 50.02 9.76 8.04
N GLY B 123 49.25 10.09 9.08
CA GLY B 123 49.78 10.32 10.42
C GLY B 123 50.51 9.14 11.04
N ARG B 124 49.98 7.94 10.84
CA ARG B 124 50.62 6.71 11.31
C ARG B 124 51.89 6.34 10.56
N GLN B 125 51.93 6.71 9.28
CA GLN B 125 53.08 6.52 8.43
C GLN B 125 54.27 7.36 8.93
N LEU B 126 53.98 8.61 9.29
CA LEU B 126 55.01 9.55 9.76
C LEU B 126 55.51 9.29 11.17
N ARG B 127 54.80 8.49 11.97
CA ARG B 127 55.24 8.14 13.33
C ARG B 127 55.57 9.39 14.14
N GLU B 128 56.81 9.51 14.64
CA GLU B 128 57.20 10.63 15.50
C GLU B 128 57.96 11.71 14.75
N ASN B 129 57.94 11.65 13.41
CA ASN B 129 58.66 12.60 12.58
C ASN B 129 57.79 13.78 12.15
N ALA B 130 56.56 13.87 12.66
CA ALA B 130 55.68 15.00 12.36
C ALA B 130 54.64 15.18 13.44
N GLU B 131 54.03 16.36 13.46
CA GLU B 131 52.97 16.70 14.42
C GLU B 131 51.72 17.20 13.74
N ASP B 132 50.58 16.87 14.33
CA ASP B 132 49.28 17.28 13.83
C ASP B 132 49.04 18.77 14.15
N MET B 133 49.07 19.62 13.12
CA MET B 133 48.77 21.05 13.27
C MET B 133 47.31 21.35 13.65
N GLY B 134 46.41 20.42 13.37
CA GLY B 134 44.99 20.56 13.72
C GLY B 134 44.06 21.03 12.60
N ASN B 135 44.65 21.39 11.46
CA ASN B 135 43.93 21.98 10.32
C ASN B 135 44.03 21.10 9.07
N GLY B 136 44.31 19.81 9.26
CA GLY B 136 44.50 18.89 8.15
C GLY B 136 45.92 18.82 7.63
N CYS B 137 46.85 19.48 8.31
CA CYS B 137 48.26 19.48 7.89
C CYS B 137 49.17 18.88 8.96
N PHE B 138 50.21 18.22 8.48
CA PHE B 138 51.30 17.76 9.32
C PHE B 138 52.48 18.69 9.11
N LYS B 139 53.07 19.17 10.20
CA LYS B 139 54.38 19.80 10.13
C LYS B 139 55.43 18.70 10.27
N ILE B 140 56.20 18.46 9.21
CA ILE B 140 57.27 17.48 9.18
C ILE B 140 58.56 18.14 9.67
N TYR B 141 59.25 17.45 10.58
CA TYR B 141 60.37 18.02 11.31
C TYR B 141 61.75 17.58 10.75
N HIS B 142 61.87 17.49 9.44
CA HIS B 142 63.13 17.20 8.79
C HIS B 142 63.09 17.66 7.35
N LYS B 143 64.26 17.67 6.72
CA LYS B 143 64.36 18.07 5.31
C LYS B 143 63.78 16.96 4.45
N CYS B 144 62.67 17.29 3.79
CA CYS B 144 61.91 16.35 3.01
C CYS B 144 61.84 16.89 1.60
N ASP B 145 62.85 16.52 0.81
CA ASP B 145 62.89 16.79 -0.64
C ASP B 145 61.75 16.10 -1.40
N ASN B 146 61.58 16.46 -2.67
CA ASN B 146 60.47 15.92 -3.48
C ASN B 146 60.43 14.40 -3.54
N ALA B 147 61.60 13.74 -3.48
CA ALA B 147 61.66 12.27 -3.39
C ALA B 147 60.98 11.77 -2.11
N CYS B 148 61.29 12.43 -0.99
CA CYS B 148 60.71 12.10 0.31
C CYS B 148 59.19 12.34 0.36
N ILE B 149 58.71 13.39 -0.30
CA ILE B 149 57.28 13.68 -0.33
C ILE B 149 56.55 12.55 -1.08
N GLU B 150 57.04 12.21 -2.27
CA GLU B 150 56.45 11.13 -3.08
C GLU B 150 56.54 9.76 -2.37
N SER B 151 57.53 9.60 -1.48
CA SER B 151 57.63 8.39 -0.65
C SER B 151 56.47 8.30 0.36
N ILE B 152 56.08 9.46 0.88
CA ILE B 152 54.93 9.55 1.76
C ILE B 152 53.65 9.26 0.99
N ARG B 153 53.51 9.83 -0.19
CA ARG B 153 52.28 9.70 -0.97
C ARG B 153 52.05 8.30 -1.55
N ASN B 154 53.12 7.59 -1.94
CA ASN B 154 52.97 6.23 -2.48
C ASN B 154 53.35 5.10 -1.48
N GLY B 155 53.36 5.42 -0.19
CA GLY B 155 53.47 4.43 0.87
C GLY B 155 54.82 3.74 1.05
N THR B 156 55.93 4.43 0.76
CA THR B 156 57.29 3.86 0.92
C THR B 156 58.19 4.64 1.88
N TYR B 157 57.60 5.57 2.64
CA TYR B 157 58.34 6.41 3.60
C TYR B 157 58.83 5.58 4.79
N ASP B 158 60.13 5.36 4.85
CA ASP B 158 60.73 4.70 5.99
C ASP B 158 61.02 5.74 7.05
N HIS B 159 60.26 5.70 8.14
CA HIS B 159 60.37 6.70 9.20
C HIS B 159 61.67 6.59 9.99
N ASP B 160 62.26 5.39 10.07
CA ASP B 160 63.54 5.18 10.80
C ASP B 160 64.70 6.01 10.23
N VAL B 161 64.69 6.21 8.92
CA VAL B 161 65.74 6.97 8.22
C VAL B 161 65.85 8.39 8.80
N TYR B 162 64.71 9.07 8.93
CA TYR B 162 64.68 10.47 9.35
C TYR B 162 64.41 10.69 10.85
N ARG B 163 64.29 9.61 11.63
CA ARG B 163 63.80 9.73 13.02
C ARG B 163 64.69 10.56 13.95
N ASP B 164 65.99 10.24 13.97
CA ASP B 164 66.95 10.96 14.82
C ASP B 164 67.02 12.45 14.46
N GLU B 165 67.11 12.75 13.17
CA GLU B 165 67.02 14.13 12.66
C GLU B 165 65.76 14.85 13.15
N ALA B 166 64.63 14.15 13.10
CA ALA B 166 63.32 14.73 13.41
C ALA B 166 63.08 14.91 14.90
N LEU B 167 63.39 13.87 15.66
CA LEU B 167 63.26 13.90 17.12
C LEU B 167 64.03 15.05 17.77
N ASN B 168 65.18 15.41 17.19
CA ASN B 168 65.98 16.51 17.71
C ASN B 168 65.33 17.89 17.46
N ASN B 169 64.79 18.10 16.25
CA ASN B 169 64.05 19.33 15.92
C ASN B 169 62.76 19.54 16.74
N ARG B 170 62.17 18.45 17.24
CA ARG B 170 60.94 18.51 18.05
C ARG B 170 61.17 18.83 19.53
N PHE B 171 62.18 18.24 20.16
CA PHE B 171 62.38 18.42 21.62
C PHE B 171 63.54 19.37 21.98
N GLN B 172 63.71 20.41 21.17
CA GLN B 172 64.48 21.60 21.49
C GLN B 172 63.60 22.80 21.19
N PRO C 3 65.03 -3.74 23.57
CA PRO C 3 64.50 -5.09 23.81
C PRO C 3 62.99 -5.07 24.13
N GLY C 4 62.18 -4.82 23.09
CA GLY C 4 60.78 -4.47 23.26
C GLY C 4 59.78 -5.62 23.22
N ALA C 5 58.55 -5.28 22.84
CA ALA C 5 57.44 -6.25 22.75
C ALA C 5 56.33 -5.69 21.86
N THR C 6 55.74 -6.55 21.03
CA THR C 6 54.70 -6.15 20.08
C THR C 6 53.35 -6.61 20.61
N LEU C 7 52.34 -5.72 20.54
CA LEU C 7 50.96 -6.05 20.88
C LEU C 7 50.08 -5.68 19.70
N CYS C 8 49.48 -6.70 19.09
CA CYS C 8 48.67 -6.54 17.88
C CYS C 8 47.20 -6.73 18.17
N LEU C 9 46.40 -5.73 17.77
CA LEU C 9 44.94 -5.83 17.84
C LEU C 9 44.41 -6.42 16.56
N GLY C 10 43.32 -7.15 16.69
CA GLY C 10 42.72 -7.84 15.56
C GLY C 10 41.35 -8.43 15.81
N HIS C 11 40.80 -9.01 14.76
CA HIS C 11 39.45 -9.54 14.76
C HIS C 11 39.45 -10.91 14.10
N HIS C 12 38.38 -11.66 14.33
CA HIS C 12 38.26 -12.99 13.79
C HIS C 12 37.87 -12.98 12.30
N ALA C 13 38.05 -14.13 11.69
CA ALA C 13 37.60 -14.41 10.36
C ALA C 13 37.26 -15.88 10.33
N VAL C 14 36.61 -16.29 9.25
CA VAL C 14 36.22 -17.68 9.05
C VAL C 14 36.71 -18.11 7.66
N PRO C 15 36.88 -19.42 7.46
CA PRO C 15 37.24 -19.90 6.12
C PRO C 15 36.12 -19.70 5.11
N ASN C 16 34.88 -19.97 5.54
CA ASN C 16 33.71 -19.98 4.67
C ASN C 16 32.67 -18.93 5.09
N GLY C 17 32.84 -17.69 4.60
CA GLY C 17 31.89 -16.61 4.89
C GLY C 17 30.60 -16.70 4.10
N THR C 18 29.72 -15.71 4.28
CA THR C 18 28.44 -15.62 3.57
C THR C 18 28.32 -14.29 2.85
N LEU C 19 27.69 -14.28 1.68
CA LEU C 19 27.43 -13.03 0.95
C LEU C 19 26.13 -12.38 1.41
N VAL C 20 26.19 -11.05 1.57
CA VAL C 20 25.03 -10.25 1.91
C VAL C 20 25.02 -8.97 1.09
N LYS C 21 23.87 -8.32 1.07
CA LYS C 21 23.69 -7.05 0.38
C LYS C 21 23.76 -5.92 1.40
N THR C 22 24.28 -4.78 0.96
CA THR C 22 24.36 -3.57 1.76
C THR C 22 23.84 -2.42 0.91
N ILE C 23 23.94 -1.18 1.44
CA ILE C 23 23.56 -0.01 0.67
C ILE C 23 24.48 0.15 -0.56
N THR C 24 25.79 -0.07 -0.38
CA THR C 24 26.77 0.16 -1.42
C THR C 24 27.14 -1.06 -2.25
N ASP C 25 26.98 -2.28 -1.72
CA ASP C 25 27.45 -3.49 -2.42
C ASP C 25 26.29 -4.48 -2.55
N ASP C 26 26.00 -4.98 -3.74
CA ASP C 26 25.02 -6.08 -3.87
C ASP C 26 25.53 -7.43 -3.35
N GLN C 27 26.85 -7.62 -3.27
CA GLN C 27 27.43 -8.81 -2.66
C GLN C 27 28.67 -8.43 -1.88
N ILE C 28 28.67 -8.66 -0.58
CA ILE C 28 29.87 -8.50 0.24
C ILE C 28 29.92 -9.60 1.30
N GLU C 29 31.12 -10.06 1.62
CA GLU C 29 31.28 -11.24 2.45
C GLU C 29 31.36 -10.88 3.92
N VAL C 30 30.57 -11.58 4.74
CA VAL C 30 30.57 -11.41 6.19
C VAL C 30 30.75 -12.76 6.87
N THR C 31 31.09 -12.74 8.15
CA THR C 31 31.41 -13.97 8.88
C THR C 31 30.23 -14.89 9.08
N ASN C 32 29.03 -14.33 9.14
CA ASN C 32 27.82 -15.13 9.32
C ASN C 32 26.62 -14.29 8.95
N ALA C 33 25.52 -14.96 8.60
CA ALA C 33 24.26 -14.29 8.35
C ALA C 33 23.11 -15.24 8.64
N THR C 34 21.90 -14.71 8.61
CA THR C 34 20.71 -15.47 8.95
C THR C 34 19.59 -15.12 7.95
N GLU C 35 18.86 -16.15 7.52
CA GLU C 35 17.86 -16.03 6.48
C GLU C 35 16.59 -15.39 7.03
N LEU C 36 16.09 -14.36 6.36
CA LEU C 36 14.87 -13.69 6.77
C LEU C 36 13.61 -14.08 5.94
N VAL C 37 13.77 -14.90 4.92
CA VAL C 37 12.64 -15.35 4.09
C VAL C 37 12.39 -16.82 4.27
N GLN C 38 11.19 -17.17 4.75
CA GLN C 38 10.76 -18.55 4.83
C GLN C 38 10.37 -19.02 3.43
N SER C 39 11.12 -19.96 2.85
CA SER C 39 10.86 -20.39 1.47
C SER C 39 10.33 -21.82 1.34
N SER C 40 10.21 -22.54 2.45
CA SER C 40 9.75 -23.94 2.41
C SER C 40 8.60 -24.17 3.38
N SER C 41 7.90 -25.28 3.17
CA SER C 41 6.77 -25.70 3.99
C SER C 41 6.86 -27.18 4.24
N THR C 42 6.18 -27.65 5.27
CA THR C 42 6.07 -29.10 5.53
C THR C 42 5.30 -29.84 4.44
N GLY C 43 4.40 -29.16 3.74
CA GLY C 43 3.45 -29.80 2.84
C GLY C 43 2.15 -30.18 3.54
N LYS C 44 2.04 -29.88 4.84
CA LYS C 44 0.95 -30.33 5.68
C LYS C 44 0.36 -29.19 6.49
N ILE C 45 -0.96 -29.14 6.58
CA ILE C 45 -1.66 -28.19 7.42
C ILE C 45 -1.75 -28.77 8.82
N CYS C 46 -1.14 -28.07 9.77
CA CYS C 46 -1.20 -28.47 11.17
C CYS C 46 -2.58 -28.21 11.76
N ASN C 47 -3.07 -29.18 12.52
CA ASN C 47 -4.42 -29.13 13.10
C ASN C 47 -4.56 -28.39 14.43
N ASN C 48 -3.45 -27.93 15.00
CA ASN C 48 -3.43 -27.01 16.15
C ASN C 48 -2.54 -25.78 15.81
N PRO C 49 -2.76 -24.63 16.46
CA PRO C 49 -3.81 -24.36 17.45
C PRO C 49 -5.15 -23.86 16.88
N HIS C 50 -5.24 -23.69 15.57
CA HIS C 50 -6.48 -23.28 14.91
C HIS C 50 -7.35 -24.49 14.64
N ARG C 51 -8.65 -24.34 14.83
CA ARG C 51 -9.63 -25.35 14.45
C ARG C 51 -9.77 -25.46 12.92
N ILE C 52 -9.16 -26.50 12.35
CA ILE C 52 -9.19 -26.76 10.91
C ILE C 52 -10.33 -27.71 10.63
N LEU C 53 -11.15 -27.38 9.65
CA LEU C 53 -12.23 -28.24 9.25
C LEU C 53 -12.01 -28.55 7.80
N ASP C 54 -11.76 -29.82 7.53
CA ASP C 54 -11.50 -30.34 6.21
C ASP C 54 -12.85 -30.52 5.53
N GLY C 55 -13.04 -29.86 4.40
CA GLY C 55 -14.27 -30.00 3.62
C GLY C 55 -14.45 -31.34 2.94
N ILE C 56 -13.36 -32.08 2.73
CA ILE C 56 -13.39 -33.35 2.02
C ILE C 56 -14.05 -33.15 0.65
N ASP C 57 -15.24 -33.70 0.41
CA ASP C 57 -15.91 -33.60 -0.88
C ASP C 57 -16.84 -32.40 -0.97
N CYS C 58 -16.79 -31.49 0.01
CA CYS C 58 -17.79 -30.45 0.15
C CYS C 58 -17.21 -29.04 0.06
N THR C 59 -17.92 -28.17 -0.67
CA THR C 59 -17.68 -26.75 -0.61
C THR C 59 -18.43 -26.27 0.60
N LEU C 60 -18.00 -25.13 1.13
CA LEU C 60 -18.72 -24.48 2.21
C LEU C 60 -20.18 -24.24 1.87
N ILE C 61 -20.47 -23.84 0.64
CA ILE C 61 -21.86 -23.51 0.24
C ILE C 61 -22.74 -24.76 0.20
N ASP C 62 -22.22 -25.87 -0.31
CA ASP C 62 -22.97 -27.13 -0.27
C ASP C 62 -23.23 -27.61 1.17
N ALA C 63 -22.27 -27.40 2.06
CA ALA C 63 -22.46 -27.71 3.47
C ALA C 63 -23.50 -26.80 4.11
N LEU C 64 -23.46 -25.52 3.74
CA LEU C 64 -24.47 -24.55 4.17
C LEU C 64 -25.89 -24.97 3.75
N LEU C 65 -26.08 -25.19 2.45
CA LEU C 65 -27.38 -25.54 1.90
C LEU C 65 -27.86 -26.91 2.40
N GLY C 66 -26.92 -27.82 2.61
CA GLY C 66 -27.21 -29.15 3.09
C GLY C 66 -27.42 -30.15 1.98
N ASP C 67 -26.49 -30.17 1.02
CA ASP C 67 -26.33 -31.25 0.05
C ASP C 67 -26.14 -32.54 0.88
N PRO C 68 -26.88 -33.63 0.57
CA PRO C 68 -26.82 -34.87 1.38
C PRO C 68 -25.43 -35.41 1.73
N HIS C 69 -24.50 -35.44 0.78
CA HIS C 69 -23.14 -35.91 1.10
C HIS C 69 -22.37 -34.94 2.02
N CYS C 70 -22.91 -33.74 2.24
CA CYS C 70 -22.39 -32.76 3.19
C CYS C 70 -23.10 -32.69 4.55
N ASP C 71 -24.02 -33.60 4.83
CA ASP C 71 -24.77 -33.54 6.10
C ASP C 71 -23.94 -33.75 7.34
N VAL C 72 -22.80 -34.40 7.23
CA VAL C 72 -21.85 -34.52 8.35
C VAL C 72 -21.34 -33.15 8.84
N PHE C 73 -21.41 -32.11 8.00
CA PHE C 73 -20.98 -30.77 8.40
C PHE C 73 -22.05 -29.94 9.13
N GLN C 74 -23.27 -30.46 9.27
CA GLN C 74 -24.31 -29.78 10.03
C GLN C 74 -23.82 -29.27 11.37
N ASN C 75 -24.09 -27.99 11.65
CA ASN C 75 -23.70 -27.34 12.91
C ASN C 75 -22.21 -27.31 13.21
N GLU C 76 -21.36 -27.49 12.19
CA GLU C 76 -19.92 -27.48 12.42
C GLU C 76 -19.41 -26.06 12.62
N THR C 77 -18.23 -25.96 13.21
CA THR C 77 -17.54 -24.68 13.35
C THR C 77 -16.09 -24.83 12.95
N TRP C 78 -15.46 -23.69 12.71
CA TRP C 78 -14.10 -23.69 12.23
C TRP C 78 -13.45 -22.36 12.52
N ASP C 79 -12.13 -22.38 12.60
CA ASP C 79 -11.33 -21.19 12.42
C ASP C 79 -10.95 -21.09 10.94
N LEU C 80 -10.57 -22.21 10.33
CA LEU C 80 -10.27 -22.25 8.91
C LEU C 80 -10.94 -23.45 8.26
N PHE C 81 -11.84 -23.16 7.34
CA PHE C 81 -12.48 -24.17 6.52
C PHE C 81 -11.60 -24.42 5.30
N VAL C 82 -11.25 -25.67 5.01
CA VAL C 82 -10.35 -25.98 3.92
C VAL C 82 -11.13 -26.64 2.79
N GLU C 83 -11.35 -25.93 1.68
CA GLU C 83 -12.03 -26.49 0.50
C GLU C 83 -11.02 -27.24 -0.36
N ARG C 84 -11.38 -28.44 -0.79
CA ARG C 84 -10.52 -29.28 -1.63
C ARG C 84 -10.93 -29.21 -3.10
N SER C 85 -9.99 -29.40 -4.01
CA SER C 85 -10.26 -29.34 -5.44
C SER C 85 -11.12 -30.50 -5.94
N LYS C 86 -11.10 -31.62 -5.22
CA LYS C 86 -11.97 -32.74 -5.55
C LYS C 86 -13.45 -32.54 -5.14
N ALA C 87 -13.80 -31.42 -4.49
CA ALA C 87 -15.17 -31.20 -4.02
C ALA C 87 -16.13 -31.16 -5.19
N PHE C 88 -17.30 -31.77 -5.00
CA PHE C 88 -18.33 -31.81 -6.03
C PHE C 88 -19.70 -31.56 -5.41
N SER C 89 -20.62 -31.07 -6.24
CA SER C 89 -22.02 -30.93 -5.86
C SER C 89 -22.79 -32.16 -6.31
N ASN C 90 -23.80 -32.52 -5.55
CA ASN C 90 -24.61 -33.70 -5.88
C ASN C 90 -26.06 -33.59 -5.45
N CYS C 91 -26.61 -32.39 -5.55
CA CYS C 91 -27.99 -32.14 -5.23
C CYS C 91 -28.61 -31.44 -6.44
N TYR C 92 -29.70 -30.70 -6.23
CA TYR C 92 -30.37 -29.98 -7.32
C TYR C 92 -29.39 -28.94 -7.85
N PRO C 93 -29.33 -28.77 -9.17
CA PRO C 93 -28.40 -27.79 -9.70
C PRO C 93 -28.84 -26.37 -9.39
N TYR C 94 -27.90 -25.54 -8.97
CA TYR C 94 -28.20 -24.21 -8.47
C TYR C 94 -27.10 -23.23 -8.87
N ASP C 95 -27.40 -21.95 -8.81
CA ASP C 95 -26.39 -20.92 -8.84
C ASP C 95 -26.65 -19.96 -7.69
N VAL C 96 -25.60 -19.24 -7.31
CA VAL C 96 -25.71 -18.19 -6.32
C VAL C 96 -25.22 -16.91 -6.97
N PRO C 97 -26.16 -16.00 -7.31
CA PRO C 97 -25.70 -14.65 -7.67
C PRO C 97 -24.92 -14.05 -6.48
N ASP C 98 -23.70 -13.59 -6.75
CA ASP C 98 -22.79 -13.21 -5.68
C ASP C 98 -22.43 -14.38 -4.77
N TYR C 99 -22.10 -15.51 -5.39
CA TYR C 99 -21.51 -16.70 -4.74
C TYR C 99 -20.36 -16.28 -3.82
N ALA C 100 -19.43 -15.50 -4.38
CA ALA C 100 -18.25 -15.08 -3.66
C ALA C 100 -18.56 -14.40 -2.32
N SER C 101 -19.59 -13.54 -2.30
CA SER C 101 -19.97 -12.83 -1.08
C SER C 101 -20.60 -13.75 -0.03
N LEU C 102 -21.48 -14.65 -0.45
CA LEU C 102 -22.09 -15.58 0.49
C LEU C 102 -21.03 -16.49 1.12
N ARG C 103 -20.18 -17.04 0.28
CA ARG C 103 -19.07 -17.86 0.75
C ARG C 103 -18.21 -17.10 1.74
N SER C 104 -17.92 -15.83 1.43
CA SER C 104 -17.10 -15.01 2.27
C SER C 104 -17.76 -14.72 3.63
N LEU C 105 -19.05 -14.38 3.65
CA LEU C 105 -19.66 -14.04 4.91
C LEU C 105 -19.93 -15.27 5.78
N VAL C 106 -20.23 -16.41 5.18
CA VAL C 106 -20.36 -17.63 5.96
C VAL C 106 -19.00 -18.03 6.53
N ALA C 107 -17.97 -18.03 5.68
CA ALA C 107 -16.62 -18.43 6.09
C ALA C 107 -16.14 -17.62 7.29
N SER C 108 -16.44 -16.34 7.23
CA SER C 108 -16.06 -15.36 8.23
C SER C 108 -16.83 -15.50 9.54
N SER C 109 -18.11 -15.86 9.44
CA SER C 109 -18.96 -16.16 10.59
C SER C 109 -18.44 -17.39 11.37
N GLY C 110 -17.88 -18.37 10.68
CA GLY C 110 -17.16 -19.45 11.35
C GLY C 110 -18.00 -20.58 11.89
N THR C 111 -19.28 -20.62 11.52
CA THR C 111 -20.25 -21.58 12.04
C THR C 111 -21.38 -21.85 11.05
N LEU C 112 -21.88 -23.07 11.07
CA LEU C 112 -23.10 -23.47 10.33
C LEU C 112 -24.24 -23.78 11.30
N GLU C 113 -24.18 -23.28 12.53
CA GLU C 113 -25.25 -23.47 13.52
C GLU C 113 -26.59 -23.05 12.94
N PHE C 114 -27.51 -24.00 12.81
CA PHE C 114 -28.81 -23.77 12.24
C PHE C 114 -29.88 -23.94 13.30
N ILE C 115 -30.84 -23.02 13.35
CA ILE C 115 -31.92 -23.05 14.30
C ILE C 115 -33.18 -23.09 13.46
N THR C 116 -33.91 -24.18 13.57
CA THR C 116 -35.16 -24.39 12.82
C THR C 116 -36.23 -23.49 13.40
N GLU C 117 -37.07 -22.92 12.54
CA GLU C 117 -38.14 -22.00 12.93
C GLU C 117 -39.44 -22.48 12.34
N GLY C 118 -40.53 -22.25 13.07
CA GLY C 118 -41.83 -22.72 12.67
C GLY C 118 -42.51 -21.81 11.67
N PHE C 119 -42.09 -21.86 10.41
CA PHE C 119 -42.78 -21.17 9.33
C PHE C 119 -44.06 -21.90 9.03
N THR C 120 -45.13 -21.16 8.80
CA THR C 120 -46.42 -21.73 8.46
C THR C 120 -46.72 -21.46 6.99
N TRP C 121 -46.64 -22.50 6.17
CA TRP C 121 -46.88 -22.39 4.74
C TRP C 121 -48.27 -22.91 4.42
N THR C 122 -49.27 -22.04 4.58
CA THR C 122 -50.66 -22.45 4.48
C THR C 122 -51.06 -22.69 3.04
N GLY C 123 -51.55 -23.89 2.75
CA GLY C 123 -52.10 -24.26 1.47
C GLY C 123 -51.13 -24.76 0.42
N VAL C 124 -49.93 -25.15 0.82
CA VAL C 124 -48.95 -25.77 -0.11
C VAL C 124 -48.41 -27.06 0.48
N THR C 125 -47.83 -27.87 -0.39
CA THR C 125 -47.14 -29.08 0.02
C THR C 125 -45.71 -28.73 0.34
N GLN C 126 -45.20 -29.21 1.46
CA GLN C 126 -43.82 -29.01 1.87
C GLN C 126 -42.96 -30.21 1.50
N ASN C 127 -41.66 -30.06 1.73
CA ASN C 127 -40.69 -31.16 1.63
C ASN C 127 -40.61 -31.82 0.27
N GLY C 128 -40.73 -31.02 -0.78
CA GLY C 128 -40.55 -31.51 -2.13
C GLY C 128 -39.13 -31.98 -2.35
N GLY C 129 -38.97 -32.93 -3.26
CA GLY C 129 -37.67 -33.52 -3.58
C GLY C 129 -37.53 -33.90 -5.04
N SER C 130 -36.38 -34.48 -5.37
CA SER C 130 -36.02 -34.72 -6.75
C SER C 130 -34.97 -35.80 -6.81
N ASN C 131 -34.95 -36.55 -7.91
CA ASN C 131 -33.93 -37.56 -8.14
C ASN C 131 -32.55 -36.96 -8.41
N ALA C 132 -32.50 -35.66 -8.67
CA ALA C 132 -31.23 -34.93 -8.74
C ALA C 132 -30.49 -34.91 -7.40
N CYS C 133 -31.21 -35.09 -6.29
CA CYS C 133 -30.68 -34.95 -4.97
C CYS C 133 -31.10 -36.12 -4.07
N LYS C 134 -30.55 -37.31 -4.37
CA LYS C 134 -30.85 -38.53 -3.61
C LYS C 134 -30.38 -38.44 -2.18
N ARG C 135 -31.24 -38.90 -1.28
CA ARG C 135 -30.98 -38.98 0.15
C ARG C 135 -31.42 -40.40 0.57
N GLY C 136 -30.44 -41.24 0.89
CA GLY C 136 -30.65 -42.68 0.96
C GLY C 136 -31.06 -43.19 -0.42
N PRO C 137 -31.98 -44.16 -0.47
CA PRO C 137 -32.39 -44.72 -1.77
C PRO C 137 -33.28 -43.80 -2.64
N GLY C 138 -34.01 -42.89 -2.03
CA GLY C 138 -35.06 -42.12 -2.73
C GLY C 138 -34.84 -40.63 -2.84
N SER C 139 -35.74 -39.94 -3.52
CA SER C 139 -35.54 -38.53 -3.84
C SER C 139 -35.51 -37.64 -2.59
N GLY C 140 -34.80 -36.52 -2.72
CA GLY C 140 -34.59 -35.60 -1.62
C GLY C 140 -34.25 -34.20 -2.12
N PHE C 141 -33.69 -33.43 -1.21
CA PHE C 141 -33.45 -32.02 -1.41
C PHE C 141 -32.46 -31.52 -0.36
N PHE C 142 -32.00 -30.28 -0.51
CA PHE C 142 -31.15 -29.61 0.47
C PHE C 142 -31.80 -29.65 1.85
N SER C 143 -31.07 -30.06 2.89
CA SER C 143 -31.66 -30.19 4.23
C SER C 143 -32.18 -28.90 4.84
N ARG C 144 -31.56 -27.77 4.51
CA ARG C 144 -31.91 -26.45 5.07
C ARG C 144 -32.90 -25.66 4.22
N LEU C 145 -33.40 -26.23 3.15
CA LEU C 145 -34.36 -25.61 2.27
C LEU C 145 -35.60 -26.48 2.12
N ASN C 146 -36.73 -25.85 1.83
CA ASN C 146 -38.04 -26.50 1.86
C ASN C 146 -38.74 -26.19 0.55
N TRP C 147 -38.81 -27.18 -0.34
CA TRP C 147 -39.37 -26.98 -1.66
C TRP C 147 -40.89 -27.05 -1.56
N LEU C 148 -41.54 -25.89 -1.72
CA LEU C 148 -42.99 -25.80 -1.62
C LEU C 148 -43.60 -25.95 -3.00
N THR C 149 -44.63 -26.78 -3.10
CA THR C 149 -45.36 -26.98 -4.36
C THR C 149 -46.85 -26.95 -4.06
N LYS C 150 -47.67 -27.02 -5.09
CA LYS C 150 -49.11 -26.91 -4.92
C LYS C 150 -49.68 -28.00 -4.01
N SER C 151 -50.83 -27.68 -3.43
CA SER C 151 -51.62 -28.60 -2.64
C SER C 151 -52.97 -28.70 -3.32
N GLY C 152 -53.39 -29.93 -3.60
CA GLY C 152 -54.51 -30.16 -4.48
C GLY C 152 -54.18 -29.57 -5.84
N SER C 153 -54.88 -28.50 -6.20
CA SER C 153 -54.65 -27.81 -7.46
C SER C 153 -54.61 -26.29 -7.26
N THR C 154 -54.02 -25.86 -6.16
CA THR C 154 -53.88 -24.43 -5.82
C THR C 154 -52.53 -24.18 -5.16
N TYR C 155 -51.96 -23.02 -5.44
CA TYR C 155 -50.81 -22.49 -4.72
C TYR C 155 -51.24 -21.07 -4.33
N PRO C 156 -51.70 -20.89 -3.07
CA PRO C 156 -52.18 -19.57 -2.67
C PRO C 156 -51.03 -18.63 -2.45
N VAL C 157 -51.33 -17.33 -2.33
CA VAL C 157 -50.30 -16.34 -2.04
C VAL C 157 -49.76 -16.64 -0.64
N LEU C 158 -48.47 -16.95 -0.57
CA LEU C 158 -47.82 -17.20 0.72
C LEU C 158 -47.39 -15.87 1.26
N ASN C 159 -47.75 -15.60 2.51
CA ASN C 159 -47.38 -14.39 3.19
C ASN C 159 -47.06 -14.76 4.63
N VAL C 160 -45.78 -14.81 4.99
CA VAL C 160 -45.39 -15.17 6.35
C VAL C 160 -44.37 -14.23 6.93
N THR C 161 -44.29 -14.24 8.27
CA THR C 161 -43.45 -13.37 9.03
C THR C 161 -42.63 -14.12 10.06
N MET C 162 -41.38 -13.70 10.25
CA MET C 162 -40.54 -14.21 11.30
C MET C 162 -39.74 -13.08 11.97
N PRO C 163 -40.20 -12.64 13.15
CA PRO C 163 -39.46 -11.58 13.82
C PRO C 163 -38.22 -12.10 14.51
N ASN C 164 -37.20 -11.24 14.59
CA ASN C 164 -35.99 -11.51 15.34
C ASN C 164 -36.11 -10.81 16.69
N ASN C 165 -36.53 -11.57 17.70
CA ASN C 165 -36.57 -11.08 19.07
C ASN C 165 -35.33 -11.50 19.84
N ASP C 166 -34.35 -12.09 19.14
CA ASP C 166 -33.07 -12.42 19.75
C ASP C 166 -32.15 -11.20 19.69
N ASN C 167 -30.96 -11.34 20.28
CA ASN C 167 -29.97 -10.25 20.31
C ASN C 167 -28.74 -10.52 19.43
N PHE C 168 -28.91 -11.37 18.41
CA PHE C 168 -27.86 -11.69 17.43
C PHE C 168 -28.45 -11.60 16.01
N ASP C 169 -27.59 -11.47 15.00
CA ASP C 169 -28.05 -11.44 13.61
C ASP C 169 -28.41 -12.84 13.15
N LYS C 170 -29.49 -12.92 12.39
CA LYS C 170 -29.94 -14.16 11.78
C LYS C 170 -29.65 -14.10 10.31
N LEU C 171 -29.07 -15.17 9.76
CA LEU C 171 -28.86 -15.32 8.31
C LEU C 171 -29.87 -16.30 7.76
N TYR C 172 -30.72 -15.86 6.86
CA TYR C 172 -31.67 -16.73 6.19
C TYR C 172 -31.23 -17.00 4.78
N ILE C 173 -31.22 -18.28 4.41
CA ILE C 173 -30.90 -18.71 3.07
C ILE C 173 -32.19 -19.20 2.43
N TRP C 174 -32.47 -18.72 1.24
CA TRP C 174 -33.68 -19.09 0.53
C TRP C 174 -33.40 -19.10 -0.95
N GLY C 175 -34.38 -19.50 -1.74
CA GLY C 175 -34.16 -19.68 -3.16
C GLY C 175 -35.39 -19.46 -4.01
N VAL C 176 -35.16 -19.54 -5.31
CA VAL C 176 -36.18 -19.40 -6.31
C VAL C 176 -35.95 -20.46 -7.37
N HIS C 177 -37.01 -21.18 -7.70
CA HIS C 177 -36.94 -22.24 -8.70
C HIS C 177 -37.21 -21.71 -10.11
N HIS C 178 -36.35 -22.06 -11.05
CA HIS C 178 -36.48 -21.70 -12.44
C HIS C 178 -36.81 -22.97 -13.22
N PRO C 179 -38.10 -23.25 -13.49
CA PRO C 179 -38.41 -24.45 -14.27
C PRO C 179 -37.91 -24.38 -15.68
N SER C 180 -37.82 -25.53 -16.33
CA SER C 180 -37.37 -25.60 -17.73
C SER C 180 -38.48 -25.35 -18.75
N THR C 181 -39.73 -25.63 -18.40
CA THR C 181 -40.87 -25.45 -19.30
C THR C 181 -42.06 -24.87 -18.57
N ASN C 182 -43.01 -24.34 -19.33
CA ASN C 182 -44.27 -23.85 -18.79
C ASN C 182 -45.09 -24.96 -18.18
N GLN C 183 -44.99 -26.16 -18.77
CA GLN C 183 -45.67 -27.35 -18.26
C GLN C 183 -45.17 -27.68 -16.84
N GLU C 184 -43.87 -27.53 -16.61
CA GLU C 184 -43.29 -27.76 -15.29
C GLU C 184 -43.74 -26.67 -14.29
N GLN C 185 -43.69 -25.40 -14.72
CA GLN C 185 -44.13 -24.26 -13.92
C GLN C 185 -45.55 -24.43 -13.39
N THR C 186 -46.50 -24.63 -14.30
CA THR C 186 -47.92 -24.67 -13.94
C THR C 186 -48.26 -25.98 -13.21
N SER C 187 -47.56 -27.05 -13.58
CA SER C 187 -47.69 -28.30 -12.87
C SER C 187 -47.26 -28.17 -11.40
N LEU C 188 -46.15 -27.49 -11.16
CA LEU C 188 -45.63 -27.33 -9.79
C LEU C 188 -46.30 -26.24 -8.97
N TYR C 189 -46.58 -25.09 -9.60
CA TYR C 189 -47.03 -23.89 -8.90
C TYR C 189 -48.38 -23.28 -9.34
N VAL C 190 -49.09 -23.95 -10.25
CA VAL C 190 -50.35 -23.44 -10.84
C VAL C 190 -50.16 -22.17 -11.67
N GLN C 191 -49.81 -21.07 -11.02
CA GLN C 191 -49.63 -19.78 -11.69
C GLN C 191 -48.58 -19.88 -12.78
N ALA C 192 -48.83 -19.18 -13.89
CA ALA C 192 -47.96 -19.24 -15.07
C ALA C 192 -46.62 -18.55 -14.86
N SER C 193 -46.59 -17.61 -13.91
CA SER C 193 -45.37 -16.91 -13.56
C SER C 193 -45.35 -16.67 -12.06
N GLY C 194 -44.41 -17.29 -11.37
CA GLY C 194 -44.24 -17.08 -9.95
C GLY C 194 -43.56 -15.77 -9.63
N ARG C 195 -43.34 -15.55 -8.34
CA ARG C 195 -42.66 -14.35 -7.84
C ARG C 195 -42.33 -14.59 -6.37
N VAL C 196 -41.14 -14.15 -5.96
CA VAL C 196 -40.69 -14.26 -4.59
C VAL C 196 -40.19 -12.90 -4.13
N THR C 197 -40.75 -12.42 -3.02
CA THR C 197 -40.35 -11.15 -2.40
C THR C 197 -39.94 -11.44 -0.95
N VAL C 198 -38.69 -11.15 -0.60
CA VAL C 198 -38.20 -11.35 0.76
C VAL C 198 -37.68 -10.01 1.30
N SER C 199 -38.25 -9.55 2.41
CA SER C 199 -37.98 -8.20 2.88
C SER C 199 -37.81 -8.13 4.38
N THR C 200 -37.03 -7.14 4.80
CA THR C 200 -36.96 -6.66 6.18
C THR C 200 -37.53 -5.24 6.20
N ARG C 201 -37.51 -4.58 7.35
CA ARG C 201 -37.93 -3.18 7.43
C ARG C 201 -37.16 -2.25 6.50
N ARG C 202 -35.87 -2.50 6.36
CA ARG C 202 -34.94 -1.62 5.66
C ARG C 202 -34.63 -1.98 4.20
N SER C 203 -34.76 -3.26 3.86
CA SER C 203 -34.34 -3.76 2.55
C SER C 203 -35.33 -4.77 1.99
N GLN C 204 -35.18 -5.06 0.70
CA GLN C 204 -36.02 -6.03 0.02
C GLN C 204 -35.33 -6.59 -1.23
N GLN C 205 -35.63 -7.84 -1.54
CA GLN C 205 -35.20 -8.49 -2.77
C GLN C 205 -36.45 -9.04 -3.40
N THR C 206 -36.69 -8.75 -4.69
CA THR C 206 -37.74 -9.45 -5.43
C THR C 206 -37.17 -10.07 -6.70
N ILE C 207 -37.46 -11.36 -6.87
CA ILE C 207 -36.94 -12.16 -7.94
C ILE C 207 -38.13 -12.68 -8.72
N ILE C 208 -38.14 -12.44 -10.03
CA ILE C 208 -39.08 -13.09 -10.95
C ILE C 208 -38.35 -14.32 -11.50
N PRO C 209 -38.94 -15.52 -11.39
CA PRO C 209 -38.35 -16.70 -12.03
C PRO C 209 -38.39 -16.61 -13.54
N ASN C 210 -37.51 -17.39 -14.16
CA ASN C 210 -37.29 -17.36 -15.60
C ASN C 210 -37.36 -18.79 -16.13
N ILE C 211 -38.38 -19.04 -16.92
CA ILE C 211 -38.63 -20.37 -17.44
C ILE C 211 -37.77 -20.56 -18.67
N GLY C 212 -37.17 -21.74 -18.83
CA GLY C 212 -36.35 -22.04 -20.02
C GLY C 212 -35.34 -23.13 -19.75
N SER C 213 -34.86 -23.76 -20.81
CA SER C 213 -33.90 -24.85 -20.65
C SER C 213 -32.51 -24.34 -20.37
N ARG C 214 -31.87 -24.98 -19.39
CA ARG C 214 -30.46 -24.90 -19.17
C ARG C 214 -29.90 -26.27 -19.57
N PRO C 215 -28.56 -26.44 -19.54
CA PRO C 215 -28.04 -27.77 -19.83
C PRO C 215 -28.40 -28.72 -18.69
N TRP C 216 -28.58 -29.96 -19.07
CA TRP C 216 -28.91 -31.04 -18.18
C TRP C 216 -27.79 -31.26 -17.17
N VAL C 217 -28.13 -31.16 -15.89
CA VAL C 217 -27.24 -31.53 -14.80
C VAL C 217 -28.03 -32.42 -13.87
N ARG C 218 -27.53 -33.62 -13.62
CA ARG C 218 -28.14 -34.58 -12.70
C ARG C 218 -29.66 -34.66 -12.91
N MET C 219 -30.08 -35.01 -14.12
CA MET C 219 -31.49 -35.31 -14.45
C MET C 219 -32.40 -34.09 -14.74
N THR C 220 -31.88 -32.87 -14.68
CA THR C 220 -32.76 -31.70 -14.83
C THR C 220 -32.13 -30.53 -15.60
N SER C 221 -32.96 -29.91 -16.44
CA SER C 221 -32.68 -28.65 -17.11
C SER C 221 -33.10 -27.44 -16.28
N ALA C 222 -33.79 -27.65 -15.16
CA ALA C 222 -34.18 -26.56 -14.29
C ALA C 222 -33.05 -26.19 -13.36
N ARG C 223 -33.22 -25.08 -12.67
CA ARG C 223 -32.23 -24.53 -11.73
C ARG C 223 -32.90 -23.90 -10.51
N ILE C 224 -32.14 -23.79 -9.43
CA ILE C 224 -32.50 -22.98 -8.29
C ILE C 224 -31.50 -21.84 -8.18
N SER C 225 -31.98 -20.63 -7.86
CA SER C 225 -31.07 -19.53 -7.53
C SER C 225 -31.14 -19.27 -6.05
N ILE C 226 -29.98 -19.19 -5.40
CA ILE C 226 -29.88 -19.01 -3.96
C ILE C 226 -29.65 -17.55 -3.61
N TYR C 227 -30.46 -17.04 -2.68
CA TYR C 227 -30.32 -15.71 -2.12
C TYR C 227 -30.24 -15.77 -0.61
N TRP C 228 -29.77 -14.68 -0.01
CA TRP C 228 -29.69 -14.57 1.45
C TRP C 228 -30.16 -13.23 1.97
N THR C 229 -30.61 -13.23 3.22
CA THR C 229 -31.10 -12.06 3.90
C THR C 229 -30.65 -12.13 5.35
N ILE C 230 -30.03 -11.06 5.83
CA ILE C 230 -29.67 -10.96 7.23
C ILE C 230 -30.72 -10.12 7.93
N VAL C 231 -31.20 -10.61 9.06
CA VAL C 231 -32.20 -9.93 9.88
C VAL C 231 -31.54 -9.54 11.19
N LYS C 232 -31.52 -8.25 11.49
CA LYS C 232 -30.85 -7.75 12.70
C LYS C 232 -31.80 -7.84 13.91
N PRO C 233 -31.23 -7.76 15.13
CA PRO C 233 -32.07 -7.72 16.32
C PRO C 233 -33.05 -6.58 16.23
N GLY C 234 -34.32 -6.87 16.46
CA GLY C 234 -35.40 -5.88 16.37
C GLY C 234 -36.13 -5.87 15.03
N ASP C 235 -35.50 -6.44 14.00
CA ASP C 235 -36.04 -6.40 12.65
C ASP C 235 -36.99 -7.59 12.44
N VAL C 236 -37.57 -7.69 11.25
CA VAL C 236 -38.54 -8.74 10.95
C VAL C 236 -38.30 -9.22 9.50
N LEU C 237 -38.46 -10.50 9.27
CA LEU C 237 -38.41 -11.07 7.93
C LEU C 237 -39.83 -11.23 7.45
N VAL C 238 -40.08 -10.88 6.19
CA VAL C 238 -41.35 -11.16 5.55
C VAL C 238 -41.06 -11.83 4.23
N ILE C 239 -41.73 -12.95 3.99
CA ILE C 239 -41.60 -13.70 2.75
C ILE C 239 -42.97 -13.73 2.10
N ASN C 240 -43.03 -13.34 0.84
CA ASN C 240 -44.26 -13.23 0.06
C ASN C 240 -44.01 -13.88 -1.30
N SER C 241 -44.92 -14.75 -1.71
CA SER C 241 -44.73 -15.49 -2.96
C SER C 241 -46.01 -16.13 -3.47
N ASN C 242 -46.22 -16.06 -4.78
CA ASN C 242 -47.30 -16.78 -5.45
C ASN C 242 -46.77 -17.95 -6.30
N GLY C 243 -45.56 -18.42 -6.00
CA GLY C 243 -44.97 -19.53 -6.71
C GLY C 243 -43.47 -19.46 -6.74
N ASN C 244 -42.84 -20.64 -6.85
CA ASN C 244 -41.41 -20.79 -7.11
C ASN C 244 -40.50 -20.54 -5.90
N LEU C 245 -41.09 -20.43 -4.71
CA LEU C 245 -40.31 -20.19 -3.49
C LEU C 245 -39.69 -21.50 -3.05
N ILE C 246 -38.38 -21.44 -2.79
CA ILE C 246 -37.65 -22.49 -2.07
C ILE C 246 -37.42 -21.89 -0.70
N ALA C 247 -38.24 -22.27 0.26
CA ALA C 247 -38.31 -21.58 1.55
C ALA C 247 -37.19 -21.94 2.49
N PRO C 248 -36.82 -21.02 3.37
CA PRO C 248 -35.90 -21.38 4.46
C PRO C 248 -36.63 -22.22 5.49
N ARG C 249 -35.90 -23.08 6.18
CA ARG C 249 -36.45 -23.85 7.31
C ARG C 249 -36.12 -23.20 8.64
N GLY C 250 -35.31 -22.15 8.60
CA GLY C 250 -34.80 -21.50 9.79
C GLY C 250 -33.63 -20.60 9.45
N TYR C 251 -32.78 -20.35 10.42
CA TYR C 251 -31.72 -19.36 10.24
C TYR C 251 -30.40 -19.89 10.72
N PHE C 252 -29.34 -19.30 10.18
CA PHE C 252 -28.00 -19.54 10.65
C PHE C 252 -27.63 -18.45 11.65
N LYS C 253 -27.04 -18.87 12.76
CA LYS C 253 -26.56 -17.94 13.75
C LYS C 253 -25.27 -17.32 13.25
N MET C 254 -25.25 -16.00 13.12
CA MET C 254 -24.05 -15.28 12.71
C MET C 254 -23.17 -14.92 13.87
N ARG C 255 -21.86 -14.99 13.65
CA ARG C 255 -20.87 -14.51 14.61
C ARG C 255 -19.87 -13.66 13.86
N THR C 256 -19.07 -12.92 14.60
CA THR C 256 -17.91 -12.26 14.06
C THR C 256 -16.72 -12.83 14.79
N GLY C 257 -15.58 -12.83 14.13
CA GLY C 257 -14.38 -13.38 14.70
C GLY C 257 -13.32 -13.64 13.66
N LYS C 258 -12.40 -14.53 14.03
CA LYS C 258 -11.19 -14.79 13.26
C LYS C 258 -11.33 -15.93 12.25
N SER C 259 -12.54 -16.34 11.90
CA SER C 259 -12.73 -17.45 10.98
C SER C 259 -12.52 -17.05 9.53
N SER C 260 -12.12 -18.01 8.73
CA SER C 260 -11.93 -17.81 7.29
C SER C 260 -12.04 -19.15 6.54
N ILE C 261 -11.60 -19.12 5.28
CA ILE C 261 -11.68 -20.26 4.40
C ILE C 261 -10.48 -20.24 3.47
N MET C 262 -10.04 -21.40 3.03
CA MET C 262 -8.87 -21.52 2.17
C MET C 262 -9.00 -22.68 1.23
N ARG C 263 -8.51 -22.49 0.00
CA ARG C 263 -8.44 -23.55 -0.99
C ARG C 263 -7.08 -24.22 -0.89
N SER C 264 -7.07 -25.54 -0.74
CA SER C 264 -5.83 -26.28 -0.53
C SER C 264 -6.05 -27.77 -0.69
N ASP C 265 -5.03 -28.45 -1.17
CA ASP C 265 -5.01 -29.90 -1.17
C ASP C 265 -3.94 -30.48 -0.22
N ALA C 266 -3.37 -29.65 0.64
CA ALA C 266 -2.41 -30.17 1.61
C ALA C 266 -3.12 -31.06 2.64
N PRO C 267 -2.55 -32.22 2.97
CA PRO C 267 -3.17 -33.02 4.03
C PRO C 267 -3.05 -32.38 5.43
N ILE C 268 -4.03 -32.69 6.28
CA ILE C 268 -4.05 -32.20 7.65
C ILE C 268 -3.28 -33.18 8.52
N ASP C 269 -2.39 -32.66 9.37
CA ASP C 269 -1.51 -33.48 10.22
C ASP C 269 -1.66 -33.03 11.70
N THR C 270 -1.25 -33.91 12.62
CA THR C 270 -1.24 -33.56 14.06
C THR C 270 0.11 -32.92 14.39
N CYS C 271 0.12 -31.59 14.45
CA CYS C 271 1.31 -30.77 14.79
C CYS C 271 0.81 -29.39 15.19
N ILE C 272 1.71 -28.49 15.58
CA ILE C 272 1.37 -27.14 16.01
C ILE C 272 2.03 -26.12 15.10
N SER C 273 1.22 -25.25 14.50
CA SER C 273 1.74 -24.17 13.67
C SER C 273 0.76 -23.02 13.57
N GLU C 274 1.23 -21.83 13.89
CA GLU C 274 0.42 -20.61 13.88
C GLU C 274 0.02 -20.16 12.47
N CYS C 275 0.91 -20.39 11.50
CA CYS C 275 0.72 -19.89 10.13
C CYS C 275 0.37 -21.02 9.17
N ILE C 276 -0.70 -20.82 8.42
CA ILE C 276 -1.17 -21.79 7.45
C ILE C 276 -1.17 -21.15 6.07
N THR C 277 -0.67 -21.88 5.09
CA THR C 277 -0.78 -21.51 3.69
C THR C 277 -1.40 -22.68 2.95
N PRO C 278 -1.85 -22.44 1.70
CA PRO C 278 -2.33 -23.56 0.91
C PRO C 278 -1.31 -24.67 0.66
N ASN C 279 -0.02 -24.33 0.68
CA ASN C 279 1.07 -25.28 0.53
C ASN C 279 1.29 -26.11 1.77
N GLY C 280 0.68 -25.68 2.87
CA GLY C 280 0.82 -26.32 4.17
C GLY C 280 1.22 -25.26 5.16
N SER C 281 1.50 -25.68 6.38
CA SER C 281 1.92 -24.79 7.43
C SER C 281 3.34 -24.38 7.19
N ILE C 282 3.68 -23.17 7.65
CA ILE C 282 5.05 -22.71 7.64
C ILE C 282 5.39 -22.15 9.02
N PRO C 283 6.68 -22.21 9.40
CA PRO C 283 7.08 -21.52 10.63
C PRO C 283 7.03 -20.02 10.46
N ASN C 284 6.88 -19.31 11.57
CA ASN C 284 6.82 -17.85 11.55
C ASN C 284 7.92 -17.18 12.37
N ASP C 285 9.06 -17.85 12.53
CA ASP C 285 10.21 -17.20 13.19
C ASP C 285 10.84 -16.12 12.32
N LYS C 286 10.71 -16.23 11.01
CA LYS C 286 11.24 -15.22 10.09
C LYS C 286 10.19 -14.16 9.76
N PRO C 287 10.62 -12.92 9.48
CA PRO C 287 9.64 -11.84 9.23
C PRO C 287 9.01 -11.87 7.84
N PHE C 288 9.65 -12.51 6.88
CA PHE C 288 9.15 -12.56 5.49
C PHE C 288 8.98 -13.99 5.01
N GLN C 289 8.20 -14.18 3.96
CA GLN C 289 8.04 -15.51 3.36
C GLN C 289 7.73 -15.43 1.89
N ASN C 290 8.07 -16.47 1.18
CA ASN C 290 7.99 -16.55 -0.27
C ASN C 290 7.17 -17.76 -0.70
N VAL C 291 6.42 -18.35 0.22
CA VAL C 291 5.73 -19.60 -0.03
C VAL C 291 4.43 -19.30 -0.76
N ASN C 292 3.58 -18.48 -0.16
CA ASN C 292 2.30 -18.15 -0.78
C ASN C 292 1.73 -16.88 -0.25
N LYS C 293 1.19 -16.08 -1.16
CA LYS C 293 0.57 -14.82 -0.75
C LYS C 293 -0.71 -15.01 0.01
N ILE C 294 -1.33 -16.18 -0.14
CA ILE C 294 -2.47 -16.59 0.66
C ILE C 294 -1.97 -17.20 1.95
N THR C 295 -2.43 -16.67 3.07
CA THR C 295 -2.02 -17.11 4.41
C THR C 295 -3.15 -16.91 5.42
N TYR C 296 -3.07 -17.63 6.52
CA TYR C 296 -3.98 -17.50 7.64
C TYR C 296 -3.21 -17.70 8.94
N GLY C 297 -3.42 -16.80 9.89
CA GLY C 297 -2.78 -16.86 11.21
C GLY C 297 -1.66 -15.84 11.37
N ALA C 298 -0.78 -16.09 12.33
CA ALA C 298 0.38 -15.22 12.56
C ALA C 298 1.45 -15.61 11.55
N CYS C 299 1.54 -14.87 10.46
CA CYS C 299 2.36 -15.23 9.34
C CYS C 299 3.42 -14.20 9.05
N PRO C 300 4.55 -14.65 8.47
CA PRO C 300 5.46 -13.70 7.86
C PRO C 300 4.78 -13.03 6.69
N LYS C 301 5.23 -11.82 6.36
CA LYS C 301 4.71 -11.08 5.23
C LYS C 301 5.25 -11.65 3.92
N TYR C 302 4.38 -11.77 2.93
CA TYR C 302 4.77 -12.33 1.65
C TYR C 302 5.62 -11.33 0.89
N VAL C 303 6.73 -11.81 0.34
CA VAL C 303 7.62 -10.99 -0.47
C VAL C 303 8.03 -11.74 -1.71
N LYS C 304 8.56 -11.01 -2.69
CA LYS C 304 8.95 -11.61 -3.95
C LYS C 304 10.31 -12.30 -3.88
N GLN C 305 11.16 -11.92 -2.94
CA GLN C 305 12.49 -12.47 -2.86
C GLN C 305 12.42 -13.88 -2.32
N ASN C 306 13.22 -14.79 -2.84
CA ASN C 306 13.29 -16.14 -2.26
C ASN C 306 14.34 -16.23 -1.15
N THR C 307 15.27 -15.27 -1.11
CA THR C 307 16.26 -15.19 -0.03
C THR C 307 16.62 -13.74 0.30
N LEU C 308 16.79 -13.46 1.59
CA LEU C 308 17.33 -12.18 2.07
C LEU C 308 18.12 -12.44 3.32
N LYS C 309 19.40 -12.11 3.29
CA LYS C 309 20.33 -12.48 4.35
C LYS C 309 20.67 -11.28 5.23
N LEU C 310 20.39 -11.41 6.52
CA LEU C 310 20.75 -10.43 7.51
C LEU C 310 22.10 -10.80 8.11
N ALA C 311 23.08 -9.91 7.97
CA ALA C 311 24.39 -10.11 8.53
C ALA C 311 24.30 -10.19 10.03
N THR C 312 24.90 -11.22 10.59
CA THR C 312 24.98 -11.43 12.05
C THR C 312 26.45 -11.48 12.48
N GLY C 313 27.29 -10.80 11.72
CA GLY C 313 28.69 -10.76 12.00
C GLY C 313 29.39 -9.72 11.17
N MET C 314 30.64 -9.50 11.50
CA MET C 314 31.45 -8.52 10.79
C MET C 314 31.81 -8.96 9.38
N ARG C 315 32.39 -8.01 8.68
CA ARG C 315 33.07 -8.22 7.41
C ARG C 315 34.12 -9.34 7.53
N ASN C 316 34.12 -10.29 6.60
CA ASN C 316 35.07 -11.40 6.64
C ASN C 316 36.24 -11.15 5.71
N VAL C 317 37.43 -11.00 6.30
CA VAL C 317 38.66 -10.74 5.58
C VAL C 317 39.61 -11.89 5.95
N PRO C 318 39.70 -12.94 5.11
CA PRO C 318 40.36 -14.16 5.55
C PRO C 318 41.88 -14.19 5.34
N GLU C 319 42.55 -15.15 6.00
CA GLU C 319 43.92 -15.60 5.65
C GLU C 319 44.94 -14.51 5.93
N GLY D 1 34.51 -0.51 6.09
CA GLY D 1 33.54 0.34 6.86
C GLY D 1 34.01 1.76 7.09
N LEU D 2 33.18 2.51 7.81
CA LEU D 2 33.41 3.92 8.04
C LEU D 2 34.62 4.27 8.91
N PHE D 3 35.10 3.33 9.72
CA PHE D 3 36.22 3.62 10.64
C PHE D 3 37.60 3.17 10.14
N GLY D 4 37.60 2.39 9.06
CA GLY D 4 38.83 2.05 8.37
C GLY D 4 39.72 1.10 9.14
N ALA D 5 39.17 0.33 10.07
CA ALA D 5 39.96 -0.65 10.82
C ALA D 5 39.82 -2.02 10.18
N ILE D 6 38.61 -2.57 10.18
CA ILE D 6 38.36 -3.87 9.58
C ILE D 6 38.37 -3.70 8.07
N ALA D 7 39.17 -4.51 7.39
CA ALA D 7 39.42 -4.37 5.94
C ALA D 7 40.00 -2.99 5.58
N GLY D 8 40.78 -2.44 6.52
CA GLY D 8 41.38 -1.12 6.38
C GLY D 8 42.82 -1.24 6.84
N PHE D 9 43.18 -0.55 7.94
CA PHE D 9 44.55 -0.60 8.45
C PHE D 9 44.92 -1.95 9.06
N ILE D 10 43.92 -2.70 9.53
CA ILE D 10 44.11 -4.10 9.93
C ILE D 10 43.94 -4.97 8.68
N GLU D 11 45.06 -5.56 8.26
CA GLU D 11 45.22 -6.19 6.94
C GLU D 11 44.18 -7.27 6.71
N ASN D 12 43.98 -8.10 7.73
CA ASN D 12 43.01 -9.19 7.66
C ASN D 12 42.68 -9.75 9.02
N GLY D 13 41.69 -10.63 9.04
CA GLY D 13 41.25 -11.29 10.26
C GLY D 13 42.10 -12.50 10.62
N TRP D 14 41.79 -13.06 11.78
CA TRP D 14 42.46 -14.23 12.32
C TRP D 14 41.50 -15.41 12.38
N GLU D 15 41.70 -16.39 11.49
CA GLU D 15 40.88 -17.61 11.51
C GLU D 15 41.09 -18.42 12.80
N GLY D 16 42.30 -18.34 13.34
CA GLY D 16 42.66 -19.01 14.59
C GLY D 16 41.91 -18.53 15.83
N MET D 17 41.42 -17.30 15.82
CA MET D 17 40.66 -16.77 16.96
C MET D 17 39.23 -17.31 16.97
N ILE D 18 38.99 -18.32 17.78
CA ILE D 18 37.70 -19.03 17.82
C ILE D 18 36.85 -18.71 19.05
N ASP D 19 37.41 -17.96 20.00
CA ASP D 19 36.77 -17.77 21.32
C ASP D 19 36.36 -16.31 21.56
N GLY D 20 36.16 -15.57 20.48
CA GLY D 20 35.99 -14.13 20.54
C GLY D 20 36.00 -13.52 19.14
N TRP D 21 35.48 -12.31 19.04
CA TRP D 21 35.40 -11.57 17.79
C TRP D 21 36.59 -10.63 17.61
N TYR D 22 37.06 -10.06 18.71
CA TYR D 22 38.15 -9.12 18.73
C TYR D 22 39.15 -9.63 19.74
N GLY D 23 40.43 -9.29 19.56
CA GLY D 23 41.42 -9.71 20.53
C GLY D 23 42.85 -9.28 20.28
N PHE D 24 43.75 -9.91 21.03
CA PHE D 24 45.14 -9.50 21.11
C PHE D 24 46.04 -10.66 20.68
N ARG D 25 47.09 -10.33 19.93
CA ARG D 25 48.25 -11.19 19.72
C ARG D 25 49.49 -10.43 20.14
N HIS D 26 50.41 -11.11 20.80
CA HIS D 26 51.65 -10.49 21.24
C HIS D 26 52.87 -11.32 20.90
N GLN D 27 53.99 -10.64 20.80
CA GLN D 27 55.30 -11.26 20.84
C GLN D 27 56.10 -10.51 21.90
N ASN D 28 56.68 -11.27 22.84
CA ASN D 28 57.62 -10.73 23.82
C ASN D 28 58.79 -11.70 23.95
N SER D 29 59.69 -11.44 24.90
CA SER D 29 60.84 -12.33 25.15
C SER D 29 60.46 -13.78 25.52
N GLU D 30 59.28 -13.98 26.11
CA GLU D 30 58.78 -15.31 26.48
C GLU D 30 58.06 -16.11 25.39
N GLY D 31 57.74 -15.48 24.26
CA GLY D 31 57.11 -16.16 23.12
C GLY D 31 55.90 -15.43 22.55
N THR D 32 55.06 -16.16 21.82
CA THR D 32 53.82 -15.61 21.25
C THR D 32 52.60 -16.17 21.96
N GLY D 33 51.47 -15.50 21.73
CA GLY D 33 50.19 -15.88 22.34
C GLY D 33 49.03 -15.11 21.77
N GLN D 34 47.82 -15.52 22.15
CA GLN D 34 46.59 -14.92 21.68
C GLN D 34 45.51 -14.96 22.76
N ALA D 35 44.72 -13.89 22.85
CA ALA D 35 43.56 -13.88 23.75
C ALA D 35 42.45 -13.00 23.19
N ALA D 36 41.22 -13.50 23.27
CA ALA D 36 40.03 -12.72 22.95
C ALA D 36 39.82 -11.59 23.96
N ASP D 37 39.24 -10.48 23.51
CA ASP D 37 38.73 -9.43 24.38
C ASP D 37 37.23 -9.63 24.53
N LEU D 38 36.81 -10.01 25.74
CA LEU D 38 35.42 -10.36 25.97
C LEU D 38 34.48 -9.14 25.85
N LYS D 39 34.94 -7.95 26.25
CA LYS D 39 34.09 -6.76 26.32
C LYS D 39 33.68 -6.17 24.96
N SER D 40 34.65 -5.99 24.07
CA SER D 40 34.36 -5.51 22.71
C SER D 40 33.55 -6.55 21.93
N THR D 41 33.93 -7.82 22.07
CA THR D 41 33.15 -8.92 21.52
C THR D 41 31.69 -8.85 21.95
N GLN D 42 31.46 -8.64 23.24
CA GLN D 42 30.10 -8.67 23.79
C GLN D 42 29.30 -7.43 23.37
N ALA D 43 29.93 -6.25 23.38
CA ALA D 43 29.28 -5.04 22.87
C ALA D 43 28.77 -5.17 21.42
N ALA D 44 29.53 -5.85 20.56
CA ALA D 44 29.13 -6.10 19.18
C ALA D 44 27.98 -7.10 19.12
N ILE D 45 28.12 -8.20 19.86
CA ILE D 45 27.10 -9.25 19.89
C ILE D 45 25.79 -8.74 20.48
N ASP D 46 25.83 -7.96 21.55
CA ASP D 46 24.61 -7.41 22.17
C ASP D 46 23.84 -6.51 21.21
N GLN D 47 24.56 -5.67 20.47
CA GLN D 47 23.96 -4.83 19.43
C GLN D 47 23.36 -5.62 18.27
N ILE D 48 24.07 -6.65 17.82
CA ILE D 48 23.54 -7.50 16.78
C ILE D 48 22.34 -8.32 17.28
N ASN D 49 22.40 -8.86 18.48
CA ASN D 49 21.23 -9.56 19.03
C ASN D 49 20.04 -8.62 19.12
N GLY D 50 20.32 -7.40 19.57
CA GLY D 50 19.32 -6.36 19.65
C GLY D 50 18.59 -6.13 18.35
N LYS D 51 19.32 -5.99 17.26
CA LYS D 51 18.70 -5.70 15.97
C LYS D 51 18.03 -6.94 15.36
N LEU D 52 18.60 -8.10 15.63
CA LEU D 52 18.01 -9.37 15.22
C LEU D 52 16.64 -9.56 15.86
N ASN D 53 16.56 -9.37 17.18
CA ASN D 53 15.28 -9.52 17.90
C ASN D 53 14.22 -8.50 17.49
N ARG D 54 14.62 -7.30 17.12
CA ARG D 54 13.71 -6.28 16.58
C ARG D 54 13.15 -6.69 15.23
N VAL D 55 14.00 -7.22 14.37
CA VAL D 55 13.62 -7.62 13.01
C VAL D 55 12.68 -8.82 13.02
N ILE D 56 12.91 -9.77 13.92
CA ILE D 56 12.05 -10.96 13.96
C ILE D 56 10.87 -10.80 14.92
N GLU D 57 10.59 -9.56 15.33
CA GLU D 57 9.43 -9.26 16.18
C GLU D 57 8.17 -9.71 15.45
N LYS D 58 7.63 -10.86 15.85
CA LYS D 58 6.44 -11.41 15.16
C LYS D 58 5.28 -10.43 15.46
N THR D 59 4.69 -9.79 14.45
CA THR D 59 3.77 -8.69 14.73
C THR D 59 2.53 -8.53 13.87
N ASN D 60 2.33 -9.38 12.86
CA ASN D 60 1.07 -9.31 12.12
C ASN D 60 0.40 -10.68 12.09
N GLU D 61 -0.88 -10.65 12.41
CA GLU D 61 -1.71 -11.82 12.49
C GLU D 61 -2.97 -11.47 11.71
N LYS D 62 -3.21 -12.16 10.61
CA LYS D 62 -4.35 -11.81 9.75
C LYS D 62 -5.26 -13.00 9.60
N PHE D 63 -6.55 -12.75 9.49
CA PHE D 63 -7.52 -13.81 9.41
C PHE D 63 -8.24 -13.80 8.08
N HIS D 64 -9.52 -13.42 8.04
CA HIS D 64 -10.23 -13.35 6.78
C HIS D 64 -9.75 -12.14 6.00
N GLN D 65 -9.39 -12.35 4.73
CA GLN D 65 -8.90 -11.30 3.85
C GLN D 65 -9.67 -11.42 2.54
N ILE D 66 -9.17 -10.80 1.49
CA ILE D 66 -9.71 -10.99 0.14
C ILE D 66 -9.20 -12.29 -0.51
N GLU D 67 -9.96 -12.74 -1.50
CA GLU D 67 -9.48 -13.81 -2.38
C GLU D 67 -8.34 -13.29 -3.24
N LYS D 68 -7.38 -14.16 -3.51
CA LYS D 68 -6.19 -13.80 -4.25
C LYS D 68 -5.89 -14.70 -5.46
N GLU D 69 -6.68 -15.74 -5.64
CA GLU D 69 -6.65 -16.57 -6.84
C GLU D 69 -8.07 -16.72 -7.33
N PHE D 70 -8.22 -16.81 -8.64
CA PHE D 70 -9.52 -16.75 -9.27
C PHE D 70 -9.57 -17.75 -10.40
N SER D 71 -10.67 -18.48 -10.50
CA SER D 71 -10.81 -19.51 -11.50
C SER D 71 -11.57 -19.02 -12.73
N GLU D 72 -12.27 -17.90 -12.62
CA GLU D 72 -13.07 -17.31 -13.69
C GLU D 72 -12.54 -15.91 -13.99
N VAL D 73 -12.70 -15.49 -15.24
CA VAL D 73 -12.50 -14.09 -15.61
C VAL D 73 -13.78 -13.33 -15.22
N GLU D 74 -13.64 -12.26 -14.48
CA GLU D 74 -14.79 -11.42 -14.05
C GLU D 74 -14.72 -9.95 -14.48
N GLY D 75 -13.50 -9.43 -14.67
CA GLY D 75 -13.31 -8.05 -15.07
C GLY D 75 -12.95 -7.13 -13.93
N ARG D 76 -13.73 -6.06 -13.78
CA ARG D 76 -13.36 -4.88 -13.01
C ARG D 76 -13.01 -5.12 -11.52
N ILE D 77 -13.88 -5.85 -10.82
CA ILE D 77 -13.69 -6.08 -9.39
C ILE D 77 -12.47 -6.97 -9.14
N GLN D 78 -12.28 -7.97 -9.99
CA GLN D 78 -11.14 -8.85 -9.91
C GLN D 78 -9.83 -8.14 -10.27
N ASP D 79 -9.88 -7.22 -11.24
CA ASP D 79 -8.72 -6.40 -11.58
C ASP D 79 -8.25 -5.60 -10.39
N LEU D 80 -9.21 -5.03 -9.66
CA LEU D 80 -8.92 -4.27 -8.46
C LEU D 80 -8.35 -5.15 -7.32
N GLU D 81 -8.96 -6.31 -7.07
CA GLU D 81 -8.43 -7.26 -6.10
C GLU D 81 -6.99 -7.66 -6.40
N LYS D 82 -6.69 -7.98 -7.65
CA LYS D 82 -5.33 -8.36 -8.02
C LYS D 82 -4.34 -7.22 -7.86
N TYR D 83 -4.73 -6.04 -8.34
CA TYR D 83 -3.93 -4.82 -8.21
C TYR D 83 -3.62 -4.46 -6.77
N VAL D 84 -4.61 -4.56 -5.89
CA VAL D 84 -4.39 -4.33 -4.49
C VAL D 84 -3.34 -5.29 -3.94
N GLU D 85 -3.46 -6.58 -4.21
CA GLU D 85 -2.49 -7.55 -3.67
C GLU D 85 -1.10 -7.36 -4.25
N ASP D 86 -1.03 -7.07 -5.54
CA ASP D 86 0.25 -6.85 -6.20
C ASP D 86 0.93 -5.55 -5.71
N THR D 87 0.16 -4.50 -5.46
CA THR D 87 0.67 -3.27 -4.87
C THR D 87 1.30 -3.52 -3.50
N LYS D 88 0.57 -4.26 -2.68
CA LYS D 88 0.99 -4.59 -1.35
C LYS D 88 2.30 -5.35 -1.38
N ILE D 89 2.31 -6.41 -2.18
CA ILE D 89 3.46 -7.30 -2.26
C ILE D 89 4.70 -6.55 -2.72
N ASP D 90 4.57 -5.63 -3.68
CA ASP D 90 5.72 -4.86 -4.11
C ASP D 90 6.22 -3.90 -3.04
N LEU D 91 5.31 -3.25 -2.33
CA LEU D 91 5.70 -2.36 -1.24
C LEU D 91 6.40 -3.12 -0.11
N TRP D 92 5.86 -4.27 0.28
CA TRP D 92 6.54 -5.10 1.28
C TRP D 92 7.87 -5.66 0.83
N SER D 93 7.95 -6.10 -0.43
CA SER D 93 9.21 -6.57 -1.01
C SER D 93 10.27 -5.45 -0.98
N TYR D 94 9.87 -4.25 -1.34
CA TYR D 94 10.75 -3.09 -1.24
C TYR D 94 11.20 -2.87 0.21
N ASN D 95 10.26 -2.89 1.15
CA ASN D 95 10.62 -2.70 2.55
C ASN D 95 11.63 -3.71 3.00
N ALA D 96 11.43 -4.95 2.61
CA ALA D 96 12.32 -6.03 2.98
C ALA D 96 13.73 -5.79 2.44
N GLU D 97 13.81 -5.45 1.16
CA GLU D 97 15.09 -5.18 0.48
C GLU D 97 15.84 -4.03 1.15
N LEU D 98 15.14 -2.92 1.39
CA LEU D 98 15.73 -1.77 2.07
C LEU D 98 16.20 -2.13 3.49
N LEU D 99 15.36 -2.85 4.23
CA LEU D 99 15.64 -3.17 5.62
C LEU D 99 17.00 -3.88 5.75
N VAL D 100 17.21 -4.93 4.96
CA VAL D 100 18.43 -5.68 5.06
C VAL D 100 19.65 -4.87 4.63
N ALA D 101 19.50 -4.09 3.58
CA ALA D 101 20.57 -3.23 3.13
C ALA D 101 21.04 -2.28 4.24
N LEU D 102 20.08 -1.59 4.87
CA LEU D 102 20.37 -0.66 5.96
C LEU D 102 20.96 -1.37 7.17
N GLU D 103 20.31 -2.45 7.56
CA GLU D 103 20.76 -3.27 8.67
C GLU D 103 22.17 -3.76 8.45
N ASN D 104 22.47 -4.25 7.25
CA ASN D 104 23.78 -4.85 6.98
C ASN D 104 24.89 -3.83 6.88
N GLN D 105 24.60 -2.68 6.26
CA GLN D 105 25.54 -1.58 6.23
C GLN D 105 25.90 -1.14 7.65
N HIS D 106 24.89 -1.04 8.49
CA HIS D 106 25.08 -0.65 9.86
C HIS D 106 25.83 -1.71 10.66
N THR D 107 25.54 -2.99 10.42
CA THR D 107 26.24 -4.08 11.11
C THR D 107 27.71 -4.09 10.77
N ILE D 108 28.04 -3.91 9.50
CA ILE D 108 29.42 -3.82 9.09
C ILE D 108 30.09 -2.63 9.77
N ASP D 109 29.42 -1.48 9.83
CA ASP D 109 29.98 -0.29 10.47
C ASP D 109 30.13 -0.38 11.99
N LEU D 110 29.18 -0.97 12.70
CA LEU D 110 29.30 -1.07 14.15
C LEU D 110 30.36 -2.08 14.58
N THR D 111 30.58 -3.11 13.79
CA THR D 111 31.64 -4.07 14.09
C THR D 111 33.00 -3.46 13.79
N ASP D 112 33.08 -2.67 12.71
CA ASP D 112 34.27 -1.88 12.40
C ASP D 112 34.54 -0.88 13.53
N SER D 113 33.47 -0.24 13.99
CA SER D 113 33.54 0.71 15.10
C SER D 113 34.10 0.10 16.36
N GLU D 114 33.64 -1.10 16.72
CA GLU D 114 34.14 -1.75 17.94
C GLU D 114 35.60 -2.15 17.86
N MET D 115 36.08 -2.53 16.66
CA MET D 115 37.50 -2.79 16.43
C MET D 115 38.30 -1.54 16.73
N ASN D 116 37.84 -0.43 16.19
CA ASN D 116 38.48 0.87 16.36
C ASN D 116 38.44 1.34 17.81
N LYS D 117 37.30 1.19 18.49
CA LYS D 117 37.18 1.52 19.92
C LYS D 117 38.21 0.80 20.78
N LEU D 118 38.45 -0.48 20.50
CA LEU D 118 39.38 -1.31 21.26
C LEU D 118 40.81 -0.87 20.99
N PHE D 119 41.10 -0.56 19.73
CA PHE D 119 42.39 -0.04 19.33
C PHE D 119 42.73 1.30 20.02
N GLU D 120 41.76 2.22 20.09
CA GLU D 120 41.98 3.52 20.74
C GLU D 120 42.07 3.40 22.26
N LYS D 121 41.26 2.50 22.84
CA LYS D 121 41.28 2.23 24.27
C LYS D 121 42.64 1.68 24.68
N THR D 122 43.17 0.74 23.90
CA THR D 122 44.48 0.14 24.15
C THR D 122 45.59 1.18 24.04
N GLY D 123 45.55 2.01 22.99
CA GLY D 123 46.52 3.09 22.80
C GLY D 123 46.57 4.12 23.91
N ARG D 124 45.40 4.49 24.42
CA ARG D 124 45.30 5.43 25.56
C ARG D 124 45.78 4.86 26.89
N GLN D 125 45.61 3.55 27.03
CA GLN D 125 46.09 2.79 28.19
C GLN D 125 47.62 2.82 28.25
N LEU D 126 48.26 2.62 27.11
CA LEU D 126 49.71 2.60 27.01
C LEU D 126 50.39 3.96 27.10
N ARG D 127 49.65 5.04 26.95
CA ARG D 127 50.21 6.41 27.07
C ARG D 127 51.45 6.58 26.20
N GLU D 128 52.60 6.92 26.77
CA GLU D 128 53.82 7.20 26.01
C GLU D 128 54.79 6.02 26.00
N ASN D 129 54.31 4.85 26.44
CA ASN D 129 55.14 3.65 26.51
C ASN D 129 55.05 2.79 25.25
N ALA D 130 54.33 3.25 24.23
CA ALA D 130 54.26 2.54 22.96
C ALA D 130 53.93 3.48 21.82
N GLU D 131 54.18 3.01 20.60
CA GLU D 131 53.91 3.78 19.39
C GLU D 131 53.06 2.99 18.40
N ASP D 132 52.19 3.71 17.70
CA ASP D 132 51.30 3.13 16.71
C ASP D 132 52.08 2.78 15.44
N MET D 133 52.27 1.49 15.18
CA MET D 133 52.94 1.02 13.96
C MET D 133 52.14 1.30 12.67
N GLY D 134 50.82 1.48 12.79
CA GLY D 134 49.95 1.76 11.65
C GLY D 134 49.22 0.57 11.03
N ASN D 135 49.52 -0.64 11.53
CA ASN D 135 48.95 -1.89 10.99
C ASN D 135 48.10 -2.62 12.03
N GLY D 136 47.62 -1.89 13.04
CA GLY D 136 46.87 -2.49 14.12
C GLY D 136 47.70 -2.98 15.28
N CYS D 137 49.01 -2.70 15.26
CA CYS D 137 49.92 -3.12 16.32
C CYS D 137 50.60 -1.95 17.00
N PHE D 138 50.85 -2.12 18.28
CA PHE D 138 51.67 -1.22 19.05
C PHE D 138 53.02 -1.88 19.26
N LYS D 139 54.09 -1.12 18.99
CA LYS D 139 55.42 -1.50 19.46
C LYS D 139 55.58 -0.93 20.87
N ILE D 140 55.70 -1.83 21.85
CA ILE D 140 55.90 -1.46 23.25
C ILE D 140 57.39 -1.35 23.51
N TYR D 141 57.79 -0.28 24.19
CA TYR D 141 59.20 0.09 24.34
C TYR D 141 59.78 -0.27 25.71
N HIS D 142 59.40 -1.43 26.24
CA HIS D 142 59.98 -1.92 27.48
C HIS D 142 59.77 -3.43 27.57
N LYS D 143 60.45 -4.05 28.54
CA LYS D 143 60.31 -5.50 28.74
C LYS D 143 58.94 -5.77 29.35
N CYS D 144 58.11 -6.46 28.57
CA CYS D 144 56.74 -6.73 28.94
C CYS D 144 56.56 -8.24 28.94
N ASP D 145 56.85 -8.83 30.11
CA ASP D 145 56.58 -10.25 30.39
C ASP D 145 55.08 -10.59 30.33
N ASN D 146 54.76 -11.88 30.35
CA ASN D 146 53.36 -12.32 30.24
C ASN D 146 52.42 -11.70 31.27
N ALA D 147 52.92 -11.40 32.48
CA ALA D 147 52.15 -10.68 33.50
C ALA D 147 51.75 -9.29 33.01
N CYS D 148 52.71 -8.59 32.42
CA CYS D 148 52.51 -7.26 31.85
C CYS D 148 51.52 -7.27 30.68
N ILE D 149 51.57 -8.29 29.83
CA ILE D 149 50.65 -8.38 28.70
C ILE D 149 49.23 -8.54 29.21
N GLU D 150 49.01 -9.48 30.13
CA GLU D 150 47.68 -9.72 30.71
C GLU D 150 47.18 -8.50 31.50
N SER D 151 48.10 -7.66 32.00
CA SER D 151 47.72 -6.39 32.63
C SER D 151 47.13 -5.41 31.63
N ILE D 152 47.67 -5.43 30.42
CA ILE D 152 47.15 -4.62 29.32
C ILE D 152 45.77 -5.14 28.91
N ARG D 153 45.64 -6.46 28.79
CA ARG D 153 44.40 -7.06 28.31
C ARG D 153 43.23 -6.96 29.29
N ASN D 154 43.48 -7.04 30.60
CA ASN D 154 42.42 -6.91 31.61
C ASN D 154 42.32 -5.52 32.29
N GLY D 155 42.94 -4.51 31.69
CA GLY D 155 42.79 -3.12 32.13
C GLY D 155 43.44 -2.72 33.44
N THR D 156 44.58 -3.34 33.79
CA THR D 156 45.31 -3.01 35.03
C THR D 156 46.75 -2.51 34.81
N TYR D 157 47.08 -2.21 33.55
CA TYR D 157 48.42 -1.73 33.18
C TYR D 157 48.66 -0.32 33.70
N ASP D 158 49.53 -0.22 34.71
CA ASP D 158 49.93 1.07 35.24
C ASP D 158 51.09 1.57 34.40
N HIS D 159 50.85 2.61 33.61
CA HIS D 159 51.85 3.13 32.69
C HIS D 159 53.03 3.83 33.40
N ASP D 160 52.78 4.38 34.60
CA ASP D 160 53.84 5.06 35.37
C ASP D 160 55.02 4.14 35.74
N VAL D 161 54.71 2.87 35.99
CA VAL D 161 55.72 1.88 36.37
C VAL D 161 56.81 1.77 35.30
N TYR D 162 56.40 1.64 34.04
CA TYR D 162 57.32 1.42 32.92
C TYR D 162 57.73 2.69 32.16
N ARG D 163 57.28 3.86 32.58
CA ARG D 163 57.42 5.08 31.77
C ARG D 163 58.86 5.51 31.53
N ASP D 164 59.64 5.62 32.60
CA ASP D 164 61.05 6.04 32.51
C ASP D 164 61.88 5.07 31.64
N GLU D 165 61.71 3.77 31.88
CA GLU D 165 62.28 2.72 31.04
C GLU D 165 61.93 2.90 29.55
N ALA D 166 60.66 3.20 29.28
CA ALA D 166 60.13 3.28 27.91
C ALA D 166 60.53 4.56 27.19
N LEU D 167 60.38 5.68 27.89
CA LEU D 167 60.78 6.99 27.35
C LEU D 167 62.22 7.04 26.89
N ASN D 168 63.11 6.31 27.58
CA ASN D 168 64.52 6.27 27.21
C ASN D 168 64.78 5.49 25.91
N ASN D 169 64.12 4.34 25.76
CA ASN D 169 64.19 3.54 24.53
C ASN D 169 63.62 4.22 23.28
N ARG D 170 62.69 5.17 23.48
CA ARG D 170 62.08 5.93 22.38
C ARG D 170 62.93 7.13 21.93
N PHE D 171 63.43 7.88 22.93
CA PHE D 171 64.22 9.12 22.74
C PHE D 171 65.63 8.98 23.33
N PRO E 3 53.52 20.99 39.15
CA PRO E 3 52.27 21.69 39.48
C PRO E 3 51.42 21.98 38.25
N GLY E 4 50.80 20.93 37.72
CA GLY E 4 50.05 20.99 36.46
C GLY E 4 48.56 21.29 36.60
N ALA E 5 47.77 20.76 35.66
CA ALA E 5 46.34 21.03 35.58
C ALA E 5 45.61 19.95 34.76
N THR E 6 44.40 19.58 35.20
CA THR E 6 43.56 18.61 34.50
C THR E 6 42.47 19.37 33.74
N LEU E 7 42.22 18.96 32.50
CA LEU E 7 41.10 19.48 31.70
C LEU E 7 40.26 18.31 31.22
N CYS E 8 39.03 18.23 31.72
CA CYS E 8 38.11 17.13 31.42
C CYS E 8 37.01 17.55 30.47
N LEU E 9 36.85 16.79 29.39
CA LEU E 9 35.74 16.95 28.45
C LEU E 9 34.57 16.11 28.90
N GLY E 10 33.38 16.61 28.61
CA GLY E 10 32.15 15.92 28.96
C GLY E 10 30.90 16.47 28.29
N HIS E 11 29.79 15.85 28.66
CA HIS E 11 28.49 16.15 28.10
C HIS E 11 27.47 16.23 29.22
N HIS E 12 26.32 16.82 28.92
CA HIS E 12 25.27 16.97 29.90
C HIS E 12 24.46 15.68 30.12
N ALA E 13 23.72 15.67 31.20
CA ALA E 13 22.79 14.60 31.50
C ALA E 13 21.66 15.23 32.28
N VAL E 14 20.59 14.46 32.47
CA VAL E 14 19.45 14.88 33.26
C VAL E 14 19.17 13.79 34.28
N PRO E 15 18.45 14.12 35.37
CA PRO E 15 18.07 13.05 36.32
C PRO E 15 17.03 12.10 35.72
N ASN E 16 16.07 12.65 34.98
CA ASN E 16 14.89 11.93 34.49
C ASN E 16 14.81 11.93 32.95
N GLY E 17 15.48 10.99 32.32
CA GLY E 17 15.51 10.86 30.86
C GLY E 17 14.23 10.27 30.28
N THR E 18 14.23 10.04 28.97
CA THR E 18 13.09 9.45 28.24
C THR E 18 13.54 8.23 27.46
N LEU E 19 12.68 7.22 27.35
CA LEU E 19 12.99 6.03 26.53
C LEU E 19 12.61 6.23 25.07
N VAL E 20 13.49 5.76 24.19
CA VAL E 20 13.22 5.70 22.76
C VAL E 20 13.69 4.38 22.17
N LYS E 21 13.21 4.07 20.98
CA LYS E 21 13.59 2.86 20.27
C LYS E 21 14.63 3.23 19.21
N THR E 22 15.55 2.32 18.94
CA THR E 22 16.58 2.48 17.92
C THR E 22 16.62 1.20 17.09
N ILE E 23 17.58 1.11 16.17
CA ILE E 23 17.80 -0.12 15.40
C ILE E 23 18.17 -1.29 16.31
N THR E 24 19.05 -1.05 17.26
CA THR E 24 19.59 -2.09 18.12
C THR E 24 18.88 -2.26 19.45
N ASP E 25 18.22 -1.24 19.97
CA ASP E 25 17.60 -1.32 21.31
C ASP E 25 16.13 -0.95 21.25
N ASP E 26 15.27 -1.81 21.79
CA ASP E 26 13.85 -1.50 21.99
C ASP E 26 13.57 -0.34 22.95
N GLN E 27 14.45 -0.19 23.93
CA GLN E 27 14.35 0.88 24.92
C GLN E 27 15.75 1.37 25.23
N ILE E 28 16.00 2.64 24.96
CA ILE E 28 17.25 3.26 25.38
C ILE E 28 16.97 4.68 25.84
N GLU E 29 17.67 5.09 26.88
CA GLU E 29 17.35 6.34 27.56
C GLU E 29 18.12 7.50 26.94
N VAL E 30 17.42 8.58 26.63
CA VAL E 30 18.00 9.81 26.04
C VAL E 30 17.55 11.01 26.87
N THR E 31 18.24 12.14 26.69
CA THR E 31 18.01 13.32 27.54
C THR E 31 16.66 13.96 27.30
N ASN E 32 16.11 13.82 26.09
CA ASN E 32 14.85 14.43 25.72
C ASN E 32 14.34 13.72 24.45
N ALA E 33 13.02 13.77 24.27
CA ALA E 33 12.40 13.29 23.05
C ALA E 33 11.08 14.02 22.82
N THR E 34 10.50 13.82 21.65
CA THR E 34 9.27 14.50 21.26
C THR E 34 8.32 13.49 20.62
N GLU E 35 7.04 13.59 20.98
CA GLU E 35 6.01 12.64 20.57
C GLU E 35 5.59 12.88 19.13
N LEU E 36 5.60 11.84 18.31
CA LEU E 36 5.20 11.96 16.92
C LEU E 36 3.79 11.41 16.64
N VAL E 37 3.11 10.84 17.63
CA VAL E 37 1.75 10.31 17.44
C VAL E 37 0.74 11.13 18.24
N GLN E 38 -0.21 11.73 17.53
CA GLN E 38 -1.33 12.41 18.17
C GLN E 38 -2.31 11.37 18.69
N SER E 39 -2.47 11.24 20.00
CA SER E 39 -3.33 10.20 20.57
C SER E 39 -4.62 10.72 21.23
N SER E 40 -4.80 12.03 21.30
CA SER E 40 -5.97 12.63 21.95
C SER E 40 -6.68 13.61 21.05
N SER E 41 -7.92 13.92 21.42
CA SER E 41 -8.79 14.84 20.70
C SER E 41 -9.51 15.73 21.70
N THR E 42 -9.99 16.88 21.24
CA THR E 42 -10.86 17.73 22.06
C THR E 42 -12.19 17.08 22.43
N GLY E 43 -12.67 16.17 21.60
CA GLY E 43 -14.04 15.65 21.71
C GLY E 43 -15.05 16.45 20.90
N LYS E 44 -14.57 17.49 20.20
CA LYS E 44 -15.41 18.46 19.52
C LYS E 44 -14.93 18.69 18.09
N ILE E 45 -15.87 18.77 17.16
CA ILE E 45 -15.59 19.12 15.78
C ILE E 45 -15.57 20.65 15.66
N CYS E 46 -14.43 21.18 15.30
CA CYS E 46 -14.28 22.62 15.09
C CYS E 46 -14.99 23.08 13.82
N ASN E 47 -15.71 24.19 13.93
CA ASN E 47 -16.51 24.73 12.83
C ASN E 47 -15.77 25.62 11.82
N ASN E 48 -14.49 25.89 12.06
CA ASN E 48 -13.59 26.54 11.09
C ASN E 48 -12.32 25.65 10.93
N PRO E 49 -11.64 25.71 9.77
CA PRO E 49 -12.01 26.51 8.59
C PRO E 49 -12.93 25.81 7.60
N HIS E 50 -13.30 24.55 7.82
CA HIS E 50 -14.18 23.83 6.93
C HIS E 50 -15.64 24.12 7.28
N ARG E 51 -16.48 24.26 6.27
CA ARG E 51 -17.92 24.40 6.44
C ARG E 51 -18.56 23.06 6.89
N ILE E 52 -18.88 22.99 8.20
CA ILE E 52 -19.49 21.80 8.79
C ILE E 52 -20.99 21.97 8.77
N LEU E 53 -21.69 20.96 8.29
CA LEU E 53 -23.13 20.98 8.27
C LEU E 53 -23.56 19.80 9.10
N ASP E 54 -24.21 20.09 10.21
CA ASP E 54 -24.73 19.11 11.13
C ASP E 54 -26.04 18.60 10.59
N GLY E 55 -26.11 17.30 10.36
CA GLY E 55 -27.36 16.68 9.91
C GLY E 55 -28.48 16.66 10.92
N ILE E 56 -28.15 16.74 12.21
CA ILE E 56 -29.13 16.64 13.29
C ILE E 56 -29.94 15.34 13.13
N ASP E 57 -31.22 15.41 12.79
CA ASP E 57 -32.07 14.23 12.66
C ASP E 57 -32.09 13.65 11.26
N CYS E 58 -31.24 14.14 10.36
CA CYS E 58 -31.32 13.80 8.95
C CYS E 58 -30.06 13.11 8.42
N THR E 59 -30.28 12.08 7.62
CA THR E 59 -29.24 11.52 6.79
C THR E 59 -29.16 12.39 5.57
N LEU E 60 -28.01 12.37 4.92
CA LEU E 60 -27.83 13.07 3.67
C LEU E 60 -28.88 12.66 2.64
N ILE E 61 -29.22 11.37 2.57
CA ILE E 61 -30.17 10.88 1.58
C ILE E 61 -31.59 11.39 1.82
N ASP E 62 -32.02 11.41 3.08
CA ASP E 62 -33.33 11.99 3.40
C ASP E 62 -33.40 13.49 3.08
N ALA E 63 -32.30 14.21 3.29
CA ALA E 63 -32.20 15.61 2.92
C ALA E 63 -32.25 15.79 1.42
N LEU E 64 -31.58 14.91 0.70
CA LEU E 64 -31.61 14.87 -0.76
C LEU E 64 -33.03 14.66 -1.28
N LEU E 65 -33.68 13.59 -0.84
CA LEU E 65 -35.02 13.24 -1.29
C LEU E 65 -36.06 14.26 -0.87
N GLY E 66 -35.85 14.86 0.30
CA GLY E 66 -36.74 15.87 0.83
C GLY E 66 -37.83 15.29 1.73
N ASP E 67 -37.42 14.45 2.66
CA ASP E 67 -38.24 14.04 3.81
C ASP E 67 -38.63 15.34 4.54
N PRO E 68 -39.92 15.53 4.88
CA PRO E 68 -40.40 16.78 5.53
C PRO E 68 -39.58 17.34 6.69
N HIS E 69 -39.16 16.50 7.62
CA HIS E 69 -38.32 17.00 8.74
C HIS E 69 -36.91 17.41 8.30
N CYS E 70 -36.53 17.10 7.06
CA CYS E 70 -35.28 17.53 6.43
C CYS E 70 -35.41 18.71 5.46
N ASP E 71 -36.57 19.35 5.38
CA ASP E 71 -36.73 20.47 4.44
C ASP E 71 -35.86 21.69 4.72
N VAL E 72 -35.46 21.85 5.97
CA VAL E 72 -34.51 22.90 6.33
C VAL E 72 -33.14 22.76 5.62
N PHE E 73 -32.80 21.57 5.14
CA PHE E 73 -31.54 21.36 4.40
C PHE E 73 -31.61 21.68 2.91
N GLN E 74 -32.79 22.01 2.38
CA GLN E 74 -32.92 22.39 0.97
C GLN E 74 -31.89 23.41 0.55
N ASN E 75 -31.21 23.12 -0.56
CA ASN E 75 -30.18 23.99 -1.13
C ASN E 75 -28.97 24.30 -0.19
N GLU E 76 -28.75 23.49 0.85
CA GLU E 76 -27.59 23.66 1.72
C GLU E 76 -26.32 23.19 1.05
N THR E 77 -25.21 23.64 1.59
CA THR E 77 -23.88 23.23 1.14
C THR E 77 -22.99 22.90 2.31
N TRP E 78 -21.91 22.21 2.03
CA TRP E 78 -21.00 21.75 3.06
C TRP E 78 -19.64 21.43 2.49
N ASP E 79 -18.63 21.50 3.34
CA ASP E 79 -17.37 20.83 3.11
C ASP E 79 -17.45 19.44 3.75
N LEU E 80 -17.99 19.36 4.96
CA LEU E 80 -18.21 18.09 5.63
C LEU E 80 -19.60 18.01 6.21
N PHE E 81 -20.38 17.06 5.71
CA PHE E 81 -21.70 16.75 6.24
C PHE E 81 -21.52 15.74 7.37
N VAL E 82 -22.10 16.03 8.53
CA VAL E 82 -21.94 15.15 9.69
C VAL E 82 -23.25 14.43 9.97
N GLU E 83 -23.31 13.13 9.69
CA GLU E 83 -24.50 12.33 10.02
C GLU E 83 -24.45 11.86 11.45
N ARG E 84 -25.56 12.01 12.18
CA ARG E 84 -25.65 11.59 13.59
C ARG E 84 -26.36 10.25 13.72
N SER E 85 -26.04 9.50 14.78
CA SER E 85 -26.63 8.19 15.00
C SER E 85 -28.11 8.25 15.38
N LYS E 86 -28.56 9.39 15.93
CA LYS E 86 -29.97 9.60 16.19
C LYS E 86 -30.83 9.90 14.94
N ALA E 87 -30.23 10.02 13.76
CA ALA E 87 -30.98 10.38 12.54
C ALA E 87 -32.00 9.31 12.22
N PHE E 88 -33.18 9.74 11.77
CA PHE E 88 -34.28 8.83 11.45
C PHE E 88 -35.00 9.29 10.20
N SER E 89 -35.66 8.33 9.53
CA SER E 89 -36.51 8.62 8.39
C SER E 89 -37.95 8.74 8.84
N ASN E 90 -38.73 9.56 8.14
CA ASN E 90 -40.11 9.79 8.51
C ASN E 90 -41.02 10.12 7.33
N CYS E 91 -40.74 9.51 6.20
CA CYS E 91 -41.54 9.70 5.00
C CYS E 91 -41.93 8.29 4.50
N TYR E 92 -42.21 8.16 3.21
CA TYR E 92 -42.59 6.88 2.62
C TYR E 92 -41.40 5.93 2.77
N PRO E 93 -41.64 4.67 3.14
CA PRO E 93 -40.52 3.76 3.28
C PRO E 93 -39.90 3.43 1.92
N TYR E 94 -38.58 3.45 1.88
CA TYR E 94 -37.84 3.32 0.63
C TYR E 94 -36.55 2.54 0.85
N ASP E 95 -35.99 2.04 -0.23
CA ASP E 95 -34.60 1.57 -0.21
C ASP E 95 -33.89 2.18 -1.40
N VAL E 96 -32.56 2.23 -1.31
CA VAL E 96 -31.72 2.65 -2.39
C VAL E 96 -30.76 1.52 -2.71
N PRO E 97 -31.00 0.81 -3.83
CA PRO E 97 -29.95 -0.10 -4.31
C PRO E 97 -28.67 0.72 -4.58
N ASP E 98 -27.58 0.30 -3.99
CA ASP E 98 -26.36 1.10 -4.00
C ASP E 98 -26.54 2.45 -3.28
N TYR E 99 -27.14 2.37 -2.10
CA TYR E 99 -27.23 3.47 -1.15
C TYR E 99 -25.87 4.13 -0.96
N ALA E 100 -24.86 3.32 -0.68
CA ALA E 100 -23.53 3.81 -0.38
C ALA E 100 -22.97 4.69 -1.52
N SER E 101 -23.21 4.33 -2.77
CA SER E 101 -22.70 5.11 -3.91
C SER E 101 -23.43 6.44 -4.06
N LEU E 102 -24.75 6.45 -3.91
CA LEU E 102 -25.50 7.70 -4.01
C LEU E 102 -25.06 8.67 -2.90
N ARG E 103 -25.01 8.16 -1.67
CA ARG E 103 -24.53 8.94 -0.54
C ARG E 103 -23.14 9.51 -0.80
N SER E 104 -22.28 8.69 -1.35
CA SER E 104 -20.92 9.09 -1.65
C SER E 104 -20.84 10.18 -2.73
N LEU E 105 -21.58 10.05 -3.81
CA LEU E 105 -21.48 11.05 -4.85
C LEU E 105 -22.18 12.37 -4.48
N VAL E 106 -23.27 12.31 -3.72
CA VAL E 106 -23.88 13.53 -3.23
C VAL E 106 -22.94 14.21 -2.23
N ALA E 107 -22.40 13.45 -1.28
CA ALA E 107 -21.51 14.00 -0.26
C ALA E 107 -20.33 14.73 -0.88
N SER E 108 -19.81 14.13 -1.93
CA SER E 108 -18.67 14.62 -2.68
C SER E 108 -18.96 15.89 -3.50
N SER E 109 -20.17 15.94 -4.05
CA SER E 109 -20.67 17.13 -4.75
C SER E 109 -20.79 18.36 -3.82
N GLY E 110 -21.13 18.15 -2.57
CA GLY E 110 -21.03 19.20 -1.56
C GLY E 110 -22.20 20.18 -1.51
N THR E 111 -23.28 19.88 -2.22
CA THR E 111 -24.43 20.77 -2.36
C THR E 111 -25.71 19.98 -2.63
N LEU E 112 -26.83 20.51 -2.16
CA LEU E 112 -28.17 19.99 -2.50
C LEU E 112 -28.95 20.97 -3.39
N GLU E 113 -28.24 21.87 -4.09
CA GLU E 113 -28.86 22.81 -5.01
C GLU E 113 -29.74 22.10 -6.00
N PHE E 114 -31.05 22.40 -5.96
CA PHE E 114 -32.03 21.76 -6.81
C PHE E 114 -32.61 22.78 -7.78
N ILE E 115 -32.71 22.41 -9.04
CA ILE E 115 -33.22 23.27 -10.10
C ILE E 115 -34.42 22.54 -10.66
N THR E 116 -35.60 23.12 -10.50
CA THR E 116 -36.85 22.53 -10.98
C THR E 116 -36.90 22.63 -12.49
N GLU E 117 -37.44 21.58 -13.13
CA GLU E 117 -37.54 21.50 -14.59
C GLU E 117 -38.96 21.18 -14.96
N GLY E 118 -39.42 21.73 -16.07
CA GLY E 118 -40.79 21.55 -16.52
C GLY E 118 -41.01 20.25 -17.26
N PHE E 119 -41.11 19.15 -16.51
CA PHE E 119 -41.51 17.87 -17.08
C PHE E 119 -43.00 17.92 -17.33
N THR E 120 -43.42 17.38 -18.46
CA THR E 120 -44.84 17.35 -18.84
C THR E 120 -45.34 15.92 -18.73
N TRP E 121 -46.14 15.65 -17.73
CA TRP E 121 -46.69 14.30 -17.52
C TRP E 121 -48.15 14.29 -17.98
N THR E 122 -48.34 14.12 -19.27
CA THR E 122 -49.66 14.19 -19.89
C THR E 122 -50.46 12.92 -19.57
N GLY E 123 -51.65 13.14 -18.99
CA GLY E 123 -52.61 12.06 -18.76
C GLY E 123 -52.47 11.33 -17.44
N VAL E 124 -51.73 11.90 -16.48
CA VAL E 124 -51.65 11.33 -15.13
C VAL E 124 -51.91 12.39 -14.09
N THR E 125 -52.20 11.96 -12.88
CA THR E 125 -52.36 12.85 -11.74
C THR E 125 -50.99 12.99 -11.10
N GLN E 126 -50.61 14.21 -10.78
CA GLN E 126 -49.33 14.50 -10.12
C GLN E 126 -49.53 14.69 -8.63
N ASN E 127 -48.41 14.85 -7.93
CA ASN E 127 -48.39 15.24 -6.52
C ASN E 127 -49.12 14.31 -5.58
N GLY E 128 -49.01 13.01 -5.85
CA GLY E 128 -49.56 12.00 -4.96
C GLY E 128 -48.86 12.05 -3.62
N GLY E 129 -49.58 11.65 -2.57
CA GLY E 129 -49.04 11.61 -1.21
C GLY E 129 -49.62 10.50 -0.37
N SER E 130 -49.18 10.44 0.88
CA SER E 130 -49.48 9.31 1.76
C SER E 130 -49.39 9.75 3.19
N ASN E 131 -50.16 9.08 4.05
CA ASN E 131 -50.08 9.33 5.50
C ASN E 131 -48.76 8.85 6.12
N ALA E 132 -48.00 8.08 5.38
CA ALA E 132 -46.63 7.73 5.76
C ALA E 132 -45.69 8.93 5.85
N CYS E 133 -46.03 9.98 5.12
CA CYS E 133 -45.17 11.15 4.97
C CYS E 133 -45.98 12.44 5.15
N LYS E 134 -46.40 12.69 6.39
CA LYS E 134 -47.25 13.83 6.74
C LYS E 134 -46.56 15.15 6.49
N ARG E 135 -47.31 16.05 5.90
CA ARG E 135 -46.85 17.39 5.58
C ARG E 135 -47.98 18.33 5.92
N GLY E 136 -47.84 19.08 7.00
CA GLY E 136 -48.88 20.02 7.42
C GLY E 136 -50.08 19.24 7.90
N PRO E 137 -51.29 19.72 7.59
CA PRO E 137 -52.50 19.02 8.06
C PRO E 137 -52.81 17.68 7.36
N GLY E 138 -52.36 17.49 6.14
CA GLY E 138 -52.62 16.27 5.37
C GLY E 138 -51.45 15.36 5.07
N SER E 139 -51.74 14.44 4.16
CA SER E 139 -50.73 13.57 3.58
C SER E 139 -49.77 14.34 2.69
N GLY E 140 -48.59 13.76 2.48
CA GLY E 140 -47.56 14.34 1.62
C GLY E 140 -46.57 13.31 1.11
N PHE E 141 -45.41 13.81 0.70
CA PHE E 141 -44.42 13.02 -0.01
C PHE E 141 -43.09 13.75 -0.01
N PHE E 142 -42.04 13.06 -0.48
CA PHE E 142 -40.70 13.67 -0.66
C PHE E 142 -40.81 14.93 -1.51
N SER E 143 -40.21 16.04 -1.07
CA SER E 143 -40.35 17.30 -1.83
C SER E 143 -39.79 17.28 -3.24
N ARG E 144 -38.73 16.49 -3.46
CA ARG E 144 -38.05 16.42 -4.76
C ARG E 144 -38.54 15.32 -5.70
N LEU E 145 -39.58 14.59 -5.30
CA LEU E 145 -40.15 13.53 -6.09
C LEU E 145 -41.63 13.75 -6.31
N ASN E 146 -42.15 13.21 -7.40
CA ASN E 146 -43.51 13.50 -7.87
C ASN E 146 -44.21 12.18 -8.12
N TRP E 147 -45.12 11.80 -7.23
CA TRP E 147 -45.79 10.52 -7.33
C TRP E 147 -46.93 10.62 -8.35
N LEU E 148 -46.74 9.98 -9.50
CA LEU E 148 -47.72 10.01 -10.58
C LEU E 148 -48.64 8.82 -10.46
N THR E 149 -49.94 9.06 -10.60
CA THR E 149 -50.96 8.00 -10.57
C THR E 149 -51.95 8.26 -11.70
N LYS E 150 -52.88 7.34 -11.90
CA LYS E 150 -53.83 7.43 -13.01
C LYS E 150 -54.66 8.71 -12.97
N SER E 151 -55.14 9.10 -14.13
CA SER E 151 -56.09 10.20 -14.30
C SER E 151 -57.31 9.61 -14.99
N GLY E 152 -58.47 9.89 -14.43
CA GLY E 152 -59.68 9.18 -14.81
C GLY E 152 -59.48 7.70 -14.51
N SER E 153 -59.40 6.92 -15.58
CA SER E 153 -59.16 5.48 -15.47
C SER E 153 -58.11 5.00 -16.48
N THR E 154 -57.09 5.83 -16.70
CA THR E 154 -56.01 5.52 -17.64
C THR E 154 -54.69 6.03 -17.09
N TYR E 155 -53.64 5.28 -17.39
CA TYR E 155 -52.26 5.70 -17.16
C TYR E 155 -51.59 5.45 -18.50
N PRO E 156 -51.43 6.52 -19.31
CA PRO E 156 -50.86 6.31 -20.64
C PRO E 156 -49.37 6.09 -20.54
N VAL E 157 -48.74 5.66 -21.63
CA VAL E 157 -47.29 5.54 -21.69
C VAL E 157 -46.70 6.95 -21.54
N LEU E 158 -45.94 7.16 -20.48
CA LEU E 158 -45.28 8.44 -20.26
C LEU E 158 -43.97 8.40 -20.98
N ASN E 159 -43.73 9.45 -21.78
CA ASN E 159 -42.53 9.54 -22.58
C ASN E 159 -42.09 11.00 -22.57
N VAL E 160 -41.06 11.33 -21.81
CA VAL E 160 -40.56 12.71 -21.75
C VAL E 160 -39.07 12.80 -21.88
N THR E 161 -38.62 13.99 -22.27
CA THR E 161 -37.22 14.26 -22.61
C THR E 161 -36.75 15.54 -21.97
N MET E 162 -35.51 15.54 -21.52
CA MET E 162 -34.90 16.71 -20.88
C MET E 162 -33.41 16.79 -21.26
N PRO E 163 -33.08 17.68 -22.21
CA PRO E 163 -31.67 17.79 -22.61
C PRO E 163 -30.88 18.62 -21.61
N ASN E 164 -29.60 18.30 -21.50
CA ASN E 164 -28.66 19.10 -20.72
C ASN E 164 -27.89 20.00 -21.65
N ASN E 165 -28.34 21.25 -21.76
CA ASN E 165 -27.62 22.26 -22.55
C ASN E 165 -26.74 23.13 -21.66
N ASP E 166 -26.62 22.75 -20.38
CA ASP E 166 -25.71 23.43 -19.46
C ASP E 166 -24.31 22.85 -19.59
N ASN E 167 -23.35 23.43 -18.88
CA ASN E 167 -21.95 22.96 -18.90
C ASN E 167 -21.53 22.28 -17.58
N PHE E 168 -22.51 21.78 -16.82
CA PHE E 168 -22.29 21.04 -15.59
C PHE E 168 -23.10 19.74 -15.64
N ASP E 169 -22.71 18.77 -14.81
CA ASP E 169 -23.45 17.51 -14.70
C ASP E 169 -24.75 17.73 -13.93
N LYS E 170 -25.81 17.10 -14.38
CA LYS E 170 -27.08 17.10 -13.72
C LYS E 170 -27.30 15.76 -13.07
N LEU E 171 -27.70 15.75 -11.80
CA LEU E 171 -28.07 14.53 -11.10
C LEU E 171 -29.58 14.47 -10.98
N TYR E 172 -30.19 13.45 -11.57
CA TYR E 172 -31.62 13.23 -11.45
C TYR E 172 -31.88 12.08 -10.51
N ILE E 173 -32.76 12.31 -9.55
CA ILE E 173 -33.19 11.29 -8.60
C ILE E 173 -34.60 10.92 -8.96
N TRP E 174 -34.86 9.63 -9.08
CA TRP E 174 -36.17 9.13 -9.43
C TRP E 174 -36.39 7.81 -8.74
N GLY E 175 -37.58 7.26 -8.88
CA GLY E 175 -37.94 6.08 -8.15
C GLY E 175 -38.94 5.21 -8.85
N VAL E 176 -39.20 4.07 -8.21
CA VAL E 176 -40.16 3.10 -8.66
C VAL E 176 -40.96 2.63 -7.45
N HIS E 177 -42.28 2.63 -7.58
CA HIS E 177 -43.16 2.22 -6.52
C HIS E 177 -43.45 0.70 -6.59
N HIS E 178 -43.31 0.03 -5.46
CA HIS E 178 -43.59 -1.38 -5.34
C HIS E 178 -44.83 -1.55 -4.47
N PRO E 179 -46.04 -1.68 -5.09
CA PRO E 179 -47.23 -1.85 -4.27
C PRO E 179 -47.23 -3.15 -3.50
N SER E 180 -48.06 -3.24 -2.48
CA SER E 180 -48.18 -4.46 -1.68
C SER E 180 -49.13 -5.50 -2.26
N THR E 181 -50.11 -5.09 -3.05
CA THR E 181 -51.09 -6.02 -3.66
C THR E 181 -51.38 -5.64 -5.10
N ASN E 182 -51.95 -6.57 -5.85
CA ASN E 182 -52.39 -6.31 -7.22
C ASN E 182 -53.51 -5.30 -7.27
N GLN E 183 -54.35 -5.31 -6.23
CA GLN E 183 -55.44 -4.35 -6.11
C GLN E 183 -54.89 -2.93 -6.00
N GLU E 184 -53.79 -2.75 -5.28
CA GLU E 184 -53.12 -1.46 -5.14
C GLU E 184 -52.48 -1.04 -6.48
N GLN E 185 -51.78 -1.97 -7.12
CA GLN E 185 -51.15 -1.74 -8.44
C GLN E 185 -52.14 -1.22 -9.47
N THR E 186 -53.21 -1.96 -9.70
CA THR E 186 -54.17 -1.64 -10.76
C THR E 186 -55.03 -0.42 -10.38
N SER E 187 -55.29 -0.28 -9.10
CA SER E 187 -55.95 0.91 -8.57
C SER E 187 -55.14 2.18 -8.86
N LEU E 188 -53.84 2.11 -8.61
CA LEU E 188 -52.95 3.28 -8.80
C LEU E 188 -52.52 3.53 -10.24
N TYR E 189 -52.22 2.46 -10.97
CA TYR E 189 -51.59 2.57 -12.31
C TYR E 189 -52.32 1.90 -13.48
N VAL E 190 -53.51 1.35 -13.24
CA VAL E 190 -54.30 0.59 -14.24
C VAL E 190 -53.61 -0.70 -14.67
N GLN E 191 -52.48 -0.59 -15.37
CA GLN E 191 -51.74 -1.76 -15.87
C GLN E 191 -51.35 -2.68 -14.72
N ALA E 192 -51.41 -3.97 -14.98
CA ALA E 192 -51.15 -5.01 -13.98
C ALA E 192 -49.68 -5.09 -13.56
N SER E 193 -48.79 -4.63 -14.43
CA SER E 193 -47.37 -4.61 -14.18
C SER E 193 -46.78 -3.36 -14.83
N GLY E 194 -46.26 -2.46 -14.00
CA GLY E 194 -45.62 -1.26 -14.50
C GLY E 194 -44.23 -1.52 -15.02
N ARG E 195 -43.57 -0.44 -15.43
CA ARG E 195 -42.21 -0.50 -15.90
C ARG E 195 -41.68 0.94 -16.02
N VAL E 196 -40.43 1.12 -15.63
CA VAL E 196 -39.76 2.41 -15.70
C VAL E 196 -38.43 2.25 -16.41
N THR E 197 -38.22 3.03 -17.47
CA THR E 197 -36.98 3.03 -18.25
C THR E 197 -36.43 4.45 -18.28
N VAL E 198 -35.23 4.66 -17.75
CA VAL E 198 -34.59 5.97 -17.70
C VAL E 198 -33.25 5.87 -18.39
N SER E 199 -33.05 6.69 -19.42
CA SER E 199 -31.91 6.51 -20.31
C SER E 199 -31.27 7.81 -20.71
N THR E 200 -29.97 7.74 -20.98
CA THR E 200 -29.21 8.77 -21.68
C THR E 200 -28.78 8.19 -23.03
N ARG E 201 -28.00 8.91 -23.82
CA ARG E 201 -27.53 8.40 -25.11
C ARG E 201 -26.78 7.08 -25.03
N ARG E 202 -25.94 6.95 -24.01
CA ARG E 202 -25.02 5.80 -23.92
C ARG E 202 -25.43 4.75 -22.90
N SER E 203 -26.28 5.10 -21.93
CA SER E 203 -26.69 4.15 -20.89
C SER E 203 -28.18 4.12 -20.62
N GLN E 204 -28.63 3.10 -19.90
CA GLN E 204 -30.03 2.94 -19.54
C GLN E 204 -30.20 2.09 -18.29
N GLN E 205 -31.26 2.38 -17.54
CA GLN E 205 -31.70 1.56 -16.43
C GLN E 205 -33.14 1.23 -16.68
N THR E 206 -33.52 -0.05 -16.58
CA THR E 206 -34.93 -0.44 -16.59
C THR E 206 -35.25 -1.27 -15.37
N ILE E 207 -36.30 -0.87 -14.66
CA ILE E 207 -36.74 -1.49 -13.43
C ILE E 207 -38.16 -1.98 -13.63
N ILE E 208 -38.39 -3.27 -13.38
CA ILE E 208 -39.75 -3.84 -13.30
C ILE E 208 -40.13 -3.81 -11.81
N PRO E 209 -41.27 -3.19 -11.45
CA PRO E 209 -41.74 -3.23 -10.07
C PRO E 209 -42.16 -4.62 -9.65
N ASN E 210 -42.18 -4.82 -8.34
CA ASN E 210 -42.40 -6.12 -7.72
C ASN E 210 -43.49 -6.00 -6.65
N ILE E 211 -44.62 -6.62 -6.92
CA ILE E 211 -45.76 -6.51 -6.04
C ILE E 211 -45.60 -7.52 -4.92
N GLY E 212 -45.94 -7.13 -3.70
CA GLY E 212 -45.89 -8.03 -2.54
C GLY E 212 -45.74 -7.30 -1.23
N SER E 213 -46.11 -7.95 -0.12
CA SER E 213 -46.04 -7.30 1.19
C SER E 213 -44.62 -7.29 1.70
N ARG E 214 -44.24 -6.15 2.23
CA ARG E 214 -43.07 -5.99 3.06
C ARG E 214 -43.59 -5.74 4.47
N PRO E 215 -42.67 -5.64 5.46
CA PRO E 215 -43.16 -5.29 6.78
C PRO E 215 -43.67 -3.88 6.81
N TRP E 216 -44.67 -3.67 7.66
CA TRP E 216 -45.35 -2.42 7.82
C TRP E 216 -44.37 -1.41 8.41
N VAL E 217 -44.19 -0.29 7.70
CA VAL E 217 -43.44 0.85 8.20
C VAL E 217 -44.30 2.07 7.96
N ARG E 218 -44.58 2.83 9.02
CA ARG E 218 -45.34 4.07 8.94
C ARG E 218 -46.56 3.94 8.02
N MET E 219 -47.45 3.02 8.35
CA MET E 219 -48.79 2.86 7.71
C MET E 219 -48.78 2.05 6.39
N THR E 220 -47.65 1.54 5.90
CA THR E 220 -47.63 0.89 4.58
C THR E 220 -46.69 -0.32 4.48
N SER E 221 -47.19 -1.34 3.79
CA SER E 221 -46.41 -2.50 3.37
C SER E 221 -45.75 -2.29 2.01
N ALA E 222 -46.05 -1.19 1.32
CA ALA E 222 -45.42 -0.92 0.04
C ALA E 222 -44.09 -0.23 0.25
N ARG E 223 -43.32 -0.13 -0.83
CA ARG E 223 -41.99 0.50 -0.84
C ARG E 223 -41.73 1.31 -2.09
N ILE E 224 -40.79 2.24 -1.99
CA ILE E 224 -40.23 2.92 -3.14
C ILE E 224 -38.76 2.52 -3.25
N SER E 225 -38.28 2.30 -4.47
CA SER E 225 -36.86 2.12 -4.71
C SER E 225 -36.31 3.35 -5.41
N ILE E 226 -35.22 3.90 -4.89
CA ILE E 226 -34.62 5.11 -5.42
C ILE E 226 -33.46 4.78 -6.35
N TYR E 227 -33.47 5.39 -7.54
CA TYR E 227 -32.40 5.32 -8.51
C TYR E 227 -31.94 6.70 -8.89
N TRP E 228 -30.76 6.78 -9.49
CA TRP E 228 -30.22 8.04 -9.98
C TRP E 228 -29.60 7.92 -11.35
N THR E 229 -29.57 9.04 -12.05
CA THR E 229 -28.99 9.12 -13.39
C THR E 229 -28.26 10.45 -13.46
N ILE E 230 -27.01 10.42 -13.85
CA ILE E 230 -26.25 11.63 -14.12
C ILE E 230 -26.27 11.86 -15.61
N VAL E 231 -26.58 13.09 -15.99
CA VAL E 231 -26.64 13.51 -17.39
C VAL E 231 -25.52 14.52 -17.61
N LYS E 232 -24.62 14.22 -18.53
CA LYS E 232 -23.48 15.07 -18.79
C LYS E 232 -23.83 16.19 -19.75
N PRO E 233 -22.99 17.25 -19.78
CA PRO E 233 -23.19 18.31 -20.78
C PRO E 233 -23.20 17.73 -22.17
N GLY E 234 -24.23 18.07 -22.94
CA GLY E 234 -24.42 17.55 -24.28
C GLY E 234 -25.33 16.32 -24.38
N ASP E 235 -25.56 15.65 -23.26
CA ASP E 235 -26.35 14.42 -23.26
C ASP E 235 -27.84 14.77 -23.08
N VAL E 236 -28.70 13.75 -23.03
CA VAL E 236 -30.12 13.97 -22.87
C VAL E 236 -30.73 12.88 -21.97
N LEU E 237 -31.69 13.24 -21.13
CA LEU E 237 -32.43 12.29 -20.32
C LEU E 237 -33.70 11.93 -21.06
N VAL E 238 -34.06 10.65 -21.06
CA VAL E 238 -35.38 10.21 -21.48
C VAL E 238 -35.96 9.33 -20.37
N ILE E 239 -37.20 9.60 -19.99
CA ILE E 239 -37.93 8.77 -19.04
C ILE E 239 -39.13 8.21 -19.76
N ASN E 240 -39.31 6.90 -19.65
CA ASN E 240 -40.39 6.16 -20.29
C ASN E 240 -41.00 5.23 -19.26
N SER E 241 -42.33 5.23 -19.14
CA SER E 241 -43.00 4.40 -18.14
C SER E 241 -44.47 4.19 -18.43
N ASN E 242 -44.96 2.96 -18.20
CA ASN E 242 -46.38 2.64 -18.26
C ASN E 242 -46.96 2.39 -16.84
N GLY E 243 -46.29 2.88 -15.81
CA GLY E 243 -46.75 2.71 -14.45
C GLY E 243 -45.62 2.67 -13.45
N ASN E 244 -45.93 3.07 -12.22
CA ASN E 244 -45.06 2.93 -11.06
C ASN E 244 -43.88 3.93 -11.00
N LEU E 245 -43.89 4.94 -11.85
CA LEU E 245 -42.85 5.94 -11.86
C LEU E 245 -43.07 6.93 -10.71
N ILE E 246 -42.00 7.14 -9.95
CA ILE E 246 -41.90 8.24 -9.00
C ILE E 246 -40.95 9.24 -9.67
N ALA E 247 -41.53 10.26 -10.29
CA ALA E 247 -40.80 11.11 -11.21
C ALA E 247 -39.92 12.13 -10.52
N PRO E 248 -38.84 12.54 -11.18
CA PRO E 248 -38.07 13.68 -10.67
C PRO E 248 -38.81 14.96 -10.93
N ARG E 249 -38.60 15.97 -10.09
CA ARG E 249 -39.16 17.31 -10.32
C ARG E 249 -38.11 18.23 -10.98
N GLY E 250 -36.89 17.73 -11.11
CA GLY E 250 -35.77 18.53 -11.57
C GLY E 250 -34.46 17.82 -11.27
N TYR E 251 -33.39 18.59 -11.17
CA TYR E 251 -32.07 18.00 -11.04
C TYR E 251 -31.29 18.68 -9.96
N PHE E 252 -30.31 17.95 -9.44
CA PHE E 252 -29.33 18.50 -8.53
C PHE E 252 -28.10 18.93 -9.30
N LYS E 253 -27.63 20.13 -9.03
CA LYS E 253 -26.47 20.66 -9.74
C LYS E 253 -25.25 20.08 -9.07
N MET E 254 -24.45 19.36 -9.82
CA MET E 254 -23.26 18.68 -9.31
C MET E 254 -22.05 19.60 -9.40
N ARG E 255 -21.19 19.47 -8.38
CA ARG E 255 -19.87 20.10 -8.37
C ARG E 255 -18.84 19.03 -8.04
N THR E 256 -17.58 19.36 -8.26
CA THR E 256 -16.49 18.57 -7.72
C THR E 256 -15.74 19.51 -6.81
N GLY E 257 -15.11 18.94 -5.80
CA GLY E 257 -14.36 19.73 -4.85
C GLY E 257 -13.92 18.91 -3.68
N LYS E 258 -13.75 19.59 -2.55
CA LYS E 258 -13.22 19.01 -1.34
C LYS E 258 -14.28 18.42 -0.41
N SER E 259 -15.53 18.28 -0.85
CA SER E 259 -16.61 17.95 0.09
C SER E 259 -16.64 16.46 0.41
N SER E 260 -17.16 16.13 1.58
CA SER E 260 -17.31 14.75 2.01
C SER E 260 -18.37 14.65 3.11
N ILE E 261 -18.39 13.50 3.78
CA ILE E 261 -19.38 13.18 4.77
C ILE E 261 -18.73 12.31 5.82
N MET E 262 -19.21 12.39 7.06
CA MET E 262 -18.67 11.63 8.16
C MET E 262 -19.74 11.27 9.16
N ARG E 263 -19.62 10.08 9.76
CA ARG E 263 -20.49 9.66 10.85
C ARG E 263 -19.83 10.02 12.16
N SER E 264 -20.55 10.73 13.01
CA SER E 264 -20.00 11.19 14.29
C SER E 264 -21.10 11.70 15.21
N ASP E 265 -20.88 11.53 16.50
CA ASP E 265 -21.71 12.16 17.51
C ASP E 265 -20.96 13.26 18.31
N ALA E 266 -19.80 13.68 17.84
CA ALA E 266 -19.07 14.75 18.50
C ALA E 266 -19.85 16.08 18.31
N PRO E 267 -19.98 16.89 19.36
CA PRO E 267 -20.60 18.21 19.14
C PRO E 267 -19.70 19.16 18.31
N ILE E 268 -20.34 20.08 17.61
CA ILE E 268 -19.66 21.11 16.85
C ILE E 268 -19.39 22.30 17.77
N ASP E 269 -18.17 22.83 17.75
CA ASP E 269 -17.74 23.95 18.60
C ASP E 269 -17.15 25.08 17.74
N THR E 270 -17.07 26.28 18.32
CA THR E 270 -16.41 27.42 17.66
C THR E 270 -14.92 27.40 18.01
N CYS E 271 -14.12 26.86 17.09
CA CYS E 271 -12.64 26.80 17.21
C CYS E 271 -12.09 26.58 15.79
N ILE E 272 -10.76 26.52 15.66
CA ILE E 272 -10.10 26.35 14.36
C ILE E 272 -9.28 25.07 14.36
N SER E 273 -9.57 24.17 13.43
CA SER E 273 -8.79 22.93 13.29
C SER E 273 -8.91 22.38 11.89
N GLU E 274 -7.76 22.16 11.27
CA GLU E 274 -7.69 21.64 9.90
C GLU E 274 -8.13 20.19 9.78
N CYS E 275 -7.87 19.39 10.83
CA CYS E 275 -8.12 17.95 10.81
C CYS E 275 -9.33 17.56 11.66
N ILE E 276 -10.25 16.83 11.06
CA ILE E 276 -11.46 16.39 11.72
C ILE E 276 -11.51 14.87 11.73
N THR E 277 -11.83 14.29 12.90
CA THR E 277 -12.12 12.88 13.01
C THR E 277 -13.49 12.72 13.63
N PRO E 278 -14.06 11.52 13.58
CA PRO E 278 -15.32 11.27 14.28
C PRO E 278 -15.27 11.52 15.79
N ASN E 279 -14.09 11.36 16.39
CA ASN E 279 -13.88 11.61 17.80
C ASN E 279 -13.82 13.09 18.12
N GLY E 280 -13.71 13.92 17.09
CA GLY E 280 -13.59 15.35 17.20
C GLY E 280 -12.36 15.78 16.42
N SER E 281 -12.03 17.06 16.48
CA SER E 281 -10.89 17.61 15.82
C SER E 281 -9.63 17.20 16.53
N ILE E 282 -8.55 17.07 15.79
CA ILE E 282 -7.22 16.84 16.37
C ILE E 282 -6.23 17.83 15.78
N PRO E 283 -5.19 18.18 16.54
CA PRO E 283 -4.13 18.99 15.97
C PRO E 283 -3.32 18.19 14.97
N ASN E 284 -2.68 18.89 14.04
CA ASN E 284 -1.89 18.24 13.00
C ASN E 284 -0.43 18.67 13.00
N ASP E 285 0.09 19.08 14.16
CA ASP E 285 1.53 19.37 14.26
C ASP E 285 2.38 18.11 14.20
N LYS E 286 1.83 16.96 14.60
CA LYS E 286 2.55 15.69 14.55
C LYS E 286 2.29 14.94 13.24
N PRO E 287 3.27 14.16 12.75
CA PRO E 287 3.08 13.48 11.46
C PRO E 287 2.16 12.25 11.50
N PHE E 288 1.99 11.64 12.65
CA PHE E 288 1.17 10.45 12.80
C PHE E 288 0.05 10.64 13.83
N GLN E 289 -0.96 9.79 13.77
CA GLN E 289 -2.03 9.83 14.76
C GLN E 289 -2.66 8.48 14.95
N ASN E 290 -3.23 8.30 16.12
CA ASN E 290 -3.79 7.02 16.58
C ASN E 290 -5.23 7.20 17.02
N VAL E 291 -5.86 8.28 16.62
CA VAL E 291 -7.18 8.61 17.10
C VAL E 291 -8.21 7.86 16.29
N ASN E 292 -8.18 8.05 14.97
CA ASN E 292 -9.15 7.37 14.11
C ASN E 292 -8.66 7.29 12.70
N LYS E 293 -8.88 6.15 12.08
CA LYS E 293 -8.49 5.97 10.67
C LYS E 293 -9.36 6.75 9.73
N ILE E 294 -10.55 7.13 10.19
CA ILE E 294 -11.42 8.06 9.48
C ILE E 294 -11.01 9.47 9.81
N THR E 295 -10.71 10.26 8.79
CA THR E 295 -10.26 11.63 8.93
C THR E 295 -10.71 12.48 7.73
N TYR E 296 -10.75 13.80 7.94
CA TYR E 296 -11.02 14.76 6.90
C TYR E 296 -10.15 15.99 7.11
N GLY E 297 -9.50 16.46 6.06
CA GLY E 297 -8.65 17.65 6.10
C GLY E 297 -7.17 17.37 6.09
N ALA E 298 -6.37 18.32 6.55
CA ALA E 298 -4.92 18.15 6.64
C ALA E 298 -4.61 17.38 7.91
N CYS E 299 -4.43 16.07 7.78
CA CYS E 299 -4.37 15.20 8.94
C CYS E 299 -3.05 14.47 9.03
N PRO E 300 -2.64 14.13 10.26
CA PRO E 300 -1.57 13.15 10.39
C PRO E 300 -2.04 11.81 9.85
N LYS E 301 -1.09 10.98 9.43
CA LYS E 301 -1.38 9.66 8.94
C LYS E 301 -1.71 8.70 10.10
N TYR E 302 -2.73 7.87 9.93
CA TYR E 302 -3.14 6.96 10.96
C TYR E 302 -2.15 5.82 11.10
N VAL E 303 -1.76 5.51 12.33
CA VAL E 303 -0.87 4.40 12.63
C VAL E 303 -1.39 3.61 13.81
N LYS E 304 -0.90 2.39 13.96
CA LYS E 304 -1.34 1.51 15.04
C LYS E 304 -0.70 1.85 16.38
N GLN E 305 0.46 2.49 16.38
CA GLN E 305 1.16 2.78 17.62
C GLN E 305 0.46 3.89 18.35
N ASN E 306 0.36 3.81 19.67
CA ASN E 306 -0.19 4.92 20.44
C ASN E 306 0.89 5.95 20.83
N THR E 307 2.15 5.54 20.78
CA THR E 307 3.28 6.45 21.03
C THR E 307 4.49 6.11 20.15
N LEU E 308 5.17 7.13 19.65
CA LEU E 308 6.45 6.98 18.98
C LEU E 308 7.28 8.20 19.26
N LYS E 309 8.42 7.98 19.91
CA LYS E 309 9.26 9.04 20.42
C LYS E 309 10.46 9.26 19.54
N LEU E 310 10.61 10.50 19.05
CA LEU E 310 11.79 10.94 18.33
C LEU E 310 12.75 11.58 19.32
N ALA E 311 13.94 11.01 19.42
CA ALA E 311 14.98 11.53 20.27
C ALA E 311 15.39 12.91 19.79
N THR E 312 15.40 13.86 20.72
CA THR E 312 15.81 15.24 20.46
C THR E 312 17.01 15.61 21.34
N GLY E 313 17.79 14.60 21.69
CA GLY E 313 18.92 14.77 22.56
C GLY E 313 19.77 13.52 22.59
N MET E 314 20.94 13.67 23.18
CA MET E 314 21.86 12.56 23.29
C MET E 314 21.40 11.48 24.25
N ARG E 315 22.16 10.40 24.23
CA ARG E 315 22.09 9.33 25.21
C ARG E 315 22.27 9.90 26.64
N ASN E 316 21.40 9.51 27.57
CA ASN E 316 21.46 10.00 28.94
C ASN E 316 22.19 9.02 29.82
N VAL E 317 23.34 9.44 30.34
CA VAL E 317 24.15 8.64 31.26
C VAL E 317 24.30 9.46 32.52
N PRO E 318 23.47 9.20 33.55
CA PRO E 318 23.57 10.01 34.78
C PRO E 318 24.66 9.54 35.76
N GLU E 319 24.99 10.43 36.70
CA GLU E 319 26.15 10.25 37.63
C GLU E 319 26.12 8.97 38.48
N GLY F 1 27.31 4.69 21.32
CA GLY F 1 27.36 5.01 19.86
C GLY F 1 28.64 4.57 19.14
N LEU F 2 28.70 4.91 17.86
CA LEU F 2 29.78 4.47 16.99
C LEU F 2 31.16 5.05 17.32
N PHE F 3 31.23 6.17 18.02
CA PHE F 3 32.53 6.82 18.32
C PHE F 3 33.10 6.52 19.69
N GLY F 4 32.29 5.88 20.54
CA GLY F 4 32.76 5.36 21.81
C GLY F 4 33.12 6.41 22.82
N ALA F 5 32.55 7.62 22.70
CA ALA F 5 32.81 8.69 23.67
C ALA F 5 31.69 8.73 24.69
N ILE F 6 30.48 9.02 24.24
CA ILE F 6 29.32 9.09 25.14
C ILE F 6 28.94 7.65 25.50
N ALA F 7 28.82 7.38 26.80
CA ALA F 7 28.61 6.03 27.32
C ALA F 7 29.74 5.06 26.91
N GLY F 8 30.94 5.61 26.76
CA GLY F 8 32.11 4.87 26.30
C GLY F 8 33.27 5.27 27.19
N PHE F 9 34.30 5.93 26.63
CA PHE F 9 35.46 6.35 27.42
C PHE F 9 35.14 7.49 28.39
N ILE F 10 34.11 8.29 28.09
CA ILE F 10 33.58 9.27 29.03
C ILE F 10 32.53 8.56 29.89
N GLU F 11 32.87 8.41 31.18
CA GLU F 11 32.15 7.51 32.11
C GLU F 11 30.68 7.85 32.19
N ASN F 12 30.38 9.14 32.29
CA ASN F 12 29.00 9.60 32.38
C ASN F 12 28.87 11.08 32.11
N GLY F 13 27.61 11.53 32.03
CA GLY F 13 27.31 12.94 31.83
C GLY F 13 27.35 13.76 33.11
N TRP F 14 27.18 15.07 32.94
CA TRP F 14 27.17 16.03 34.03
C TRP F 14 25.78 16.65 34.17
N GLU F 15 25.07 16.28 35.24
CA GLU F 15 23.76 16.89 35.53
C GLU F 15 23.89 18.39 35.85
N GLY F 16 25.04 18.77 36.42
CA GLY F 16 25.33 20.16 36.73
C GLY F 16 25.45 21.10 35.55
N MET F 17 25.79 20.57 34.37
CA MET F 17 25.90 21.40 33.17
C MET F 17 24.52 21.71 32.58
N ILE F 18 24.02 22.90 32.87
CA ILE F 18 22.67 23.32 32.49
C ILE F 18 22.63 24.31 31.33
N ASP F 19 23.80 24.80 30.89
CA ASP F 19 23.88 25.90 29.92
C ASP F 19 24.50 25.46 28.59
N GLY F 20 24.44 24.15 28.32
CA GLY F 20 25.15 23.57 27.18
C GLY F 20 25.03 22.06 27.18
N TRP F 21 25.33 21.46 26.04
CA TRP F 21 25.29 20.00 25.87
C TRP F 21 26.65 19.37 26.08
N TYR F 22 27.69 20.07 25.64
CA TYR F 22 29.07 19.62 25.75
C TYR F 22 29.82 20.72 26.45
N GLY F 23 30.91 20.36 27.13
CA GLY F 23 31.74 21.36 27.77
C GLY F 23 32.96 20.88 28.51
N PHE F 24 33.53 21.79 29.30
CA PHE F 24 34.82 21.61 29.94
C PHE F 24 34.69 21.71 31.45
N ARG F 25 35.41 20.83 32.14
CA ARG F 25 35.71 20.98 33.56
C ARG F 25 37.21 20.95 33.74
N HIS F 26 37.73 21.80 34.61
CA HIS F 26 39.16 21.87 34.87
C HIS F 26 39.48 21.89 36.35
N GLN F 27 40.68 21.44 36.65
CA GLN F 27 41.32 21.69 37.93
C GLN F 27 42.70 22.28 37.62
N ASN F 28 43.00 23.42 38.21
CA ASN F 28 44.35 24.00 38.16
C ASN F 28 44.71 24.50 39.55
N SER F 29 45.85 25.19 39.68
CA SER F 29 46.28 25.76 40.97
C SER F 29 45.28 26.74 41.60
N GLU F 30 44.48 27.43 40.77
CA GLU F 30 43.46 28.38 41.25
C GLU F 30 42.11 27.80 41.66
N GLY F 31 41.85 26.51 41.35
CA GLY F 31 40.62 25.83 41.76
C GLY F 31 39.94 25.07 40.63
N THR F 32 38.64 24.78 40.81
CA THR F 32 37.86 24.09 39.79
C THR F 32 36.84 25.02 39.14
N GLY F 33 36.30 24.56 38.02
CA GLY F 33 35.32 25.32 37.24
C GLY F 33 34.70 24.53 36.12
N GLN F 34 33.70 25.11 35.47
CA GLN F 34 32.96 24.47 34.39
C GLN F 34 32.50 25.51 33.37
N ALA F 35 32.53 25.15 32.09
CA ALA F 35 31.99 26.00 31.04
C ALA F 35 31.49 25.17 29.87
N ALA F 36 30.31 25.53 29.37
CA ALA F 36 29.76 24.94 28.14
C ALA F 36 30.58 25.34 26.92
N ASP F 37 30.64 24.47 25.92
CA ASP F 37 31.14 24.80 24.57
C ASP F 37 29.95 25.09 23.67
N LEU F 38 29.81 26.34 23.28
CA LEU F 38 28.66 26.77 22.50
C LEU F 38 28.63 26.14 21.08
N LYS F 39 29.79 25.94 20.47
CA LYS F 39 29.86 25.51 19.07
C LYS F 39 29.46 24.04 18.83
N SER F 40 29.99 23.12 19.64
CA SER F 40 29.61 21.71 19.54
C SER F 40 28.15 21.53 19.93
N THR F 41 27.74 22.20 21.01
CA THR F 41 26.34 22.24 21.41
C THR F 41 25.43 22.67 20.25
N GLN F 42 25.81 23.73 19.55
CA GLN F 42 24.97 24.28 18.49
C GLN F 42 24.94 23.37 17.25
N ALA F 43 26.10 22.82 16.88
CA ALA F 43 26.16 21.83 15.79
C ALA F 43 25.22 20.62 16.00
N ALA F 44 25.11 20.15 17.24
CA ALA F 44 24.19 19.05 17.58
C ALA F 44 22.75 19.50 17.49
N ILE F 45 22.46 20.65 18.10
CA ILE F 45 21.10 21.20 18.12
C ILE F 45 20.61 21.54 16.71
N ASP F 46 21.45 22.13 15.88
CA ASP F 46 21.06 22.47 14.50
C ASP F 46 20.69 21.24 13.68
N GLN F 47 21.49 20.18 13.82
CA GLN F 47 21.20 18.90 13.18
C GLN F 47 19.93 18.23 13.68
N ILE F 48 19.70 18.28 14.98
CA ILE F 48 18.49 17.72 15.55
C ILE F 48 17.26 18.54 15.12
N ASN F 49 17.36 19.87 15.16
CA ASN F 49 16.24 20.70 14.68
C ASN F 49 15.96 20.42 13.21
N GLY F 50 17.03 20.25 12.44
CA GLY F 50 16.94 19.92 11.05
C GLY F 50 16.13 18.68 10.79
N LYS F 51 16.41 17.60 11.52
CA LYS F 51 15.73 16.34 11.29
C LYS F 51 14.30 16.36 11.85
N LEU F 52 14.11 17.08 12.94
CA LEU F 52 12.79 17.29 13.51
C LEU F 52 11.87 18.00 12.50
N ASN F 53 12.34 19.10 11.92
CA ASN F 53 11.54 19.86 10.95
C ASN F 53 11.24 19.10 9.65
N ARG F 54 12.15 18.23 9.23
CA ARG F 54 11.91 17.34 8.07
C ARG F 54 10.82 16.32 8.37
N VAL F 55 10.86 15.74 9.56
CA VAL F 55 9.88 14.73 9.97
C VAL F 55 8.51 15.35 10.20
N ILE F 56 8.50 16.56 10.74
CA ILE F 56 7.32 17.28 11.13
C ILE F 56 6.70 18.11 10.00
N GLU F 57 7.11 17.87 8.74
CA GLU F 57 6.68 18.63 7.60
C GLU F 57 5.28 18.16 7.17
N LYS F 58 4.29 19.02 7.41
CA LYS F 58 2.89 18.65 7.16
C LYS F 58 2.71 18.51 5.67
N THR F 59 2.32 17.32 5.19
CA THR F 59 2.14 17.08 3.74
C THR F 59 1.07 16.05 3.37
N ASN F 60 0.00 15.98 4.14
CA ASN F 60 -1.05 15.01 3.92
C ASN F 60 -2.35 15.75 4.03
N GLU F 61 -3.07 15.93 2.92
CA GLU F 61 -4.35 16.56 2.94
C GLU F 61 -5.29 15.70 2.13
N LYS F 62 -6.26 15.06 2.77
CA LYS F 62 -7.19 14.19 2.08
C LYS F 62 -8.59 14.65 2.37
N PHE F 63 -9.48 14.49 1.40
CA PHE F 63 -10.87 14.89 1.57
C PHE F 63 -11.78 13.69 1.50
N HIS F 64 -12.54 13.51 0.41
CA HIS F 64 -13.40 12.35 0.30
C HIS F 64 -12.55 11.10 0.06
N GLN F 65 -12.80 10.05 0.84
CA GLN F 65 -12.09 8.79 0.77
C GLN F 65 -13.14 7.69 0.75
N ILE F 66 -12.71 6.47 0.98
CA ILE F 66 -13.61 5.33 1.14
C ILE F 66 -14.22 5.25 2.54
N GLU F 67 -15.36 4.58 2.66
CA GLU F 67 -15.90 4.22 3.96
C GLU F 67 -14.99 3.18 4.62
N LYS F 68 -14.87 3.29 5.93
CA LYS F 68 -13.98 2.44 6.71
C LYS F 68 -14.67 1.76 7.89
N GLU F 69 -15.94 2.09 8.16
CA GLU F 69 -16.77 1.40 9.11
C GLU F 69 -18.07 1.07 8.42
N PHE F 70 -18.64 -0.07 8.80
CA PHE F 70 -19.79 -0.64 8.12
C PHE F 70 -20.75 -1.20 9.14
N SER F 71 -22.02 -0.94 8.95
CA SER F 71 -23.04 -1.38 9.88
C SER F 71 -23.72 -2.68 9.43
N GLU F 72 -23.54 -3.07 8.17
CA GLU F 72 -24.11 -4.27 7.58
C GLU F 72 -22.99 -5.18 7.09
N VAL F 73 -23.25 -6.47 7.10
CA VAL F 73 -22.41 -7.44 6.42
C VAL F 73 -22.80 -7.41 4.93
N GLU F 74 -21.83 -7.23 4.04
CA GLU F 74 -22.10 -7.19 2.59
C GLU F 74 -21.33 -8.20 1.76
N GLY F 75 -20.16 -8.64 2.24
CA GLY F 75 -19.34 -9.60 1.55
C GLY F 75 -18.18 -8.96 0.78
N ARG F 76 -18.11 -9.28 -0.51
CA ARG F 76 -16.89 -9.12 -1.31
C ARG F 76 -16.34 -7.67 -1.40
N ILE F 77 -17.22 -6.71 -1.70
CA ILE F 77 -16.78 -5.33 -1.89
C ILE F 77 -16.31 -4.72 -0.56
N GLN F 78 -17.00 -5.05 0.53
CA GLN F 78 -16.61 -4.61 1.85
C GLN F 78 -15.31 -5.29 2.33
N ASP F 79 -15.12 -6.56 1.99
CA ASP F 79 -13.86 -7.25 2.29
C ASP F 79 -12.68 -6.54 1.63
N LEU F 80 -12.87 -6.11 0.39
CA LEU F 80 -11.85 -5.35 -0.33
C LEU F 80 -11.57 -3.98 0.28
N GLU F 81 -12.63 -3.23 0.60
CA GLU F 81 -12.48 -1.96 1.31
C GLU F 81 -11.71 -2.10 2.60
N LYS F 82 -12.05 -3.09 3.42
CA LYS F 82 -11.35 -3.29 4.69
C LYS F 82 -9.89 -3.68 4.50
N TYR F 83 -9.65 -4.60 3.57
CA TYR F 83 -8.29 -5.04 3.23
C TYR F 83 -7.41 -3.91 2.73
N VAL F 84 -7.96 -3.06 1.87
CA VAL F 84 -7.24 -1.89 1.42
C VAL F 84 -6.82 -1.01 2.60
N GLU F 85 -7.76 -0.69 3.49
CA GLU F 85 -7.43 0.20 4.63
C GLU F 85 -6.45 -0.44 5.59
N ASP F 86 -6.62 -1.73 5.84
CA ASP F 86 -5.74 -2.46 6.74
C ASP F 86 -4.32 -2.61 6.16
N THR F 87 -4.21 -2.82 4.85
CA THR F 87 -2.91 -2.84 4.17
C THR F 87 -2.17 -1.54 4.34
N LYS F 88 -2.90 -0.45 4.10
CA LYS F 88 -2.37 0.89 4.18
C LYS F 88 -1.84 1.15 5.57
N ILE F 89 -2.70 0.92 6.55
CA ILE F 89 -2.38 1.20 7.95
C ILE F 89 -1.14 0.42 8.41
N ASP F 90 -1.01 -0.84 8.00
CA ASP F 90 0.18 -1.60 8.36
C ASP F 90 1.43 -1.07 7.69
N LEU F 91 1.35 -0.69 6.43
CA LEU F 91 2.49 -0.11 5.74
C LEU F 91 2.93 1.20 6.36
N TRP F 92 1.97 2.07 6.67
CA TRP F 92 2.31 3.33 7.35
C TRP F 92 2.83 3.14 8.76
N SER F 93 2.25 2.22 9.51
CA SER F 93 2.74 1.89 10.85
C SER F 93 4.19 1.40 10.79
N TYR F 94 4.48 0.54 9.82
CA TYR F 94 5.84 0.09 9.59
C TYR F 94 6.77 1.27 9.26
N ASN F 95 6.34 2.14 8.35
CA ASN F 95 7.16 3.29 8.00
C ASN F 95 7.48 4.13 9.20
N ALA F 96 6.48 4.35 10.04
CA ALA F 96 6.65 5.15 11.25
C ALA F 96 7.68 4.51 12.18
N GLU F 97 7.51 3.22 12.43
CA GLU F 97 8.42 2.45 13.29
C GLU F 97 9.86 2.49 12.79
N LEU F 98 10.05 2.21 11.51
CA LEU F 98 11.39 2.27 10.89
C LEU F 98 11.98 3.69 10.98
N LEU F 99 11.18 4.70 10.68
CA LEU F 99 11.66 6.08 10.64
C LEU F 99 12.30 6.47 11.97
N VAL F 100 11.59 6.23 13.06
CA VAL F 100 12.05 6.61 14.39
C VAL F 100 13.30 5.82 14.77
N ALA F 101 13.32 4.54 14.47
CA ALA F 101 14.48 3.71 14.78
C ALA F 101 15.72 4.26 14.09
N LEU F 102 15.63 4.53 12.78
CA LEU F 102 16.76 5.08 12.02
C LEU F 102 17.16 6.45 12.49
N GLU F 103 16.17 7.32 12.66
CA GLU F 103 16.39 8.66 13.18
C GLU F 103 17.07 8.64 14.53
N ASN F 104 16.61 7.77 15.43
CA ASN F 104 17.14 7.75 16.80
C ASN F 104 18.53 7.15 16.89
N GLN F 105 18.79 6.11 16.11
CA GLN F 105 20.13 5.54 16.00
C GLN F 105 21.10 6.60 15.52
N HIS F 106 20.69 7.35 14.50
CA HIS F 106 21.50 8.39 13.94
C HIS F 106 21.70 9.54 14.92
N THR F 107 20.66 9.92 15.67
CA THR F 107 20.75 11.00 16.64
C THR F 107 21.73 10.65 17.75
N ILE F 108 21.67 9.41 18.24
CA ILE F 108 22.61 8.96 19.23
C ILE F 108 24.03 9.00 18.67
N ASP F 109 24.22 8.57 17.42
CA ASP F 109 25.54 8.59 16.80
C ASP F 109 26.11 9.99 16.50
N LEU F 110 25.29 10.92 16.04
CA LEU F 110 25.78 12.26 15.73
C LEU F 110 26.11 13.05 16.99
N THR F 111 25.40 12.80 18.08
CA THR F 111 25.71 13.47 19.34
C THR F 111 26.98 12.88 19.95
N ASP F 112 27.15 11.57 19.81
CA ASP F 112 28.40 10.89 20.18
C ASP F 112 29.55 11.43 19.34
N SER F 113 29.30 11.60 18.05
CA SER F 113 30.27 12.17 17.12
C SER F 113 30.73 13.55 17.51
N GLU F 114 29.80 14.43 17.89
CA GLU F 114 30.15 15.79 18.31
C GLU F 114 30.99 15.83 19.59
N MET F 115 30.72 14.92 20.52
CA MET F 115 31.55 14.78 21.74
C MET F 115 32.97 14.46 21.34
N ASN F 116 33.11 13.50 20.44
CA ASN F 116 34.41 13.06 19.95
C ASN F 116 35.13 14.14 19.15
N LYS F 117 34.42 14.85 18.29
CA LYS F 117 34.99 15.99 17.53
C LYS F 117 35.62 17.03 18.44
N LEU F 118 34.94 17.34 19.54
CA LEU F 118 35.42 18.36 20.49
C LEU F 118 36.63 17.88 21.25
N PHE F 119 36.60 16.61 21.63
CA PHE F 119 37.74 15.96 22.25
C PHE F 119 39.00 15.95 21.37
N GLU F 120 38.85 15.63 20.08
CA GLU F 120 39.98 15.61 19.15
C GLU F 120 40.47 17.01 18.80
N LYS F 121 39.55 17.96 18.68
CA LYS F 121 39.88 19.37 18.44
C LYS F 121 40.71 19.92 19.58
N THR F 122 40.29 19.62 20.82
CA THR F 122 41.00 20.07 22.01
C THR F 122 42.40 19.44 22.08
N GLY F 123 42.50 18.14 21.83
CA GLY F 123 43.78 17.42 21.81
C GLY F 123 44.78 17.93 20.79
N ARG F 124 44.30 18.28 19.60
CA ARG F 124 45.15 18.87 18.55
C ARG F 124 45.62 20.28 18.84
N GLN F 125 44.78 21.02 19.57
CA GLN F 125 45.09 22.36 20.02
C GLN F 125 46.27 22.34 21.00
N LEU F 126 46.24 21.38 21.93
CA LEU F 126 47.27 21.23 22.95
C LEU F 126 48.61 20.67 22.45
N ARG F 127 48.63 20.06 21.27
CA ARG F 127 49.87 19.53 20.68
C ARG F 127 50.62 18.62 21.67
N GLU F 128 51.86 18.95 22.02
CA GLU F 128 52.67 18.09 22.88
C GLU F 128 52.69 18.58 24.34
N ASN F 129 51.80 19.51 24.68
CA ASN F 129 51.74 20.08 26.01
C ASN F 129 50.77 19.36 26.93
N ALA F 130 50.17 18.26 26.46
CA ALA F 130 49.26 17.47 27.28
C ALA F 130 49.16 16.05 26.78
N GLU F 131 48.67 15.16 27.65
CA GLU F 131 48.50 13.75 27.31
C GLU F 131 47.07 13.27 27.59
N ASP F 132 46.62 12.36 26.74
CA ASP F 132 45.29 11.76 26.86
C ASP F 132 45.28 10.74 28.01
N MET F 133 44.59 11.10 29.11
CA MET F 133 44.43 10.18 30.26
C MET F 133 43.57 8.93 29.94
N GLY F 134 42.75 9.00 28.90
CA GLY F 134 41.93 7.87 28.47
C GLY F 134 40.47 7.89 28.93
N ASN F 135 40.12 8.86 29.79
CA ASN F 135 38.82 8.95 30.42
C ASN F 135 38.10 10.25 30.05
N GLY F 136 38.49 10.85 28.93
CA GLY F 136 37.94 12.13 28.50
C GLY F 136 38.64 13.35 29.07
N CYS F 137 39.77 13.14 29.75
CA CYS F 137 40.54 14.24 30.33
C CYS F 137 41.94 14.32 29.76
N PHE F 138 42.43 15.54 29.66
CA PHE F 138 43.82 15.80 29.34
C PHE F 138 44.52 16.23 30.60
N LYS F 139 45.66 15.61 30.90
CA LYS F 139 46.60 16.16 31.88
C LYS F 139 47.51 17.15 31.16
N ILE F 140 47.39 18.43 31.55
CA ILE F 140 48.22 19.49 30.99
C ILE F 140 49.49 19.61 31.85
N TYR F 141 50.63 19.69 31.18
CA TYR F 141 51.93 19.59 31.82
C TYR F 141 52.62 20.95 32.04
N HIS F 142 51.85 21.96 32.39
CA HIS F 142 52.39 23.27 32.72
C HIS F 142 51.41 24.06 33.57
N LYS F 143 51.87 25.17 34.14
CA LYS F 143 51.02 26.02 34.94
C LYS F 143 50.04 26.75 34.03
N CYS F 144 48.76 26.40 34.19
CA CYS F 144 47.71 26.90 33.34
C CYS F 144 46.70 27.58 34.24
N ASP F 145 46.94 28.87 34.46
CA ASP F 145 46.00 29.77 35.15
C ASP F 145 44.67 29.91 34.40
N ASN F 146 43.69 30.53 35.05
CA ASN F 146 42.34 30.67 34.47
C ASN F 146 42.33 31.35 33.09
N ALA F 147 43.26 32.28 32.85
CA ALA F 147 43.43 32.90 31.52
C ALA F 147 43.81 31.85 30.48
N CYS F 148 44.75 30.98 30.83
CA CYS F 148 45.19 29.88 29.96
C CYS F 148 44.07 28.86 29.69
N ILE F 149 43.24 28.57 30.69
CA ILE F 149 42.13 27.63 30.49
C ILE F 149 41.15 28.21 29.48
N GLU F 150 40.74 29.45 29.67
CA GLU F 150 39.79 30.12 28.77
C GLU F 150 40.39 30.30 27.36
N SER F 151 41.72 30.34 27.25
CA SER F 151 42.40 30.34 25.95
C SER F 151 42.20 29.03 25.20
N ILE F 152 42.20 27.94 25.96
CA ILE F 152 41.94 26.61 25.41
C ILE F 152 40.47 26.53 24.96
N ARG F 153 39.57 27.01 25.80
CA ARG F 153 38.14 26.89 25.54
C ARG F 153 37.63 27.77 24.38
N ASN F 154 38.19 28.96 24.21
CA ASN F 154 37.78 29.86 23.10
C ASN F 154 38.76 29.89 21.91
N GLY F 155 39.61 28.86 21.80
CA GLY F 155 40.44 28.64 20.61
C GLY F 155 41.60 29.60 20.37
N THR F 156 42.20 30.14 21.43
CA THR F 156 43.36 31.07 21.29
C THR F 156 44.64 30.57 21.98
N TYR F 157 44.66 29.31 22.39
CA TYR F 157 45.81 28.72 23.09
C TYR F 157 47.00 28.53 22.13
N ASP F 158 48.03 29.35 22.32
CA ASP F 158 49.26 29.23 21.55
C ASP F 158 50.13 28.21 22.26
N HIS F 159 50.30 27.04 21.65
CA HIS F 159 51.05 25.95 22.26
C HIS F 159 52.56 26.22 22.34
N ASP F 160 53.09 27.03 21.43
CA ASP F 160 54.54 27.36 21.44
C ASP F 160 55.00 28.06 22.72
N VAL F 161 54.11 28.88 23.30
CA VAL F 161 54.40 29.63 24.52
C VAL F 161 54.81 28.69 25.65
N TYR F 162 54.01 27.63 25.86
CA TYR F 162 54.20 26.71 26.99
C TYR F 162 54.99 25.43 26.64
N ARG F 163 55.47 25.30 25.41
CA ARG F 163 56.00 24.01 24.92
C ARG F 163 57.24 23.52 25.68
N ASP F 164 58.26 24.38 25.78
CA ASP F 164 59.49 24.00 26.48
C ASP F 164 59.25 23.68 27.95
N GLU F 165 58.46 24.50 28.64
CA GLU F 165 58.00 24.21 30.00
C GLU F 165 57.35 22.82 30.12
N ALA F 166 56.49 22.51 29.15
CA ALA F 166 55.69 21.28 29.17
C ALA F 166 56.47 20.04 28.80
N LEU F 167 57.24 20.14 27.72
CA LEU F 167 58.11 19.04 27.27
C LEU F 167 59.07 18.55 28.35
N ASN F 168 59.54 19.45 29.21
CA ASN F 168 60.43 19.08 30.31
C ASN F 168 59.73 18.27 31.41
N ASN F 169 58.53 18.70 31.80
CA ASN F 169 57.69 17.97 32.77
C ASN F 169 57.24 16.58 32.30
N ARG F 170 57.17 16.36 30.99
CA ARG F 170 56.80 15.06 30.41
C ARG F 170 57.97 14.08 30.31
N PHE F 171 59.11 14.59 29.84
CA PHE F 171 60.35 13.82 29.58
C PHE F 171 61.52 14.34 30.44
#